data_3BQX
# 
_entry.id   3BQX 
# 
_audit_conform.dict_name       mmcif_pdbx.dic 
_audit_conform.dict_version    5.398 
_audit_conform.dict_location   http://mmcif.pdb.org/dictionaries/ascii/mmcif_pdbx.dic 
# 
loop_
_database_2.database_id 
_database_2.database_code 
_database_2.pdbx_database_accession 
_database_2.pdbx_DOI 
PDB   3BQX         pdb_00003bqx 10.2210/pdb3bqx/pdb 
RCSB  RCSB045856   ?            ?                   
WWPDB D_1000045856 ?            ?                   
# 
loop_
_pdbx_audit_revision_history.ordinal 
_pdbx_audit_revision_history.data_content_type 
_pdbx_audit_revision_history.major_revision 
_pdbx_audit_revision_history.minor_revision 
_pdbx_audit_revision_history.revision_date 
1 'Structure model' 1 0 2008-01-08 
2 'Structure model' 1 1 2011-07-13 
3 'Structure model' 1 2 2017-10-25 
4 'Structure model' 1 3 2021-02-03 
5 'Structure model' 1 4 2024-10-30 
# 
_pdbx_audit_revision_details.ordinal             1 
_pdbx_audit_revision_details.revision_ordinal    1 
_pdbx_audit_revision_details.data_content_type   'Structure model' 
_pdbx_audit_revision_details.provider            repository 
_pdbx_audit_revision_details.type                'Initial release' 
_pdbx_audit_revision_details.description         ? 
_pdbx_audit_revision_details.details             ? 
# 
loop_
_pdbx_audit_revision_group.ordinal 
_pdbx_audit_revision_group.revision_ordinal 
_pdbx_audit_revision_group.data_content_type 
_pdbx_audit_revision_group.group 
1 2 'Structure model' 'Source and taxonomy'       
2 2 'Structure model' 'Version format compliance' 
3 3 'Structure model' 'Refinement description'    
4 4 'Structure model' 'Database references'       
5 4 'Structure model' 'Derived calculations'      
6 4 'Structure model' 'Structure summary'         
7 5 'Structure model' 'Data collection'           
8 5 'Structure model' 'Database references'       
9 5 'Structure model' 'Structure summary'         
# 
loop_
_pdbx_audit_revision_category.ordinal 
_pdbx_audit_revision_category.revision_ordinal 
_pdbx_audit_revision_category.data_content_type 
_pdbx_audit_revision_category.category 
1  3 'Structure model' software                  
2  4 'Structure model' audit_author              
3  4 'Structure model' citation_author           
4  4 'Structure model' struct_conn               
5  4 'Structure model' struct_ref_seq_dif        
6  5 'Structure model' chem_comp_atom            
7  5 'Structure model' chem_comp_bond            
8  5 'Structure model' database_2                
9  5 'Structure model' pdbx_entry_details        
10 5 'Structure model' pdbx_modification_feature 
# 
loop_
_pdbx_audit_revision_item.ordinal 
_pdbx_audit_revision_item.revision_ordinal 
_pdbx_audit_revision_item.data_content_type 
_pdbx_audit_revision_item.item 
1 3 'Structure model' '_software.name'                      
2 4 'Structure model' '_audit_author.identifier_ORCID'      
3 4 'Structure model' '_citation_author.identifier_ORCID'   
4 4 'Structure model' '_struct_conn.pdbx_leaving_atom_flag' 
5 4 'Structure model' '_struct_ref_seq_dif.details'         
6 5 'Structure model' '_database_2.pdbx_DOI'                
7 5 'Structure model' '_database_2.pdbx_database_accession' 
# 
_pdbx_database_status.status_code                     REL 
_pdbx_database_status.entry_id                        3BQX 
_pdbx_database_status.recvd_initial_deposition_date   2007-12-20 
_pdbx_database_status.deposit_site                    RCSB 
_pdbx_database_status.process_site                    RCSB 
_pdbx_database_status.status_code_sf                  REL 
_pdbx_database_status.status_code_mr                  ? 
_pdbx_database_status.SG_entry                        Y 
_pdbx_database_status.pdb_format_compatible           Y 
_pdbx_database_status.status_code_cs                  ? 
_pdbx_database_status.methods_development_category    ? 
_pdbx_database_status.status_code_nmr_data            ? 
# 
loop_
_pdbx_database_related.db_name 
_pdbx_database_related.db_id 
_pdbx_database_related.details 
_pdbx_database_related.content_type 
TargetDB NYSGXRC-11003j . unspecified 
PDB      2QHO           'Crystal structure of the UBA domain from EDD ubiquitin ligase in complex with ubiquitin' unspecified 
PDB      2RBB           
'Crystal structure of a glyoxalase/bleomycin resistance protein/dioxygenase family enzyme from Burkholderia phytofirmans PsJN' 
unspecified 
# 
loop_
_audit_author.name 
_audit_author.pdbx_ordinal 
_audit_author.identifier_ORCID 
'Rao, K.N.'                                                      1 ?                   
'Burley, S.K.'                                                   2 0000-0002-2487-9713 
'Swaminathan, S.'                                                3 ?                   
'New York SGX Research Center for Structural Genomics (NYSGXRC)' 4 ?                   
# 
_citation.id                        primary 
_citation.title                     'High resolution crystal structure of a glyoxalase-related enzyme from Fulvimarina pelagi.' 
_citation.journal_abbrev            'To be Published' 
_citation.journal_volume            ? 
_citation.page_first                ? 
_citation.page_last                 ? 
_citation.year                      ? 
_citation.journal_id_ASTM           ? 
_citation.country                   ? 
_citation.journal_id_ISSN           ? 
_citation.journal_id_CSD            0353 
_citation.book_publisher            ? 
_citation.pdbx_database_id_PubMed   ? 
_citation.pdbx_database_id_DOI      ? 
# 
loop_
_citation_author.citation_id 
_citation_author.name 
_citation_author.ordinal 
_citation_author.identifier_ORCID 
primary 'Rao, K.N.'       1 ?                   
primary 'Burley, S.K.'    2 0000-0002-2487-9713 
primary 'Swaminathan, S.' 3 ?                   
# 
loop_
_entity.id 
_entity.type 
_entity.src_method 
_entity.pdbx_description 
_entity.formula_weight 
_entity.pdbx_number_of_molecules 
_entity.pdbx_ec 
_entity.pdbx_mutation 
_entity.pdbx_fragment 
_entity.details 
1 polymer man 'Glyoxalase-related enzyme' 16429.898 1   ? ? ? ? 
2 water   nat water                       18.015    158 ? ? ? ? 
# 
_entity_poly.entity_id                      1 
_entity_poly.type                           'polypeptide(L)' 
_entity_poly.nstd_linkage                   no 
_entity_poly.nstd_monomer                   yes 
_entity_poly.pdbx_seq_one_letter_code       
;(MSE)SLQQVAVITLGIGDLEASARFYGEGFGWAPVFRNPEIIFYQ(MSE)NGFVLATWLVQNLQEDVGVAVTSRPGS
(MSE)ALAHNVRAETEVAPL(MSE)ERLVAAGGQLLRPADAPPHGGLRGYVADPDGHIWEIAFNPVWPIGADGSVTFAAK
EGHHHHHH
;
_entity_poly.pdbx_seq_one_letter_code_can   
;MSLQQVAVITLGIGDLEASARFYGEGFGWAPVFRNPEIIFYQMNGFVLATWLVQNLQEDVGVAVTSRPGSMALAHNVRAE
TEVAPLMERLVAAGGQLLRPADAPPHGGLRGYVADPDGHIWEIAFNPVWPIGADGSVTFAAKEGHHHHHH
;
_entity_poly.pdbx_strand_id                 A 
_entity_poly.pdbx_target_identifier         NYSGXRC-11003j 
# 
_pdbx_entity_nonpoly.entity_id   2 
_pdbx_entity_nonpoly.name        water 
_pdbx_entity_nonpoly.comp_id     HOH 
# 
loop_
_entity_poly_seq.entity_id 
_entity_poly_seq.num 
_entity_poly_seq.mon_id 
_entity_poly_seq.hetero 
1 1   MSE n 
1 2   SER n 
1 3   LEU n 
1 4   GLN n 
1 5   GLN n 
1 6   VAL n 
1 7   ALA n 
1 8   VAL n 
1 9   ILE n 
1 10  THR n 
1 11  LEU n 
1 12  GLY n 
1 13  ILE n 
1 14  GLY n 
1 15  ASP n 
1 16  LEU n 
1 17  GLU n 
1 18  ALA n 
1 19  SER n 
1 20  ALA n 
1 21  ARG n 
1 22  PHE n 
1 23  TYR n 
1 24  GLY n 
1 25  GLU n 
1 26  GLY n 
1 27  PHE n 
1 28  GLY n 
1 29  TRP n 
1 30  ALA n 
1 31  PRO n 
1 32  VAL n 
1 33  PHE n 
1 34  ARG n 
1 35  ASN n 
1 36  PRO n 
1 37  GLU n 
1 38  ILE n 
1 39  ILE n 
1 40  PHE n 
1 41  TYR n 
1 42  GLN n 
1 43  MSE n 
1 44  ASN n 
1 45  GLY n 
1 46  PHE n 
1 47  VAL n 
1 48  LEU n 
1 49  ALA n 
1 50  THR n 
1 51  TRP n 
1 52  LEU n 
1 53  VAL n 
1 54  GLN n 
1 55  ASN n 
1 56  LEU n 
1 57  GLN n 
1 58  GLU n 
1 59  ASP n 
1 60  VAL n 
1 61  GLY n 
1 62  VAL n 
1 63  ALA n 
1 64  VAL n 
1 65  THR n 
1 66  SER n 
1 67  ARG n 
1 68  PRO n 
1 69  GLY n 
1 70  SER n 
1 71  MSE n 
1 72  ALA n 
1 73  LEU n 
1 74  ALA n 
1 75  HIS n 
1 76  ASN n 
1 77  VAL n 
1 78  ARG n 
1 79  ALA n 
1 80  GLU n 
1 81  THR n 
1 82  GLU n 
1 83  VAL n 
1 84  ALA n 
1 85  PRO n 
1 86  LEU n 
1 87  MSE n 
1 88  GLU n 
1 89  ARG n 
1 90  LEU n 
1 91  VAL n 
1 92  ALA n 
1 93  ALA n 
1 94  GLY n 
1 95  GLY n 
1 96  GLN n 
1 97  LEU n 
1 98  LEU n 
1 99  ARG n 
1 100 PRO n 
1 101 ALA n 
1 102 ASP n 
1 103 ALA n 
1 104 PRO n 
1 105 PRO n 
1 106 HIS n 
1 107 GLY n 
1 108 GLY n 
1 109 LEU n 
1 110 ARG n 
1 111 GLY n 
1 112 TYR n 
1 113 VAL n 
1 114 ALA n 
1 115 ASP n 
1 116 PRO n 
1 117 ASP n 
1 118 GLY n 
1 119 HIS n 
1 120 ILE n 
1 121 TRP n 
1 122 GLU n 
1 123 ILE n 
1 124 ALA n 
1 125 PHE n 
1 126 ASN n 
1 127 PRO n 
1 128 VAL n 
1 129 TRP n 
1 130 PRO n 
1 131 ILE n 
1 132 GLY n 
1 133 ALA n 
1 134 ASP n 
1 135 GLY n 
1 136 SER n 
1 137 VAL n 
1 138 THR n 
1 139 PHE n 
1 140 ALA n 
1 141 ALA n 
1 142 LYS n 
1 143 GLU n 
1 144 GLY n 
1 145 HIS n 
1 146 HIS n 
1 147 HIS n 
1 148 HIS n 
1 149 HIS n 
1 150 HIS n 
# 
_entity_src_gen.entity_id                          1 
_entity_src_gen.pdbx_src_id                        1 
_entity_src_gen.pdbx_alt_source_flag               sample 
_entity_src_gen.pdbx_seq_type                      ? 
_entity_src_gen.pdbx_beg_seq_num                   ? 
_entity_src_gen.pdbx_end_seq_num                   ? 
_entity_src_gen.gene_src_common_name               ? 
_entity_src_gen.gene_src_genus                     Fulvimarina 
_entity_src_gen.pdbx_gene_src_gene                 FP2506_05986 
_entity_src_gen.gene_src_species                   'Fulvimarina pelagi' 
_entity_src_gen.gene_src_strain                    HTCC2506 
_entity_src_gen.gene_src_tissue                    ? 
_entity_src_gen.gene_src_tissue_fraction           ? 
_entity_src_gen.gene_src_details                   ? 
_entity_src_gen.pdbx_gene_src_fragment             ? 
_entity_src_gen.pdbx_gene_src_scientific_name      'Fulvimarina pelagi' 
_entity_src_gen.pdbx_gene_src_ncbi_taxonomy_id     314231 
_entity_src_gen.pdbx_gene_src_variant              ? 
_entity_src_gen.pdbx_gene_src_cell_line            ? 
_entity_src_gen.pdbx_gene_src_atcc                 ? 
_entity_src_gen.pdbx_gene_src_organ                ? 
_entity_src_gen.pdbx_gene_src_organelle            ? 
_entity_src_gen.pdbx_gene_src_cell                 ? 
_entity_src_gen.pdbx_gene_src_cellular_location    ? 
_entity_src_gen.host_org_common_name               ? 
_entity_src_gen.pdbx_host_org_scientific_name      'Escherichia coli BL21(DE3)' 
_entity_src_gen.pdbx_host_org_ncbi_taxonomy_id     469008 
_entity_src_gen.host_org_genus                     Escherichia 
_entity_src_gen.pdbx_host_org_gene                 ? 
_entity_src_gen.pdbx_host_org_organ                ? 
_entity_src_gen.host_org_species                   'Escherichia coli' 
_entity_src_gen.pdbx_host_org_tissue               ? 
_entity_src_gen.pdbx_host_org_tissue_fraction      ? 
_entity_src_gen.pdbx_host_org_strain               'BL21(DE3)' 
_entity_src_gen.pdbx_host_org_variant              ? 
_entity_src_gen.pdbx_host_org_cell_line            ? 
_entity_src_gen.pdbx_host_org_atcc                 ? 
_entity_src_gen.pdbx_host_org_culture_collection   ? 
_entity_src_gen.pdbx_host_org_cell                 ? 
_entity_src_gen.pdbx_host_org_organelle            ? 
_entity_src_gen.pdbx_host_org_cellular_location    ? 
_entity_src_gen.pdbx_host_org_vector_type          Plasmid 
_entity_src_gen.pdbx_host_org_vector               ? 
_entity_src_gen.host_org_details                   ? 
_entity_src_gen.expression_system_id               ? 
_entity_src_gen.plasmid_name                       ? 
_entity_src_gen.plasmid_details                    ? 
_entity_src_gen.pdbx_description                   ? 
# 
loop_
_chem_comp.id 
_chem_comp.type 
_chem_comp.mon_nstd_flag 
_chem_comp.name 
_chem_comp.pdbx_synonyms 
_chem_comp.formula 
_chem_comp.formula_weight 
ALA 'L-peptide linking' y ALANINE          ? 'C3 H7 N O2'     89.093  
ARG 'L-peptide linking' y ARGININE         ? 'C6 H15 N4 O2 1' 175.209 
ASN 'L-peptide linking' y ASPARAGINE       ? 'C4 H8 N2 O3'    132.118 
ASP 'L-peptide linking' y 'ASPARTIC ACID'  ? 'C4 H7 N O4'     133.103 
GLN 'L-peptide linking' y GLUTAMINE        ? 'C5 H10 N2 O3'   146.144 
GLU 'L-peptide linking' y 'GLUTAMIC ACID'  ? 'C5 H9 N O4'     147.129 
GLY 'peptide linking'   y GLYCINE          ? 'C2 H5 N O2'     75.067  
HIS 'L-peptide linking' y HISTIDINE        ? 'C6 H10 N3 O2 1' 156.162 
HOH non-polymer         . WATER            ? 'H2 O'           18.015  
ILE 'L-peptide linking' y ISOLEUCINE       ? 'C6 H13 N O2'    131.173 
LEU 'L-peptide linking' y LEUCINE          ? 'C6 H13 N O2'    131.173 
LYS 'L-peptide linking' y LYSINE           ? 'C6 H15 N2 O2 1' 147.195 
MSE 'L-peptide linking' n SELENOMETHIONINE ? 'C5 H11 N O2 Se' 196.106 
PHE 'L-peptide linking' y PHENYLALANINE    ? 'C9 H11 N O2'    165.189 
PRO 'L-peptide linking' y PROLINE          ? 'C5 H9 N O2'     115.130 
SER 'L-peptide linking' y SERINE           ? 'C3 H7 N O3'     105.093 
THR 'L-peptide linking' y THREONINE        ? 'C4 H9 N O3'     119.119 
TRP 'L-peptide linking' y TRYPTOPHAN       ? 'C11 H12 N2 O2'  204.225 
TYR 'L-peptide linking' y TYROSINE         ? 'C9 H11 N O3'    181.189 
VAL 'L-peptide linking' y VALINE           ? 'C5 H11 N O2'    117.146 
# 
loop_
_pdbx_poly_seq_scheme.asym_id 
_pdbx_poly_seq_scheme.entity_id 
_pdbx_poly_seq_scheme.seq_id 
_pdbx_poly_seq_scheme.mon_id 
_pdbx_poly_seq_scheme.ndb_seq_num 
_pdbx_poly_seq_scheme.pdb_seq_num 
_pdbx_poly_seq_scheme.auth_seq_num 
_pdbx_poly_seq_scheme.pdb_mon_id 
_pdbx_poly_seq_scheme.auth_mon_id 
_pdbx_poly_seq_scheme.pdb_strand_id 
_pdbx_poly_seq_scheme.pdb_ins_code 
_pdbx_poly_seq_scheme.hetero 
A 1 1   MSE 1   1   ?   ?   ?   A . n 
A 1 2   SER 2   2   ?   ?   ?   A . n 
A 1 3   LEU 3   3   3   LEU LEU A . n 
A 1 4   GLN 4   4   4   GLN GLN A . n 
A 1 5   GLN 5   5   5   GLN GLN A . n 
A 1 6   VAL 6   6   6   VAL VAL A . n 
A 1 7   ALA 7   7   7   ALA ALA A . n 
A 1 8   VAL 8   8   8   VAL VAL A . n 
A 1 9   ILE 9   9   9   ILE ILE A . n 
A 1 10  THR 10  10  10  THR THR A . n 
A 1 11  LEU 11  11  11  LEU LEU A . n 
A 1 12  GLY 12  12  12  GLY GLY A . n 
A 1 13  ILE 13  13  13  ILE ILE A . n 
A 1 14  GLY 14  14  14  GLY GLY A . n 
A 1 15  ASP 15  15  15  ASP ASP A . n 
A 1 16  LEU 16  16  16  LEU LEU A . n 
A 1 17  GLU 17  17  17  GLU GLU A . n 
A 1 18  ALA 18  18  18  ALA ALA A . n 
A 1 19  SER 19  19  19  SER SER A . n 
A 1 20  ALA 20  20  20  ALA ALA A . n 
A 1 21  ARG 21  21  21  ARG ARG A . n 
A 1 22  PHE 22  22  22  PHE PHE A . n 
A 1 23  TYR 23  23  23  TYR TYR A . n 
A 1 24  GLY 24  24  24  GLY GLY A . n 
A 1 25  GLU 25  25  25  GLU GLU A . n 
A 1 26  GLY 26  26  26  GLY GLY A . n 
A 1 27  PHE 27  27  27  PHE PHE A . n 
A 1 28  GLY 28  28  28  GLY GLY A . n 
A 1 29  TRP 29  29  29  TRP TRP A . n 
A 1 30  ALA 30  30  30  ALA ALA A . n 
A 1 31  PRO 31  31  31  PRO PRO A . n 
A 1 32  VAL 32  32  32  VAL VAL A . n 
A 1 33  PHE 33  33  33  PHE PHE A . n 
A 1 34  ARG 34  34  34  ARG ARG A . n 
A 1 35  ASN 35  35  35  ASN ASN A . n 
A 1 36  PRO 36  36  36  PRO PRO A . n 
A 1 37  GLU 37  37  37  GLU GLU A . n 
A 1 38  ILE 38  38  38  ILE ILE A . n 
A 1 39  ILE 39  39  39  ILE ILE A . n 
A 1 40  PHE 40  40  40  PHE PHE A . n 
A 1 41  TYR 41  41  41  TYR TYR A . n 
A 1 42  GLN 42  42  42  GLN GLN A . n 
A 1 43  MSE 43  43  43  MSE MSE A . n 
A 1 44  ASN 44  44  44  ASN ASN A . n 
A 1 45  GLY 45  45  45  GLY GLY A . n 
A 1 46  PHE 46  46  46  PHE PHE A . n 
A 1 47  VAL 47  47  47  VAL VAL A . n 
A 1 48  LEU 48  48  48  LEU LEU A . n 
A 1 49  ALA 49  49  49  ALA ALA A . n 
A 1 50  THR 50  50  50  THR THR A . n 
A 1 51  TRP 51  51  51  TRP TRP A . n 
A 1 52  LEU 52  52  52  LEU LEU A . n 
A 1 53  VAL 53  53  53  VAL VAL A . n 
A 1 54  GLN 54  54  54  GLN GLN A . n 
A 1 55  ASN 55  55  55  ASN ASN A . n 
A 1 56  LEU 56  56  56  LEU LEU A . n 
A 1 57  GLN 57  57  57  GLN GLN A . n 
A 1 58  GLU 58  58  58  GLU GLU A . n 
A 1 59  ASP 59  59  59  ASP ASP A . n 
A 1 60  VAL 60  60  60  VAL VAL A . n 
A 1 61  GLY 61  61  61  GLY GLY A . n 
A 1 62  VAL 62  62  62  VAL VAL A . n 
A 1 63  ALA 63  63  63  ALA ALA A . n 
A 1 64  VAL 64  64  64  VAL VAL A . n 
A 1 65  THR 65  65  65  THR THR A . n 
A 1 66  SER 66  66  66  SER SER A . n 
A 1 67  ARG 67  67  67  ARG ARG A . n 
A 1 68  PRO 68  68  68  PRO PRO A . n 
A 1 69  GLY 69  69  69  GLY GLY A . n 
A 1 70  SER 70  70  70  SER SER A . n 
A 1 71  MSE 71  71  71  MSE MSE A . n 
A 1 72  ALA 72  72  72  ALA ALA A . n 
A 1 73  LEU 73  73  73  LEU LEU A . n 
A 1 74  ALA 74  74  74  ALA ALA A . n 
A 1 75  HIS 75  75  75  HIS HIS A . n 
A 1 76  ASN 76  76  76  ASN ASN A . n 
A 1 77  VAL 77  77  77  VAL VAL A . n 
A 1 78  ARG 78  78  78  ARG ARG A . n 
A 1 79  ALA 79  79  79  ALA ALA A . n 
A 1 80  GLU 80  80  80  GLU GLU A . n 
A 1 81  THR 81  81  81  THR THR A . n 
A 1 82  GLU 82  82  82  GLU GLU A . n 
A 1 83  VAL 83  83  83  VAL VAL A . n 
A 1 84  ALA 84  84  84  ALA ALA A . n 
A 1 85  PRO 85  85  85  PRO PRO A . n 
A 1 86  LEU 86  86  86  LEU LEU A . n 
A 1 87  MSE 87  87  87  MSE MSE A . n 
A 1 88  GLU 88  88  88  GLU GLU A . n 
A 1 89  ARG 89  89  89  ARG ARG A . n 
A 1 90  LEU 90  90  90  LEU LEU A . n 
A 1 91  VAL 91  91  91  VAL VAL A . n 
A 1 92  ALA 92  92  92  ALA ALA A . n 
A 1 93  ALA 93  93  93  ALA ALA A . n 
A 1 94  GLY 94  94  94  GLY GLY A . n 
A 1 95  GLY 95  95  95  GLY GLY A . n 
A 1 96  GLN 96  96  96  GLN GLN A . n 
A 1 97  LEU 97  97  97  LEU LEU A . n 
A 1 98  LEU 98  98  98  LEU LEU A . n 
A 1 99  ARG 99  99  99  ARG ARG A . n 
A 1 100 PRO 100 100 100 PRO PRO A . n 
A 1 101 ALA 101 101 101 ALA ALA A . n 
A 1 102 ASP 102 102 102 ASP ASP A . n 
A 1 103 ALA 103 103 103 ALA ALA A . n 
A 1 104 PRO 104 104 104 PRO PRO A . n 
A 1 105 PRO 105 105 105 PRO PRO A . n 
A 1 106 HIS 106 106 106 HIS HIS A . n 
A 1 107 GLY 107 107 107 GLY GLY A . n 
A 1 108 GLY 108 108 108 GLY GLY A . n 
A 1 109 LEU 109 109 109 LEU LEU A . n 
A 1 110 ARG 110 110 110 ARG ARG A . n 
A 1 111 GLY 111 111 111 GLY GLY A . n 
A 1 112 TYR 112 112 112 TYR TYR A . n 
A 1 113 VAL 113 113 113 VAL VAL A . n 
A 1 114 ALA 114 114 114 ALA ALA A . n 
A 1 115 ASP 115 115 115 ASP ASP A . n 
A 1 116 PRO 116 116 116 PRO PRO A . n 
A 1 117 ASP 117 117 117 ASP ASP A . n 
A 1 118 GLY 118 118 118 GLY GLY A . n 
A 1 119 HIS 119 119 119 HIS HIS A . n 
A 1 120 ILE 120 120 120 ILE ILE A . n 
A 1 121 TRP 121 121 121 TRP TRP A . n 
A 1 122 GLU 122 122 122 GLU GLU A . n 
A 1 123 ILE 123 123 123 ILE ILE A . n 
A 1 124 ALA 124 124 124 ALA ALA A . n 
A 1 125 PHE 125 125 125 PHE PHE A . n 
A 1 126 ASN 126 126 126 ASN ASN A . n 
A 1 127 PRO 127 127 127 PRO PRO A . n 
A 1 128 VAL 128 128 128 VAL VAL A . n 
A 1 129 TRP 129 129 129 TRP TRP A . n 
A 1 130 PRO 130 130 130 PRO PRO A . n 
A 1 131 ILE 131 131 131 ILE ILE A . n 
A 1 132 GLY 132 132 132 GLY GLY A . n 
A 1 133 ALA 133 133 133 ALA ALA A . n 
A 1 134 ASP 134 134 134 ASP ASP A . n 
A 1 135 GLY 135 135 135 GLY GLY A . n 
A 1 136 SER 136 136 136 SER SER A . n 
A 1 137 VAL 137 137 137 VAL VAL A . n 
A 1 138 THR 138 138 138 THR THR A . n 
A 1 139 PHE 139 139 139 PHE PHE A . n 
A 1 140 ALA 140 140 140 ALA ALA A . n 
A 1 141 ALA 141 141 141 ALA ALA A . n 
A 1 142 LYS 142 142 ?   ?   ?   A . n 
A 1 143 GLU 143 143 ?   ?   ?   A . n 
A 1 144 GLY 144 144 ?   ?   ?   A . n 
A 1 145 HIS 145 145 ?   ?   ?   A . n 
A 1 146 HIS 146 146 ?   ?   ?   A . n 
A 1 147 HIS 147 147 ?   ?   ?   A . n 
A 1 148 HIS 148 148 ?   ?   ?   A . n 
A 1 149 HIS 149 149 ?   ?   ?   A . n 
A 1 150 HIS 150 150 ?   ?   ?   A . n 
# 
loop_
_pdbx_nonpoly_scheme.asym_id 
_pdbx_nonpoly_scheme.entity_id 
_pdbx_nonpoly_scheme.mon_id 
_pdbx_nonpoly_scheme.ndb_seq_num 
_pdbx_nonpoly_scheme.pdb_seq_num 
_pdbx_nonpoly_scheme.auth_seq_num 
_pdbx_nonpoly_scheme.pdb_mon_id 
_pdbx_nonpoly_scheme.auth_mon_id 
_pdbx_nonpoly_scheme.pdb_strand_id 
_pdbx_nonpoly_scheme.pdb_ins_code 
B 2 HOH 1   201 1   HOH TIP A . 
B 2 HOH 2   202 2   HOH TIP A . 
B 2 HOH 3   203 3   HOH TIP A . 
B 2 HOH 4   204 4   HOH TIP A . 
B 2 HOH 5   205 5   HOH TIP A . 
B 2 HOH 6   206 6   HOH TIP A . 
B 2 HOH 7   207 7   HOH TIP A . 
B 2 HOH 8   208 8   HOH TIP A . 
B 2 HOH 9   209 9   HOH TIP A . 
B 2 HOH 10  210 10  HOH TIP A . 
B 2 HOH 11  211 11  HOH TIP A . 
B 2 HOH 12  212 12  HOH TIP A . 
B 2 HOH 13  213 13  HOH TIP A . 
B 2 HOH 14  214 14  HOH TIP A . 
B 2 HOH 15  215 15  HOH TIP A . 
B 2 HOH 16  216 16  HOH TIP A . 
B 2 HOH 17  217 17  HOH TIP A . 
B 2 HOH 18  218 18  HOH TIP A . 
B 2 HOH 19  219 19  HOH TIP A . 
B 2 HOH 20  220 20  HOH TIP A . 
B 2 HOH 21  221 21  HOH TIP A . 
B 2 HOH 22  222 22  HOH TIP A . 
B 2 HOH 23  223 23  HOH TIP A . 
B 2 HOH 24  224 24  HOH TIP A . 
B 2 HOH 25  225 25  HOH TIP A . 
B 2 HOH 26  226 26  HOH TIP A . 
B 2 HOH 27  227 27  HOH TIP A . 
B 2 HOH 28  228 28  HOH TIP A . 
B 2 HOH 29  229 29  HOH TIP A . 
B 2 HOH 30  230 30  HOH TIP A . 
B 2 HOH 31  231 31  HOH TIP A . 
B 2 HOH 32  232 32  HOH TIP A . 
B 2 HOH 33  233 33  HOH TIP A . 
B 2 HOH 34  234 34  HOH TIP A . 
B 2 HOH 35  235 35  HOH TIP A . 
B 2 HOH 36  236 36  HOH TIP A . 
B 2 HOH 37  237 37  HOH TIP A . 
B 2 HOH 38  238 38  HOH TIP A . 
B 2 HOH 39  239 39  HOH TIP A . 
B 2 HOH 40  240 40  HOH TIP A . 
B 2 HOH 41  241 41  HOH TIP A . 
B 2 HOH 42  242 42  HOH TIP A . 
B 2 HOH 43  243 43  HOH TIP A . 
B 2 HOH 44  244 44  HOH TIP A . 
B 2 HOH 45  245 45  HOH TIP A . 
B 2 HOH 46  246 46  HOH TIP A . 
B 2 HOH 47  247 47  HOH TIP A . 
B 2 HOH 48  248 48  HOH TIP A . 
B 2 HOH 49  249 49  HOH TIP A . 
B 2 HOH 50  250 50  HOH TIP A . 
B 2 HOH 51  251 51  HOH TIP A . 
B 2 HOH 52  252 52  HOH TIP A . 
B 2 HOH 53  253 53  HOH TIP A . 
B 2 HOH 54  254 54  HOH TIP A . 
B 2 HOH 55  255 55  HOH TIP A . 
B 2 HOH 56  256 56  HOH TIP A . 
B 2 HOH 57  257 57  HOH TIP A . 
B 2 HOH 58  258 58  HOH TIP A . 
B 2 HOH 59  259 59  HOH TIP A . 
B 2 HOH 60  260 60  HOH TIP A . 
B 2 HOH 61  261 61  HOH TIP A . 
B 2 HOH 62  262 62  HOH TIP A . 
B 2 HOH 63  263 63  HOH TIP A . 
B 2 HOH 64  264 64  HOH TIP A . 
B 2 HOH 65  265 65  HOH TIP A . 
B 2 HOH 66  266 66  HOH TIP A . 
B 2 HOH 67  267 67  HOH TIP A . 
B 2 HOH 68  268 68  HOH TIP A . 
B 2 HOH 69  269 69  HOH TIP A . 
B 2 HOH 70  270 70  HOH TIP A . 
B 2 HOH 71  271 71  HOH TIP A . 
B 2 HOH 72  272 72  HOH TIP A . 
B 2 HOH 73  273 73  HOH TIP A . 
B 2 HOH 74  274 74  HOH TIP A . 
B 2 HOH 75  275 75  HOH TIP A . 
B 2 HOH 76  276 76  HOH TIP A . 
B 2 HOH 77  277 77  HOH TIP A . 
B 2 HOH 78  278 78  HOH TIP A . 
B 2 HOH 79  279 79  HOH TIP A . 
B 2 HOH 80  280 80  HOH TIP A . 
B 2 HOH 81  281 81  HOH TIP A . 
B 2 HOH 82  282 82  HOH TIP A . 
B 2 HOH 83  283 83  HOH TIP A . 
B 2 HOH 84  284 84  HOH TIP A . 
B 2 HOH 85  285 85  HOH TIP A . 
B 2 HOH 86  286 86  HOH TIP A . 
B 2 HOH 87  287 87  HOH TIP A . 
B 2 HOH 88  288 88  HOH TIP A . 
B 2 HOH 89  289 89  HOH TIP A . 
B 2 HOH 90  290 90  HOH TIP A . 
B 2 HOH 91  291 91  HOH TIP A . 
B 2 HOH 92  292 92  HOH TIP A . 
B 2 HOH 93  293 93  HOH TIP A . 
B 2 HOH 94  294 94  HOH TIP A . 
B 2 HOH 95  295 95  HOH TIP A . 
B 2 HOH 96  296 96  HOH TIP A . 
B 2 HOH 97  297 97  HOH TIP A . 
B 2 HOH 98  298 98  HOH TIP A . 
B 2 HOH 99  299 99  HOH TIP A . 
B 2 HOH 100 300 100 HOH TIP A . 
B 2 HOH 101 301 101 HOH TIP A . 
B 2 HOH 102 302 102 HOH TIP A . 
B 2 HOH 103 303 103 HOH TIP A . 
B 2 HOH 104 304 104 HOH TIP A . 
B 2 HOH 105 305 106 HOH TIP A . 
B 2 HOH 106 306 107 HOH TIP A . 
B 2 HOH 107 307 108 HOH TIP A . 
B 2 HOH 108 308 109 HOH TIP A . 
B 2 HOH 109 309 110 HOH TIP A . 
B 2 HOH 110 310 111 HOH TIP A . 
B 2 HOH 111 311 113 HOH TIP A . 
B 2 HOH 112 312 114 HOH TIP A . 
B 2 HOH 113 313 115 HOH TIP A . 
B 2 HOH 114 314 117 HOH TIP A . 
B 2 HOH 115 315 118 HOH TIP A . 
B 2 HOH 116 316 119 HOH TIP A . 
B 2 HOH 117 317 120 HOH TIP A . 
B 2 HOH 118 318 121 HOH TIP A . 
B 2 HOH 119 319 122 HOH TIP A . 
B 2 HOH 120 320 124 HOH TIP A . 
B 2 HOH 121 321 125 HOH TIP A . 
B 2 HOH 122 322 127 HOH TIP A . 
B 2 HOH 123 323 128 HOH TIP A . 
B 2 HOH 124 324 129 HOH TIP A . 
B 2 HOH 125 325 130 HOH TIP A . 
B 2 HOH 126 326 131 HOH TIP A . 
B 2 HOH 127 327 132 HOH TIP A . 
B 2 HOH 128 328 133 HOH TIP A . 
B 2 HOH 129 329 135 HOH TIP A . 
B 2 HOH 130 330 136 HOH TIP A . 
B 2 HOH 131 331 137 HOH TIP A . 
B 2 HOH 132 332 138 HOH TIP A . 
B 2 HOH 133 333 139 HOH TIP A . 
B 2 HOH 134 334 142 HOH TIP A . 
B 2 HOH 135 335 144 HOH TIP A . 
B 2 HOH 136 336 145 HOH TIP A . 
B 2 HOH 137 337 146 HOH TIP A . 
B 2 HOH 138 338 148 HOH TIP A . 
B 2 HOH 139 339 149 HOH TIP A . 
B 2 HOH 140 340 150 HOH TIP A . 
B 2 HOH 141 341 152 HOH TIP A . 
B 2 HOH 142 342 153 HOH TIP A . 
B 2 HOH 143 343 155 HOH TIP A . 
B 2 HOH 144 344 157 HOH TIP A . 
B 2 HOH 145 345 159 HOH TIP A . 
B 2 HOH 146 346 160 HOH TIP A . 
B 2 HOH 147 347 161 HOH TIP A . 
B 2 HOH 148 348 162 HOH TIP A . 
B 2 HOH 149 349 163 HOH TIP A . 
B 2 HOH 150 350 164 HOH TIP A . 
B 2 HOH 151 351 165 HOH TIP A . 
B 2 HOH 152 352 166 HOH TIP A . 
B 2 HOH 153 353 168 HOH TIP A . 
B 2 HOH 154 354 169 HOH TIP A . 
B 2 HOH 155 355 171 HOH TIP A . 
B 2 HOH 156 356 172 HOH TIP A . 
B 2 HOH 157 357 173 HOH TIP A . 
B 2 HOH 158 358 174 HOH TIP A . 
# 
loop_
_software.name 
_software.classification 
_software.version 
_software.citation_id 
_software.pdbx_ordinal 
CNS    refinement        1.1 ? 1 
MAR345 'data collection' CCD ? 2 
MOSFLM 'data reduction'  .   ? 3 
SCALA  'data scaling'    .   ? 4 
SHELX  phasing           .   ? 5 
SHARP  phasing           .   ? 6 
# 
_cell.entry_id           3BQX 
_cell.length_a           53.930 
_cell.length_b           69.750 
_cell.length_c           83.070 
_cell.angle_alpha        90.00 
_cell.angle_beta         90.00 
_cell.angle_gamma        90.00 
_cell.Z_PDB              8 
_cell.pdbx_unique_axis   ? 
_cell.length_a_esd       ? 
_cell.length_b_esd       ? 
_cell.length_c_esd       ? 
_cell.angle_alpha_esd    ? 
_cell.angle_beta_esd     ? 
_cell.angle_gamma_esd    ? 
# 
_symmetry.entry_id                         3BQX 
_symmetry.space_group_name_H-M             'C 2 2 21' 
_symmetry.pdbx_full_space_group_name_H-M   ? 
_symmetry.cell_setting                     ? 
_symmetry.Int_Tables_number                20 
_symmetry.space_group_name_Hall            ? 
# 
_exptl.entry_id          3BQX 
_exptl.method            'X-RAY DIFFRACTION' 
_exptl.crystals_number   1 
# 
_exptl_crystal.id                    1 
_exptl_crystal.density_meas          ? 
_exptl_crystal.density_Matthews      2.38 
_exptl_crystal.density_percent_sol   48.26 
_exptl_crystal.description           ? 
_exptl_crystal.F_000                 ? 
_exptl_crystal.preparation           ? 
# 
_exptl_crystal_grow.crystal_id      1 
_exptl_crystal_grow.method          'VAPOR DIFFUSION, SITTING DROP' 
_exptl_crystal_grow.temp            293 
_exptl_crystal_grow.temp_details    ? 
_exptl_crystal_grow.pH              8.5 
_exptl_crystal_grow.pdbx_details    '2.0M Ammonium sulfate, 10 mM Tris-HCl pH 8.5, VAPOR DIFFUSION, SITTING DROP, temperature 293K' 
_exptl_crystal_grow.pdbx_pH_range   . 
# 
_diffrn.id                     1 
_diffrn.ambient_temp           100 
_diffrn.ambient_temp_details   ? 
_diffrn.crystal_id             1 
# 
_diffrn_detector.diffrn_id              1 
_diffrn_detector.detector               CCD 
_diffrn_detector.type                   'MAR CCD 165 mm' 
_diffrn_detector.pdbx_collection_date   2007-12-12 
_diffrn_detector.details                Diamond 
# 
_diffrn_radiation.diffrn_id                        1 
_diffrn_radiation.wavelength_id                    1 
_diffrn_radiation.pdbx_monochromatic_or_laue_m_l   M 
_diffrn_radiation.monochromator                    Mirrors 
_diffrn_radiation.pdbx_diffrn_protocol             'SINGLE WAVELENGTH' 
_diffrn_radiation.pdbx_scattering_type             x-ray 
# 
_diffrn_radiation_wavelength.id           1 
_diffrn_radiation_wavelength.wavelength   0.9798 
_diffrn_radiation_wavelength.wt           1.0 
# 
_diffrn_source.diffrn_id                   1 
_diffrn_source.source                      SYNCHROTRON 
_diffrn_source.type                        'APS BEAMLINE 31-ID' 
_diffrn_source.pdbx_synchrotron_site       APS 
_diffrn_source.pdbx_synchrotron_beamline   31-ID 
_diffrn_source.pdbx_wavelength             ? 
_diffrn_source.pdbx_wavelength_list        0.9798 
# 
_reflns.entry_id                     3BQX 
_reflns.observed_criterion_sigma_I   0.0 
_reflns.observed_criterion_sigma_F   0.0 
_reflns.d_resolution_low             17.07 
_reflns.d_resolution_high            1.32 
_reflns.number_obs                   37108 
_reflns.number_all                   37108 
_reflns.percent_possible_obs         98.8 
_reflns.pdbx_Rmerge_I_obs            0.060 
_reflns.pdbx_Rsym_value              ? 
_reflns.pdbx_netI_over_sigmaI        18.3 
_reflns.B_iso_Wilson_estimate        15.8 
_reflns.pdbx_redundancy              14.3 
_reflns.R_free_details               ? 
_reflns.limit_h_max                  ? 
_reflns.limit_h_min                  ? 
_reflns.limit_k_max                  ? 
_reflns.limit_k_min                  ? 
_reflns.limit_l_max                  ? 
_reflns.limit_l_min                  ? 
_reflns.observed_criterion_F_max     ? 
_reflns.observed_criterion_F_min     ? 
_reflns.pdbx_chi_squared             ? 
_reflns.pdbx_scaling_rejects         ? 
_reflns.pdbx_ordinal                 1 
_reflns.pdbx_diffrn_id               1 
# 
_reflns_shell.d_res_high             1.32 
_reflns_shell.d_res_low              1.39 
_reflns_shell.percent_possible_all   92.7 
_reflns_shell.Rmerge_I_obs           0.861 
_reflns_shell.pdbx_Rsym_value        ? 
_reflns_shell.meanI_over_sigI_obs    3.8 
_reflns_shell.pdbx_redundancy        12.9 
_reflns_shell.percent_possible_obs   ? 
_reflns_shell.number_unique_all      5011 
_reflns_shell.number_measured_all    ? 
_reflns_shell.number_measured_obs    ? 
_reflns_shell.number_unique_obs      ? 
_reflns_shell.pdbx_chi_squared       ? 
_reflns_shell.pdbx_ordinal           1 
_reflns_shell.pdbx_diffrn_id         1 
# 
_refine.entry_id                                 3BQX 
_refine.ls_number_reflns_obs                     29094 
_refine.ls_number_reflns_all                     ? 
_refine.pdbx_ls_sigma_I                          ? 
_refine.pdbx_ls_sigma_F                          2.0 
_refine.pdbx_data_cutoff_high_absF               686058.09 
_refine.pdbx_data_cutoff_low_absF                0.000000 
_refine.pdbx_data_cutoff_high_rms_absF           ? 
_refine.ls_d_res_low                             17.07 
_refine.ls_d_res_high                            1.40 
_refine.ls_percent_reflns_obs                    93.2 
_refine.ls_R_factor_obs                          0.238 
_refine.ls_R_factor_all                          ? 
_refine.ls_R_factor_R_work                       0.238 
_refine.ls_R_factor_R_free                       0.248 
_refine.ls_R_factor_R_free_error                 0.007 
_refine.ls_R_factor_R_free_error_details         ? 
_refine.ls_percent_reflns_R_free                 3.9 
_refine.ls_number_reflns_R_free                  1147 
_refine.ls_number_parameters                     ? 
_refine.ls_number_restraints                     ? 
_refine.occupancy_min                            ? 
_refine.occupancy_max                            ? 
_refine.correlation_coeff_Fo_to_Fc               ? 
_refine.correlation_coeff_Fo_to_Fc_free          ? 
_refine.B_iso_mean                               19.6 
_refine.aniso_B[1][1]                            1.01 
_refine.aniso_B[2][2]                            -0.94 
_refine.aniso_B[3][3]                            -0.07 
_refine.aniso_B[1][2]                            0.00 
_refine.aniso_B[1][3]                            0.00 
_refine.aniso_B[2][3]                            0.00 
_refine.solvent_model_details                    'FLAT MODEL' 
_refine.solvent_model_param_ksol                 0.37869 
_refine.solvent_model_param_bsol                 46.7993 
_refine.pdbx_solvent_vdw_probe_radii             ? 
_refine.pdbx_solvent_ion_probe_radii             ? 
_refine.pdbx_solvent_shrinkage_radii             ? 
_refine.pdbx_ls_cross_valid_method               THROUGHOUT 
_refine.details                                  
;Residues listed as missing in Remark 465 are due to lack of electron density. Residues with missing atoms listed in Remark 470 are due to lack of electron density for side chains and modeled as alanines.
;
_refine.pdbx_starting_model                      ? 
_refine.pdbx_method_to_determine_struct          SAD 
_refine.pdbx_isotropic_thermal_model             RESTRAINED 
_refine.pdbx_stereochemistry_target_values       'Engh & Huber' 
_refine.pdbx_stereochem_target_val_spec_case     ? 
_refine.pdbx_R_Free_selection_details            RANDOM 
_refine.pdbx_overall_ESU_R                       ? 
_refine.pdbx_overall_ESU_R_Free                  ? 
_refine.overall_SU_ML                            ? 
_refine.overall_SU_B                             ? 
_refine.ls_redundancy_reflns_obs                 ? 
_refine.B_iso_min                                ? 
_refine.B_iso_max                                ? 
_refine.overall_SU_R_Cruickshank_DPI             ? 
_refine.overall_SU_R_free                        ? 
_refine.ls_wR_factor_R_free                      ? 
_refine.ls_wR_factor_R_work                      ? 
_refine.overall_FOM_free_R_set                   ? 
_refine.overall_FOM_work_R_set                   ? 
_refine.pdbx_refine_id                           'X-RAY DIFFRACTION' 
_refine.pdbx_diffrn_id                           1 
_refine.pdbx_TLS_residual_ADP_flag               ? 
_refine.pdbx_overall_phase_error                 ? 
_refine.pdbx_overall_SU_R_free_Cruickshank_DPI   ? 
_refine.pdbx_overall_SU_R_Blow_DPI               ? 
_refine.pdbx_overall_SU_R_free_Blow_DPI          ? 
# 
_refine_analyze.entry_id                        3BQX 
_refine_analyze.Luzzati_coordinate_error_obs    0.20 
_refine_analyze.Luzzati_sigma_a_obs             0.15 
_refine_analyze.Luzzati_d_res_low_obs           5.00 
_refine_analyze.Luzzati_coordinate_error_free   0.21 
_refine_analyze.Luzzati_sigma_a_free            0.14 
_refine_analyze.Luzzati_d_res_low_free          ? 
_refine_analyze.number_disordered_residues      ? 
_refine_analyze.occupancy_sum_hydrogen          ? 
_refine_analyze.occupancy_sum_non_hydrogen      ? 
_refine_analyze.pdbx_Luzzati_d_res_high_obs     ? 
_refine_analyze.pdbx_refine_id                  'X-RAY DIFFRACTION' 
# 
_refine_hist.pdbx_refine_id                   'X-RAY DIFFRACTION' 
_refine_hist.cycle_id                         LAST 
_refine_hist.pdbx_number_atoms_protein        1052 
_refine_hist.pdbx_number_atoms_nucleic_acid   0 
_refine_hist.pdbx_number_atoms_ligand         0 
_refine_hist.number_atoms_solvent             158 
_refine_hist.number_atoms_total               1210 
_refine_hist.d_res_high                       1.40 
_refine_hist.d_res_low                        17.07 
# 
loop_
_refine_ls_restr.type 
_refine_ls_restr.dev_ideal 
_refine_ls_restr.dev_ideal_target 
_refine_ls_restr.weight 
_refine_ls_restr.number 
_refine_ls_restr.pdbx_refine_id 
_refine_ls_restr.pdbx_restraint_function 
c_bond_d           0.005 ?    ? ? 'X-RAY DIFFRACTION' ? 
c_angle_deg        1.4   ?    ? ? 'X-RAY DIFFRACTION' ? 
c_dihedral_angle_d 25.2  ?    ? ? 'X-RAY DIFFRACTION' ? 
c_improper_angle_d 0.90  ?    ? ? 'X-RAY DIFFRACTION' ? 
c_mcbond_it        1.10  1.50 ? ? 'X-RAY DIFFRACTION' ? 
c_mcangle_it       1.67  2.00 ? ? 'X-RAY DIFFRACTION' ? 
c_scbond_it        2.40  2.00 ? ? 'X-RAY DIFFRACTION' ? 
c_scangle_it       2.47  2.50 ? ? 'X-RAY DIFFRACTION' ? 
# 
_refine_ls_shell.pdbx_total_number_of_bins_used   6 
_refine_ls_shell.d_res_high                       1.40 
_refine_ls_shell.d_res_low                        1.49 
_refine_ls_shell.number_reflns_R_work             3941 
_refine_ls_shell.R_factor_R_work                  0.283 
_refine_ls_shell.percent_reflns_obs               80.0 
_refine_ls_shell.R_factor_R_free                  0.298 
_refine_ls_shell.R_factor_R_free_error            0.024 
_refine_ls_shell.percent_reflns_R_free            3.9 
_refine_ls_shell.number_reflns_R_free             159 
_refine_ls_shell.number_reflns_all                ? 
_refine_ls_shell.R_factor_all                     ? 
_refine_ls_shell.number_reflns_obs                ? 
_refine_ls_shell.redundancy_reflns_obs            ? 
_refine_ls_shell.pdbx_refine_id                   'X-RAY DIFFRACTION' 
# 
loop_
_pdbx_xplor_file.serial_no 
_pdbx_xplor_file.param_file 
_pdbx_xplor_file.topol_file 
_pdbx_xplor_file.pdbx_refine_id 
1 protein_rep.param      protein.top           'X-RAY DIFFRACTION' 
2 carbohydrate.param     carbohydrate.top      'X-RAY DIFFRACTION' 
3 water_rep.param        water.top             'X-RAY DIFFRACTION' 
4 ion.param              ion.top               'X-RAY DIFFRACTION' 
5 &_1_PARAMETER_INFILE_5 &_1_TOPOLOGY_INFILE_5 'X-RAY DIFFRACTION' 
# 
_struct.entry_id                  3BQX 
_struct.title                     'High resolution crystal structure of a glyoxalase-related enzyme from Fulvimarina pelagi' 
_struct.pdbx_model_details        ? 
_struct.pdbx_CASP_flag            ? 
_struct.pdbx_model_type_details   ? 
# 
_struct_keywords.entry_id        3BQX 
_struct_keywords.pdbx_keywords   'STRUCTURAL GENOMICS, UNKNOWN FUNCTION' 
_struct_keywords.text            
;VOC superfamily, glyoxalase, Fulvimarina pelagi, PSI-2, Structural Genomics, Protein Structure Initiative, New York SGX Research Center for Structural Genomics, NYSGXRC, UNKNOWN FUNCTION
;
# 
loop_
_struct_asym.id 
_struct_asym.pdbx_blank_PDB_chainid_flag 
_struct_asym.pdbx_modified 
_struct_asym.entity_id 
_struct_asym.details 
A N N 1 ? 
B N N 2 ? 
# 
_struct_ref.id                         1 
_struct_ref.db_name                    UNP 
_struct_ref.db_code                    Q0G7J9_9RHIZ 
_struct_ref.pdbx_db_accession          Q0G7J9 
_struct_ref.entity_id                  1 
_struct_ref.pdbx_seq_one_letter_code   
;QQVAVITLGIGDLEASARFYGEGFGWAPVFRNPEIIFYQMNGFVLATWLVQNLQEDVGVAVTSRPGSMALAHNVRAETEV
APLMERLVAAGGQLLRPADAPPHGGLRGYVADPDGHIWEIAFNPVWPIGADGSVTFAAK
;
_struct_ref.pdbx_align_begin           2 
_struct_ref.pdbx_db_isoform            ? 
# 
_struct_ref_seq.align_id                      1 
_struct_ref_seq.ref_id                        1 
_struct_ref_seq.pdbx_PDB_id_code              3BQX 
_struct_ref_seq.pdbx_strand_id                A 
_struct_ref_seq.seq_align_beg                 4 
_struct_ref_seq.pdbx_seq_align_beg_ins_code   ? 
_struct_ref_seq.seq_align_end                 142 
_struct_ref_seq.pdbx_seq_align_end_ins_code   ? 
_struct_ref_seq.pdbx_db_accession             Q0G7J9 
_struct_ref_seq.db_align_beg                  2 
_struct_ref_seq.pdbx_db_align_beg_ins_code    ? 
_struct_ref_seq.db_align_end                  140 
_struct_ref_seq.pdbx_db_align_end_ins_code    ? 
_struct_ref_seq.pdbx_auth_seq_align_beg       4 
_struct_ref_seq.pdbx_auth_seq_align_end       142 
# 
loop_
_struct_ref_seq_dif.align_id 
_struct_ref_seq_dif.pdbx_pdb_id_code 
_struct_ref_seq_dif.mon_id 
_struct_ref_seq_dif.pdbx_pdb_strand_id 
_struct_ref_seq_dif.seq_num 
_struct_ref_seq_dif.pdbx_pdb_ins_code 
_struct_ref_seq_dif.pdbx_seq_db_name 
_struct_ref_seq_dif.pdbx_seq_db_accession_code 
_struct_ref_seq_dif.db_mon_id 
_struct_ref_seq_dif.pdbx_seq_db_seq_num 
_struct_ref_seq_dif.details 
_struct_ref_seq_dif.pdbx_auth_seq_num 
_struct_ref_seq_dif.pdbx_ordinal 
1 3BQX MSE A 1   ? UNP Q0G7J9 ? ? 'expression tag' 1   1  
1 3BQX SER A 2   ? UNP Q0G7J9 ? ? 'expression tag' 2   2  
1 3BQX LEU A 3   ? UNP Q0G7J9 ? ? 'expression tag' 3   3  
1 3BQX GLU A 143 ? UNP Q0G7J9 ? ? 'expression tag' 143 4  
1 3BQX GLY A 144 ? UNP Q0G7J9 ? ? 'expression tag' 144 5  
1 3BQX HIS A 145 ? UNP Q0G7J9 ? ? 'expression tag' 145 6  
1 3BQX HIS A 146 ? UNP Q0G7J9 ? ? 'expression tag' 146 7  
1 3BQX HIS A 147 ? UNP Q0G7J9 ? ? 'expression tag' 147 8  
1 3BQX HIS A 148 ? UNP Q0G7J9 ? ? 'expression tag' 148 9  
1 3BQX HIS A 149 ? UNP Q0G7J9 ? ? 'expression tag' 149 10 
1 3BQX HIS A 150 ? UNP Q0G7J9 ? ? 'expression tag' 150 11 
# 
_pdbx_struct_assembly.id                   1 
_pdbx_struct_assembly.details              author_and_software_defined_assembly 
_pdbx_struct_assembly.method_details       PISA 
_pdbx_struct_assembly.oligomeric_details   dimeric 
_pdbx_struct_assembly.oligomeric_count     2 
# 
_pdbx_struct_assembly_prop.biol_id   1 
_pdbx_struct_assembly_prop.type      'ABSA (A^2)' 
_pdbx_struct_assembly_prop.value     5010 
_pdbx_struct_assembly_prop.details   ? 
# 
_pdbx_struct_assembly_gen.assembly_id       1 
_pdbx_struct_assembly_gen.oper_expression   1,2 
_pdbx_struct_assembly_gen.asym_id_list      A,B 
# 
loop_
_pdbx_struct_oper_list.id 
_pdbx_struct_oper_list.type 
_pdbx_struct_oper_list.name 
_pdbx_struct_oper_list.symmetry_operation 
_pdbx_struct_oper_list.matrix[1][1] 
_pdbx_struct_oper_list.matrix[1][2] 
_pdbx_struct_oper_list.matrix[1][3] 
_pdbx_struct_oper_list.vector[1] 
_pdbx_struct_oper_list.matrix[2][1] 
_pdbx_struct_oper_list.matrix[2][2] 
_pdbx_struct_oper_list.matrix[2][3] 
_pdbx_struct_oper_list.vector[2] 
_pdbx_struct_oper_list.matrix[3][1] 
_pdbx_struct_oper_list.matrix[3][2] 
_pdbx_struct_oper_list.matrix[3][3] 
_pdbx_struct_oper_list.vector[3] 
1 'identity operation'         1_555 x,y,z     1.0000000000  0.0000000000 0.0000000000 0.0000000000  0.0000000000 1.0000000000  0.0000000000 0.0000000000   0.0000000000 0.0000000000 1.0000000000  0.0000000000  
2 'crystal symmetry operation' 4_565 x,-y+1,-z -0.2367244750 0.5111946247 0.8262212650 10.5177345146 0.5111946247 -0.6576335338 0.5533517787 -11.9037309950 0.8262212650 0.5533517787 -0.1056419913 -2.3514355273 
# 
_struct_biol.id        1 
_struct_biol.details   ? 
# 
loop_
_struct_conf.conf_type_id 
_struct_conf.id 
_struct_conf.pdbx_PDB_helix_id 
_struct_conf.beg_label_comp_id 
_struct_conf.beg_label_asym_id 
_struct_conf.beg_label_seq_id 
_struct_conf.pdbx_beg_PDB_ins_code 
_struct_conf.end_label_comp_id 
_struct_conf.end_label_asym_id 
_struct_conf.end_label_seq_id 
_struct_conf.pdbx_end_PDB_ins_code 
_struct_conf.beg_auth_comp_id 
_struct_conf.beg_auth_asym_id 
_struct_conf.beg_auth_seq_id 
_struct_conf.end_auth_comp_id 
_struct_conf.end_auth_asym_id 
_struct_conf.end_auth_seq_id 
_struct_conf.pdbx_PDB_helix_class 
_struct_conf.details 
_struct_conf.pdbx_PDB_helix_length 
HELX_P HELX_P1 1 ASP A 15 ? GLY A 26 ? ASP A 15 GLY A 26 1 ? 12 
HELX_P HELX_P2 2 VAL A 53 ? GLY A 61 ? VAL A 53 GLY A 61 1 ? 9  
HELX_P HELX_P3 3 ALA A 79 ? THR A 81 ? ALA A 79 THR A 81 5 ? 3  
HELX_P HELX_P4 4 GLU A 82 ? ALA A 93 ? GLU A 82 ALA A 93 1 ? 12 
# 
_struct_conf_type.id          HELX_P 
_struct_conf_type.criteria    ? 
_struct_conf_type.reference   ? 
# 
loop_
_struct_conn.id 
_struct_conn.conn_type_id 
_struct_conn.pdbx_leaving_atom_flag 
_struct_conn.pdbx_PDB_id 
_struct_conn.ptnr1_label_asym_id 
_struct_conn.ptnr1_label_comp_id 
_struct_conn.ptnr1_label_seq_id 
_struct_conn.ptnr1_label_atom_id 
_struct_conn.pdbx_ptnr1_label_alt_id 
_struct_conn.pdbx_ptnr1_PDB_ins_code 
_struct_conn.pdbx_ptnr1_standard_comp_id 
_struct_conn.ptnr1_symmetry 
_struct_conn.ptnr2_label_asym_id 
_struct_conn.ptnr2_label_comp_id 
_struct_conn.ptnr2_label_seq_id 
_struct_conn.ptnr2_label_atom_id 
_struct_conn.pdbx_ptnr2_label_alt_id 
_struct_conn.pdbx_ptnr2_PDB_ins_code 
_struct_conn.ptnr1_auth_asym_id 
_struct_conn.ptnr1_auth_comp_id 
_struct_conn.ptnr1_auth_seq_id 
_struct_conn.ptnr2_auth_asym_id 
_struct_conn.ptnr2_auth_comp_id 
_struct_conn.ptnr2_auth_seq_id 
_struct_conn.ptnr2_symmetry 
_struct_conn.pdbx_ptnr3_label_atom_id 
_struct_conn.pdbx_ptnr3_label_seq_id 
_struct_conn.pdbx_ptnr3_label_comp_id 
_struct_conn.pdbx_ptnr3_label_asym_id 
_struct_conn.pdbx_ptnr3_label_alt_id 
_struct_conn.pdbx_ptnr3_PDB_ins_code 
_struct_conn.details 
_struct_conn.pdbx_dist_value 
_struct_conn.pdbx_value_order 
_struct_conn.pdbx_role 
covale1 covale both ? A GLN 42 C ? ? ? 1_555 A MSE 43 N ? ? A GLN 42 A MSE 43 1_555 ? ? ? ? ? ? ? 1.328 ? ? 
covale2 covale both ? A MSE 43 C ? ? ? 1_555 A ASN 44 N ? ? A MSE 43 A ASN 44 1_555 ? ? ? ? ? ? ? 1.330 ? ? 
covale3 covale both ? A SER 70 C ? ? ? 1_555 A MSE 71 N ? ? A SER 70 A MSE 71 1_555 ? ? ? ? ? ? ? 1.327 ? ? 
covale4 covale both ? A MSE 71 C ? ? ? 1_555 A ALA 72 N ? ? A MSE 71 A ALA 72 1_555 ? ? ? ? ? ? ? 1.329 ? ? 
covale5 covale both ? A LEU 86 C ? ? ? 1_555 A MSE 87 N ? ? A LEU 86 A MSE 87 1_555 ? ? ? ? ? ? ? 1.330 ? ? 
covale6 covale both ? A MSE 87 C ? ? ? 1_555 A GLU 88 N ? ? A MSE 87 A GLU 88 1_555 ? ? ? ? ? ? ? 1.332 ? ? 
# 
_struct_conn_type.id          covale 
_struct_conn_type.criteria    ? 
_struct_conn_type.reference   ? 
# 
loop_
_pdbx_modification_feature.ordinal 
_pdbx_modification_feature.label_comp_id 
_pdbx_modification_feature.label_asym_id 
_pdbx_modification_feature.label_seq_id 
_pdbx_modification_feature.label_alt_id 
_pdbx_modification_feature.modified_residue_label_comp_id 
_pdbx_modification_feature.modified_residue_label_asym_id 
_pdbx_modification_feature.modified_residue_label_seq_id 
_pdbx_modification_feature.modified_residue_label_alt_id 
_pdbx_modification_feature.auth_comp_id 
_pdbx_modification_feature.auth_asym_id 
_pdbx_modification_feature.auth_seq_id 
_pdbx_modification_feature.PDB_ins_code 
_pdbx_modification_feature.symmetry 
_pdbx_modification_feature.modified_residue_auth_comp_id 
_pdbx_modification_feature.modified_residue_auth_asym_id 
_pdbx_modification_feature.modified_residue_auth_seq_id 
_pdbx_modification_feature.modified_residue_PDB_ins_code 
_pdbx_modification_feature.modified_residue_symmetry 
_pdbx_modification_feature.comp_id_linking_atom 
_pdbx_modification_feature.modified_residue_id_linking_atom 
_pdbx_modification_feature.modified_residue_id 
_pdbx_modification_feature.ref_pcm_id 
_pdbx_modification_feature.ref_comp_id 
_pdbx_modification_feature.type 
_pdbx_modification_feature.category 
1 MSE A 43 ? . . . . MSE A 43 ? 1_555 . . . . . . . MET 1 MSE Selenomethionine 'Named protein modification' 
2 MSE A 71 ? . . . . MSE A 71 ? 1_555 . . . . . . . MET 1 MSE Selenomethionine 'Named protein modification' 
3 MSE A 87 ? . . . . MSE A 87 ? 1_555 . . . . . . . MET 1 MSE Selenomethionine 'Named protein modification' 
# 
loop_
_struct_sheet.id 
_struct_sheet.type 
_struct_sheet.number_strands 
_struct_sheet.details 
A ? 4 ? 
B ? 4 ? 
C ? 2 ? 
# 
loop_
_struct_sheet_order.sheet_id 
_struct_sheet_order.range_id_1 
_struct_sheet_order.range_id_2 
_struct_sheet_order.offset 
_struct_sheet_order.sense 
A 1 2 ? parallel      
A 2 3 ? anti-parallel 
A 3 4 ? anti-parallel 
B 1 2 ? parallel      
B 2 3 ? anti-parallel 
B 3 4 ? anti-parallel 
C 1 2 ? anti-parallel 
# 
loop_
_struct_sheet_range.sheet_id 
_struct_sheet_range.id 
_struct_sheet_range.beg_label_comp_id 
_struct_sheet_range.beg_label_asym_id 
_struct_sheet_range.beg_label_seq_id 
_struct_sheet_range.pdbx_beg_PDB_ins_code 
_struct_sheet_range.end_label_comp_id 
_struct_sheet_range.end_label_asym_id 
_struct_sheet_range.end_label_seq_id 
_struct_sheet_range.pdbx_end_PDB_ins_code 
_struct_sheet_range.beg_auth_comp_id 
_struct_sheet_range.beg_auth_asym_id 
_struct_sheet_range.beg_auth_seq_id 
_struct_sheet_range.end_auth_comp_id 
_struct_sheet_range.end_auth_asym_id 
_struct_sheet_range.end_auth_seq_id 
A 1 VAL A 8   ? ILE A 13  ? VAL A 8   ILE A 13  
A 2 VAL A 47  ? LEU A 52  ? VAL A 47  LEU A 52  
A 3 ILE A 38  ? GLN A 42  ? ILE A 38  GLN A 42  
A 4 PHE A 33  ? ARG A 34  ? PHE A 33  ARG A 34  
B 1 ALA A 72  ? ASN A 76  ? ALA A 72  ASN A 76  
B 2 ILE A 120 ? PHE A 125 ? ILE A 120 PHE A 125 
B 3 LEU A 109 ? ALA A 114 ? LEU A 109 ALA A 114 
B 4 GLN A 96  ? ASP A 102 ? GLN A 96  ASP A 102 
C 1 ILE A 131 ? GLY A 132 ? ILE A 131 GLY A 132 
C 2 GLY A 135 ? VAL A 137 ? GLY A 135 VAL A 137 
# 
loop_
_pdbx_struct_sheet_hbond.sheet_id 
_pdbx_struct_sheet_hbond.range_id_1 
_pdbx_struct_sheet_hbond.range_id_2 
_pdbx_struct_sheet_hbond.range_1_label_atom_id 
_pdbx_struct_sheet_hbond.range_1_label_comp_id 
_pdbx_struct_sheet_hbond.range_1_label_asym_id 
_pdbx_struct_sheet_hbond.range_1_label_seq_id 
_pdbx_struct_sheet_hbond.range_1_PDB_ins_code 
_pdbx_struct_sheet_hbond.range_1_auth_atom_id 
_pdbx_struct_sheet_hbond.range_1_auth_comp_id 
_pdbx_struct_sheet_hbond.range_1_auth_asym_id 
_pdbx_struct_sheet_hbond.range_1_auth_seq_id 
_pdbx_struct_sheet_hbond.range_2_label_atom_id 
_pdbx_struct_sheet_hbond.range_2_label_comp_id 
_pdbx_struct_sheet_hbond.range_2_label_asym_id 
_pdbx_struct_sheet_hbond.range_2_label_seq_id 
_pdbx_struct_sheet_hbond.range_2_PDB_ins_code 
_pdbx_struct_sheet_hbond.range_2_auth_atom_id 
_pdbx_struct_sheet_hbond.range_2_auth_comp_id 
_pdbx_struct_sheet_hbond.range_2_auth_asym_id 
_pdbx_struct_sheet_hbond.range_2_auth_seq_id 
A 1 2 N ILE A 9   ? N ILE A 9   O ALA A 49  ? O ALA A 49  
A 2 3 O LEU A 48  ? O LEU A 48  N TYR A 41  ? N TYR A 41  
A 3 4 O PHE A 40  ? O PHE A 40  N PHE A 33  ? N PHE A 33  
B 1 2 N LEU A 73  ? N LEU A 73  O GLU A 122 ? O GLU A 122 
B 2 3 O PHE A 125 ? O PHE A 125 N LEU A 109 ? N LEU A 109 
B 3 4 O ALA A 114 ? O ALA A 114 N GLN A 96  ? N GLN A 96  
C 1 2 N GLY A 132 ? N GLY A 132 O SER A 136 ? O SER A 136 
# 
_pdbx_entry_details.entry_id                   3BQX 
_pdbx_entry_details.compound_details           ? 
_pdbx_entry_details.source_details             ? 
_pdbx_entry_details.nonpolymer_details         ? 
_pdbx_entry_details.sequence_details           ? 
_pdbx_entry_details.has_ligand_of_interest     ? 
_pdbx_entry_details.has_protein_modification   Y 
# 
_pdbx_validate_symm_contact.id                1 
_pdbx_validate_symm_contact.PDB_model_num     1 
_pdbx_validate_symm_contact.auth_atom_id_1    NH2 
_pdbx_validate_symm_contact.auth_asym_id_1    A 
_pdbx_validate_symm_contact.auth_comp_id_1    ARG 
_pdbx_validate_symm_contact.auth_seq_id_1     67 
_pdbx_validate_symm_contact.PDB_ins_code_1    ? 
_pdbx_validate_symm_contact.label_alt_id_1    ? 
_pdbx_validate_symm_contact.site_symmetry_1   1_555 
_pdbx_validate_symm_contact.auth_atom_id_2    NH2 
_pdbx_validate_symm_contact.auth_asym_id_2    A 
_pdbx_validate_symm_contact.auth_comp_id_2    ARG 
_pdbx_validate_symm_contact.auth_seq_id_2     67 
_pdbx_validate_symm_contact.PDB_ins_code_2    ? 
_pdbx_validate_symm_contact.label_alt_id_2    ? 
_pdbx_validate_symm_contact.site_symmetry_2   4_565 
_pdbx_validate_symm_contact.dist              1.87 
# 
loop_
_pdbx_validate_torsion.id 
_pdbx_validate_torsion.PDB_model_num 
_pdbx_validate_torsion.auth_comp_id 
_pdbx_validate_torsion.auth_asym_id 
_pdbx_validate_torsion.auth_seq_id 
_pdbx_validate_torsion.PDB_ins_code 
_pdbx_validate_torsion.label_alt_id 
_pdbx_validate_torsion.phi 
_pdbx_validate_torsion.psi 
1 1 MSE A 43  ? ? -108.62 -165.16 
2 1 ASP A 134 ? ? -117.00 55.73   
3 1 SER A 136 ? ? 26.12   96.88   
# 
_pdbx_SG_project.id                    1 
_pdbx_SG_project.project_name          'PSI, Protein Structure Initiative' 
_pdbx_SG_project.full_name_of_center   'New York SGX Research Center for Structural Genomics' 
_pdbx_SG_project.initial_of_center     NYSGXRC 
# 
loop_
_pdbx_struct_mod_residue.id 
_pdbx_struct_mod_residue.label_asym_id 
_pdbx_struct_mod_residue.label_comp_id 
_pdbx_struct_mod_residue.label_seq_id 
_pdbx_struct_mod_residue.auth_asym_id 
_pdbx_struct_mod_residue.auth_comp_id 
_pdbx_struct_mod_residue.auth_seq_id 
_pdbx_struct_mod_residue.PDB_ins_code 
_pdbx_struct_mod_residue.parent_comp_id 
_pdbx_struct_mod_residue.details 
1 A MSE 43 A MSE 43 ? MET SELENOMETHIONINE 
2 A MSE 71 A MSE 71 ? MET SELENOMETHIONINE 
3 A MSE 87 A MSE 87 ? MET SELENOMETHIONINE 
# 
loop_
_pdbx_unobs_or_zero_occ_residues.id 
_pdbx_unobs_or_zero_occ_residues.PDB_model_num 
_pdbx_unobs_or_zero_occ_residues.polymer_flag 
_pdbx_unobs_or_zero_occ_residues.occupancy_flag 
_pdbx_unobs_or_zero_occ_residues.auth_asym_id 
_pdbx_unobs_or_zero_occ_residues.auth_comp_id 
_pdbx_unobs_or_zero_occ_residues.auth_seq_id 
_pdbx_unobs_or_zero_occ_residues.PDB_ins_code 
_pdbx_unobs_or_zero_occ_residues.label_asym_id 
_pdbx_unobs_or_zero_occ_residues.label_comp_id 
_pdbx_unobs_or_zero_occ_residues.label_seq_id 
1  1 Y 1 A MSE 1   ? A MSE 1   
2  1 Y 1 A SER 2   ? A SER 2   
3  1 Y 1 A LYS 142 ? A LYS 142 
4  1 Y 1 A GLU 143 ? A GLU 143 
5  1 Y 1 A GLY 144 ? A GLY 144 
6  1 Y 1 A HIS 145 ? A HIS 145 
7  1 Y 1 A HIS 146 ? A HIS 146 
8  1 Y 1 A HIS 147 ? A HIS 147 
9  1 Y 1 A HIS 148 ? A HIS 148 
10 1 Y 1 A HIS 149 ? A HIS 149 
11 1 Y 1 A HIS 150 ? A HIS 150 
# 
loop_
_chem_comp_atom.comp_id 
_chem_comp_atom.atom_id 
_chem_comp_atom.type_symbol 
_chem_comp_atom.pdbx_aromatic_flag 
_chem_comp_atom.pdbx_stereo_config 
_chem_comp_atom.pdbx_ordinal 
ALA N    N  N N 1   
ALA CA   C  N S 2   
ALA C    C  N N 3   
ALA O    O  N N 4   
ALA CB   C  N N 5   
ALA OXT  O  N N 6   
ALA H    H  N N 7   
ALA H2   H  N N 8   
ALA HA   H  N N 9   
ALA HB1  H  N N 10  
ALA HB2  H  N N 11  
ALA HB3  H  N N 12  
ALA HXT  H  N N 13  
ARG N    N  N N 14  
ARG CA   C  N S 15  
ARG C    C  N N 16  
ARG O    O  N N 17  
ARG CB   C  N N 18  
ARG CG   C  N N 19  
ARG CD   C  N N 20  
ARG NE   N  N N 21  
ARG CZ   C  N N 22  
ARG NH1  N  N N 23  
ARG NH2  N  N N 24  
ARG OXT  O  N N 25  
ARG H    H  N N 26  
ARG H2   H  N N 27  
ARG HA   H  N N 28  
ARG HB2  H  N N 29  
ARG HB3  H  N N 30  
ARG HG2  H  N N 31  
ARG HG3  H  N N 32  
ARG HD2  H  N N 33  
ARG HD3  H  N N 34  
ARG HE   H  N N 35  
ARG HH11 H  N N 36  
ARG HH12 H  N N 37  
ARG HH21 H  N N 38  
ARG HH22 H  N N 39  
ARG HXT  H  N N 40  
ASN N    N  N N 41  
ASN CA   C  N S 42  
ASN C    C  N N 43  
ASN O    O  N N 44  
ASN CB   C  N N 45  
ASN CG   C  N N 46  
ASN OD1  O  N N 47  
ASN ND2  N  N N 48  
ASN OXT  O  N N 49  
ASN H    H  N N 50  
ASN H2   H  N N 51  
ASN HA   H  N N 52  
ASN HB2  H  N N 53  
ASN HB3  H  N N 54  
ASN HD21 H  N N 55  
ASN HD22 H  N N 56  
ASN HXT  H  N N 57  
ASP N    N  N N 58  
ASP CA   C  N S 59  
ASP C    C  N N 60  
ASP O    O  N N 61  
ASP CB   C  N N 62  
ASP CG   C  N N 63  
ASP OD1  O  N N 64  
ASP OD2  O  N N 65  
ASP OXT  O  N N 66  
ASP H    H  N N 67  
ASP H2   H  N N 68  
ASP HA   H  N N 69  
ASP HB2  H  N N 70  
ASP HB3  H  N N 71  
ASP HD2  H  N N 72  
ASP HXT  H  N N 73  
GLN N    N  N N 74  
GLN CA   C  N S 75  
GLN C    C  N N 76  
GLN O    O  N N 77  
GLN CB   C  N N 78  
GLN CG   C  N N 79  
GLN CD   C  N N 80  
GLN OE1  O  N N 81  
GLN NE2  N  N N 82  
GLN OXT  O  N N 83  
GLN H    H  N N 84  
GLN H2   H  N N 85  
GLN HA   H  N N 86  
GLN HB2  H  N N 87  
GLN HB3  H  N N 88  
GLN HG2  H  N N 89  
GLN HG3  H  N N 90  
GLN HE21 H  N N 91  
GLN HE22 H  N N 92  
GLN HXT  H  N N 93  
GLU N    N  N N 94  
GLU CA   C  N S 95  
GLU C    C  N N 96  
GLU O    O  N N 97  
GLU CB   C  N N 98  
GLU CG   C  N N 99  
GLU CD   C  N N 100 
GLU OE1  O  N N 101 
GLU OE2  O  N N 102 
GLU OXT  O  N N 103 
GLU H    H  N N 104 
GLU H2   H  N N 105 
GLU HA   H  N N 106 
GLU HB2  H  N N 107 
GLU HB3  H  N N 108 
GLU HG2  H  N N 109 
GLU HG3  H  N N 110 
GLU HE2  H  N N 111 
GLU HXT  H  N N 112 
GLY N    N  N N 113 
GLY CA   C  N N 114 
GLY C    C  N N 115 
GLY O    O  N N 116 
GLY OXT  O  N N 117 
GLY H    H  N N 118 
GLY H2   H  N N 119 
GLY HA2  H  N N 120 
GLY HA3  H  N N 121 
GLY HXT  H  N N 122 
HIS N    N  N N 123 
HIS CA   C  N S 124 
HIS C    C  N N 125 
HIS O    O  N N 126 
HIS CB   C  N N 127 
HIS CG   C  Y N 128 
HIS ND1  N  Y N 129 
HIS CD2  C  Y N 130 
HIS CE1  C  Y N 131 
HIS NE2  N  Y N 132 
HIS OXT  O  N N 133 
HIS H    H  N N 134 
HIS H2   H  N N 135 
HIS HA   H  N N 136 
HIS HB2  H  N N 137 
HIS HB3  H  N N 138 
HIS HD1  H  N N 139 
HIS HD2  H  N N 140 
HIS HE1  H  N N 141 
HIS HE2  H  N N 142 
HIS HXT  H  N N 143 
HOH O    O  N N 144 
HOH H1   H  N N 145 
HOH H2   H  N N 146 
ILE N    N  N N 147 
ILE CA   C  N S 148 
ILE C    C  N N 149 
ILE O    O  N N 150 
ILE CB   C  N S 151 
ILE CG1  C  N N 152 
ILE CG2  C  N N 153 
ILE CD1  C  N N 154 
ILE OXT  O  N N 155 
ILE H    H  N N 156 
ILE H2   H  N N 157 
ILE HA   H  N N 158 
ILE HB   H  N N 159 
ILE HG12 H  N N 160 
ILE HG13 H  N N 161 
ILE HG21 H  N N 162 
ILE HG22 H  N N 163 
ILE HG23 H  N N 164 
ILE HD11 H  N N 165 
ILE HD12 H  N N 166 
ILE HD13 H  N N 167 
ILE HXT  H  N N 168 
LEU N    N  N N 169 
LEU CA   C  N S 170 
LEU C    C  N N 171 
LEU O    O  N N 172 
LEU CB   C  N N 173 
LEU CG   C  N N 174 
LEU CD1  C  N N 175 
LEU CD2  C  N N 176 
LEU OXT  O  N N 177 
LEU H    H  N N 178 
LEU H2   H  N N 179 
LEU HA   H  N N 180 
LEU HB2  H  N N 181 
LEU HB3  H  N N 182 
LEU HG   H  N N 183 
LEU HD11 H  N N 184 
LEU HD12 H  N N 185 
LEU HD13 H  N N 186 
LEU HD21 H  N N 187 
LEU HD22 H  N N 188 
LEU HD23 H  N N 189 
LEU HXT  H  N N 190 
LYS N    N  N N 191 
LYS CA   C  N S 192 
LYS C    C  N N 193 
LYS O    O  N N 194 
LYS CB   C  N N 195 
LYS CG   C  N N 196 
LYS CD   C  N N 197 
LYS CE   C  N N 198 
LYS NZ   N  N N 199 
LYS OXT  O  N N 200 
LYS H    H  N N 201 
LYS H2   H  N N 202 
LYS HA   H  N N 203 
LYS HB2  H  N N 204 
LYS HB3  H  N N 205 
LYS HG2  H  N N 206 
LYS HG3  H  N N 207 
LYS HD2  H  N N 208 
LYS HD3  H  N N 209 
LYS HE2  H  N N 210 
LYS HE3  H  N N 211 
LYS HZ1  H  N N 212 
LYS HZ2  H  N N 213 
LYS HZ3  H  N N 214 
LYS HXT  H  N N 215 
MSE N    N  N N 216 
MSE CA   C  N S 217 
MSE C    C  N N 218 
MSE O    O  N N 219 
MSE OXT  O  N N 220 
MSE CB   C  N N 221 
MSE CG   C  N N 222 
MSE SE   SE N N 223 
MSE CE   C  N N 224 
MSE H    H  N N 225 
MSE H2   H  N N 226 
MSE HA   H  N N 227 
MSE HXT  H  N N 228 
MSE HB2  H  N N 229 
MSE HB3  H  N N 230 
MSE HG2  H  N N 231 
MSE HG3  H  N N 232 
MSE HE1  H  N N 233 
MSE HE2  H  N N 234 
MSE HE3  H  N N 235 
PHE N    N  N N 236 
PHE CA   C  N S 237 
PHE C    C  N N 238 
PHE O    O  N N 239 
PHE CB   C  N N 240 
PHE CG   C  Y N 241 
PHE CD1  C  Y N 242 
PHE CD2  C  Y N 243 
PHE CE1  C  Y N 244 
PHE CE2  C  Y N 245 
PHE CZ   C  Y N 246 
PHE OXT  O  N N 247 
PHE H    H  N N 248 
PHE H2   H  N N 249 
PHE HA   H  N N 250 
PHE HB2  H  N N 251 
PHE HB3  H  N N 252 
PHE HD1  H  N N 253 
PHE HD2  H  N N 254 
PHE HE1  H  N N 255 
PHE HE2  H  N N 256 
PHE HZ   H  N N 257 
PHE HXT  H  N N 258 
PRO N    N  N N 259 
PRO CA   C  N S 260 
PRO C    C  N N 261 
PRO O    O  N N 262 
PRO CB   C  N N 263 
PRO CG   C  N N 264 
PRO CD   C  N N 265 
PRO OXT  O  N N 266 
PRO H    H  N N 267 
PRO HA   H  N N 268 
PRO HB2  H  N N 269 
PRO HB3  H  N N 270 
PRO HG2  H  N N 271 
PRO HG3  H  N N 272 
PRO HD2  H  N N 273 
PRO HD3  H  N N 274 
PRO HXT  H  N N 275 
SER N    N  N N 276 
SER CA   C  N S 277 
SER C    C  N N 278 
SER O    O  N N 279 
SER CB   C  N N 280 
SER OG   O  N N 281 
SER OXT  O  N N 282 
SER H    H  N N 283 
SER H2   H  N N 284 
SER HA   H  N N 285 
SER HB2  H  N N 286 
SER HB3  H  N N 287 
SER HG   H  N N 288 
SER HXT  H  N N 289 
THR N    N  N N 290 
THR CA   C  N S 291 
THR C    C  N N 292 
THR O    O  N N 293 
THR CB   C  N R 294 
THR OG1  O  N N 295 
THR CG2  C  N N 296 
THR OXT  O  N N 297 
THR H    H  N N 298 
THR H2   H  N N 299 
THR HA   H  N N 300 
THR HB   H  N N 301 
THR HG1  H  N N 302 
THR HG21 H  N N 303 
THR HG22 H  N N 304 
THR HG23 H  N N 305 
THR HXT  H  N N 306 
TRP N    N  N N 307 
TRP CA   C  N S 308 
TRP C    C  N N 309 
TRP O    O  N N 310 
TRP CB   C  N N 311 
TRP CG   C  Y N 312 
TRP CD1  C  Y N 313 
TRP CD2  C  Y N 314 
TRP NE1  N  Y N 315 
TRP CE2  C  Y N 316 
TRP CE3  C  Y N 317 
TRP CZ2  C  Y N 318 
TRP CZ3  C  Y N 319 
TRP CH2  C  Y N 320 
TRP OXT  O  N N 321 
TRP H    H  N N 322 
TRP H2   H  N N 323 
TRP HA   H  N N 324 
TRP HB2  H  N N 325 
TRP HB3  H  N N 326 
TRP HD1  H  N N 327 
TRP HE1  H  N N 328 
TRP HE3  H  N N 329 
TRP HZ2  H  N N 330 
TRP HZ3  H  N N 331 
TRP HH2  H  N N 332 
TRP HXT  H  N N 333 
TYR N    N  N N 334 
TYR CA   C  N S 335 
TYR C    C  N N 336 
TYR O    O  N N 337 
TYR CB   C  N N 338 
TYR CG   C  Y N 339 
TYR CD1  C  Y N 340 
TYR CD2  C  Y N 341 
TYR CE1  C  Y N 342 
TYR CE2  C  Y N 343 
TYR CZ   C  Y N 344 
TYR OH   O  N N 345 
TYR OXT  O  N N 346 
TYR H    H  N N 347 
TYR H2   H  N N 348 
TYR HA   H  N N 349 
TYR HB2  H  N N 350 
TYR HB3  H  N N 351 
TYR HD1  H  N N 352 
TYR HD2  H  N N 353 
TYR HE1  H  N N 354 
TYR HE2  H  N N 355 
TYR HH   H  N N 356 
TYR HXT  H  N N 357 
VAL N    N  N N 358 
VAL CA   C  N S 359 
VAL C    C  N N 360 
VAL O    O  N N 361 
VAL CB   C  N N 362 
VAL CG1  C  N N 363 
VAL CG2  C  N N 364 
VAL OXT  O  N N 365 
VAL H    H  N N 366 
VAL H2   H  N N 367 
VAL HA   H  N N 368 
VAL HB   H  N N 369 
VAL HG11 H  N N 370 
VAL HG12 H  N N 371 
VAL HG13 H  N N 372 
VAL HG21 H  N N 373 
VAL HG22 H  N N 374 
VAL HG23 H  N N 375 
VAL HXT  H  N N 376 
# 
loop_
_chem_comp_bond.comp_id 
_chem_comp_bond.atom_id_1 
_chem_comp_bond.atom_id_2 
_chem_comp_bond.value_order 
_chem_comp_bond.pdbx_aromatic_flag 
_chem_comp_bond.pdbx_stereo_config 
_chem_comp_bond.pdbx_ordinal 
ALA N   CA   sing N N 1   
ALA N   H    sing N N 2   
ALA N   H2   sing N N 3   
ALA CA  C    sing N N 4   
ALA CA  CB   sing N N 5   
ALA CA  HA   sing N N 6   
ALA C   O    doub N N 7   
ALA C   OXT  sing N N 8   
ALA CB  HB1  sing N N 9   
ALA CB  HB2  sing N N 10  
ALA CB  HB3  sing N N 11  
ALA OXT HXT  sing N N 12  
ARG N   CA   sing N N 13  
ARG N   H    sing N N 14  
ARG N   H2   sing N N 15  
ARG CA  C    sing N N 16  
ARG CA  CB   sing N N 17  
ARG CA  HA   sing N N 18  
ARG C   O    doub N N 19  
ARG C   OXT  sing N N 20  
ARG CB  CG   sing N N 21  
ARG CB  HB2  sing N N 22  
ARG CB  HB3  sing N N 23  
ARG CG  CD   sing N N 24  
ARG CG  HG2  sing N N 25  
ARG CG  HG3  sing N N 26  
ARG CD  NE   sing N N 27  
ARG CD  HD2  sing N N 28  
ARG CD  HD3  sing N N 29  
ARG NE  CZ   sing N N 30  
ARG NE  HE   sing N N 31  
ARG CZ  NH1  sing N N 32  
ARG CZ  NH2  doub N N 33  
ARG NH1 HH11 sing N N 34  
ARG NH1 HH12 sing N N 35  
ARG NH2 HH21 sing N N 36  
ARG NH2 HH22 sing N N 37  
ARG OXT HXT  sing N N 38  
ASN N   CA   sing N N 39  
ASN N   H    sing N N 40  
ASN N   H2   sing N N 41  
ASN CA  C    sing N N 42  
ASN CA  CB   sing N N 43  
ASN CA  HA   sing N N 44  
ASN C   O    doub N N 45  
ASN C   OXT  sing N N 46  
ASN CB  CG   sing N N 47  
ASN CB  HB2  sing N N 48  
ASN CB  HB3  sing N N 49  
ASN CG  OD1  doub N N 50  
ASN CG  ND2  sing N N 51  
ASN ND2 HD21 sing N N 52  
ASN ND2 HD22 sing N N 53  
ASN OXT HXT  sing N N 54  
ASP N   CA   sing N N 55  
ASP N   H    sing N N 56  
ASP N   H2   sing N N 57  
ASP CA  C    sing N N 58  
ASP CA  CB   sing N N 59  
ASP CA  HA   sing N N 60  
ASP C   O    doub N N 61  
ASP C   OXT  sing N N 62  
ASP CB  CG   sing N N 63  
ASP CB  HB2  sing N N 64  
ASP CB  HB3  sing N N 65  
ASP CG  OD1  doub N N 66  
ASP CG  OD2  sing N N 67  
ASP OD2 HD2  sing N N 68  
ASP OXT HXT  sing N N 69  
GLN N   CA   sing N N 70  
GLN N   H    sing N N 71  
GLN N   H2   sing N N 72  
GLN CA  C    sing N N 73  
GLN CA  CB   sing N N 74  
GLN CA  HA   sing N N 75  
GLN C   O    doub N N 76  
GLN C   OXT  sing N N 77  
GLN CB  CG   sing N N 78  
GLN CB  HB2  sing N N 79  
GLN CB  HB3  sing N N 80  
GLN CG  CD   sing N N 81  
GLN CG  HG2  sing N N 82  
GLN CG  HG3  sing N N 83  
GLN CD  OE1  doub N N 84  
GLN CD  NE2  sing N N 85  
GLN NE2 HE21 sing N N 86  
GLN NE2 HE22 sing N N 87  
GLN OXT HXT  sing N N 88  
GLU N   CA   sing N N 89  
GLU N   H    sing N N 90  
GLU N   H2   sing N N 91  
GLU CA  C    sing N N 92  
GLU CA  CB   sing N N 93  
GLU CA  HA   sing N N 94  
GLU C   O    doub N N 95  
GLU C   OXT  sing N N 96  
GLU CB  CG   sing N N 97  
GLU CB  HB2  sing N N 98  
GLU CB  HB3  sing N N 99  
GLU CG  CD   sing N N 100 
GLU CG  HG2  sing N N 101 
GLU CG  HG3  sing N N 102 
GLU CD  OE1  doub N N 103 
GLU CD  OE2  sing N N 104 
GLU OE2 HE2  sing N N 105 
GLU OXT HXT  sing N N 106 
GLY N   CA   sing N N 107 
GLY N   H    sing N N 108 
GLY N   H2   sing N N 109 
GLY CA  C    sing N N 110 
GLY CA  HA2  sing N N 111 
GLY CA  HA3  sing N N 112 
GLY C   O    doub N N 113 
GLY C   OXT  sing N N 114 
GLY OXT HXT  sing N N 115 
HIS N   CA   sing N N 116 
HIS N   H    sing N N 117 
HIS N   H2   sing N N 118 
HIS CA  C    sing N N 119 
HIS CA  CB   sing N N 120 
HIS CA  HA   sing N N 121 
HIS C   O    doub N N 122 
HIS C   OXT  sing N N 123 
HIS CB  CG   sing N N 124 
HIS CB  HB2  sing N N 125 
HIS CB  HB3  sing N N 126 
HIS CG  ND1  sing Y N 127 
HIS CG  CD2  doub Y N 128 
HIS ND1 CE1  doub Y N 129 
HIS ND1 HD1  sing N N 130 
HIS CD2 NE2  sing Y N 131 
HIS CD2 HD2  sing N N 132 
HIS CE1 NE2  sing Y N 133 
HIS CE1 HE1  sing N N 134 
HIS NE2 HE2  sing N N 135 
HIS OXT HXT  sing N N 136 
HOH O   H1   sing N N 137 
HOH O   H2   sing N N 138 
ILE N   CA   sing N N 139 
ILE N   H    sing N N 140 
ILE N   H2   sing N N 141 
ILE CA  C    sing N N 142 
ILE CA  CB   sing N N 143 
ILE CA  HA   sing N N 144 
ILE C   O    doub N N 145 
ILE C   OXT  sing N N 146 
ILE CB  CG1  sing N N 147 
ILE CB  CG2  sing N N 148 
ILE CB  HB   sing N N 149 
ILE CG1 CD1  sing N N 150 
ILE CG1 HG12 sing N N 151 
ILE CG1 HG13 sing N N 152 
ILE CG2 HG21 sing N N 153 
ILE CG2 HG22 sing N N 154 
ILE CG2 HG23 sing N N 155 
ILE CD1 HD11 sing N N 156 
ILE CD1 HD12 sing N N 157 
ILE CD1 HD13 sing N N 158 
ILE OXT HXT  sing N N 159 
LEU N   CA   sing N N 160 
LEU N   H    sing N N 161 
LEU N   H2   sing N N 162 
LEU CA  C    sing N N 163 
LEU CA  CB   sing N N 164 
LEU CA  HA   sing N N 165 
LEU C   O    doub N N 166 
LEU C   OXT  sing N N 167 
LEU CB  CG   sing N N 168 
LEU CB  HB2  sing N N 169 
LEU CB  HB3  sing N N 170 
LEU CG  CD1  sing N N 171 
LEU CG  CD2  sing N N 172 
LEU CG  HG   sing N N 173 
LEU CD1 HD11 sing N N 174 
LEU CD1 HD12 sing N N 175 
LEU CD1 HD13 sing N N 176 
LEU CD2 HD21 sing N N 177 
LEU CD2 HD22 sing N N 178 
LEU CD2 HD23 sing N N 179 
LEU OXT HXT  sing N N 180 
LYS N   CA   sing N N 181 
LYS N   H    sing N N 182 
LYS N   H2   sing N N 183 
LYS CA  C    sing N N 184 
LYS CA  CB   sing N N 185 
LYS CA  HA   sing N N 186 
LYS C   O    doub N N 187 
LYS C   OXT  sing N N 188 
LYS CB  CG   sing N N 189 
LYS CB  HB2  sing N N 190 
LYS CB  HB3  sing N N 191 
LYS CG  CD   sing N N 192 
LYS CG  HG2  sing N N 193 
LYS CG  HG3  sing N N 194 
LYS CD  CE   sing N N 195 
LYS CD  HD2  sing N N 196 
LYS CD  HD3  sing N N 197 
LYS CE  NZ   sing N N 198 
LYS CE  HE2  sing N N 199 
LYS CE  HE3  sing N N 200 
LYS NZ  HZ1  sing N N 201 
LYS NZ  HZ2  sing N N 202 
LYS NZ  HZ3  sing N N 203 
LYS OXT HXT  sing N N 204 
MSE N   CA   sing N N 205 
MSE N   H    sing N N 206 
MSE N   H2   sing N N 207 
MSE CA  C    sing N N 208 
MSE CA  CB   sing N N 209 
MSE CA  HA   sing N N 210 
MSE C   O    doub N N 211 
MSE C   OXT  sing N N 212 
MSE OXT HXT  sing N N 213 
MSE CB  CG   sing N N 214 
MSE CB  HB2  sing N N 215 
MSE CB  HB3  sing N N 216 
MSE CG  SE   sing N N 217 
MSE CG  HG2  sing N N 218 
MSE CG  HG3  sing N N 219 
MSE SE  CE   sing N N 220 
MSE CE  HE1  sing N N 221 
MSE CE  HE2  sing N N 222 
MSE CE  HE3  sing N N 223 
PHE N   CA   sing N N 224 
PHE N   H    sing N N 225 
PHE N   H2   sing N N 226 
PHE CA  C    sing N N 227 
PHE CA  CB   sing N N 228 
PHE CA  HA   sing N N 229 
PHE C   O    doub N N 230 
PHE C   OXT  sing N N 231 
PHE CB  CG   sing N N 232 
PHE CB  HB2  sing N N 233 
PHE CB  HB3  sing N N 234 
PHE CG  CD1  doub Y N 235 
PHE CG  CD2  sing Y N 236 
PHE CD1 CE1  sing Y N 237 
PHE CD1 HD1  sing N N 238 
PHE CD2 CE2  doub Y N 239 
PHE CD2 HD2  sing N N 240 
PHE CE1 CZ   doub Y N 241 
PHE CE1 HE1  sing N N 242 
PHE CE2 CZ   sing Y N 243 
PHE CE2 HE2  sing N N 244 
PHE CZ  HZ   sing N N 245 
PHE OXT HXT  sing N N 246 
PRO N   CA   sing N N 247 
PRO N   CD   sing N N 248 
PRO N   H    sing N N 249 
PRO CA  C    sing N N 250 
PRO CA  CB   sing N N 251 
PRO CA  HA   sing N N 252 
PRO C   O    doub N N 253 
PRO C   OXT  sing N N 254 
PRO CB  CG   sing N N 255 
PRO CB  HB2  sing N N 256 
PRO CB  HB3  sing N N 257 
PRO CG  CD   sing N N 258 
PRO CG  HG2  sing N N 259 
PRO CG  HG3  sing N N 260 
PRO CD  HD2  sing N N 261 
PRO CD  HD3  sing N N 262 
PRO OXT HXT  sing N N 263 
SER N   CA   sing N N 264 
SER N   H    sing N N 265 
SER N   H2   sing N N 266 
SER CA  C    sing N N 267 
SER CA  CB   sing N N 268 
SER CA  HA   sing N N 269 
SER C   O    doub N N 270 
SER C   OXT  sing N N 271 
SER CB  OG   sing N N 272 
SER CB  HB2  sing N N 273 
SER CB  HB3  sing N N 274 
SER OG  HG   sing N N 275 
SER OXT HXT  sing N N 276 
THR N   CA   sing N N 277 
THR N   H    sing N N 278 
THR N   H2   sing N N 279 
THR CA  C    sing N N 280 
THR CA  CB   sing N N 281 
THR CA  HA   sing N N 282 
THR C   O    doub N N 283 
THR C   OXT  sing N N 284 
THR CB  OG1  sing N N 285 
THR CB  CG2  sing N N 286 
THR CB  HB   sing N N 287 
THR OG1 HG1  sing N N 288 
THR CG2 HG21 sing N N 289 
THR CG2 HG22 sing N N 290 
THR CG2 HG23 sing N N 291 
THR OXT HXT  sing N N 292 
TRP N   CA   sing N N 293 
TRP N   H    sing N N 294 
TRP N   H2   sing N N 295 
TRP CA  C    sing N N 296 
TRP CA  CB   sing N N 297 
TRP CA  HA   sing N N 298 
TRP C   O    doub N N 299 
TRP C   OXT  sing N N 300 
TRP CB  CG   sing N N 301 
TRP CB  HB2  sing N N 302 
TRP CB  HB3  sing N N 303 
TRP CG  CD1  doub Y N 304 
TRP CG  CD2  sing Y N 305 
TRP CD1 NE1  sing Y N 306 
TRP CD1 HD1  sing N N 307 
TRP CD2 CE2  doub Y N 308 
TRP CD2 CE3  sing Y N 309 
TRP NE1 CE2  sing Y N 310 
TRP NE1 HE1  sing N N 311 
TRP CE2 CZ2  sing Y N 312 
TRP CE3 CZ3  doub Y N 313 
TRP CE3 HE3  sing N N 314 
TRP CZ2 CH2  doub Y N 315 
TRP CZ2 HZ2  sing N N 316 
TRP CZ3 CH2  sing Y N 317 
TRP CZ3 HZ3  sing N N 318 
TRP CH2 HH2  sing N N 319 
TRP OXT HXT  sing N N 320 
TYR N   CA   sing N N 321 
TYR N   H    sing N N 322 
TYR N   H2   sing N N 323 
TYR CA  C    sing N N 324 
TYR CA  CB   sing N N 325 
TYR CA  HA   sing N N 326 
TYR C   O    doub N N 327 
TYR C   OXT  sing N N 328 
TYR CB  CG   sing N N 329 
TYR CB  HB2  sing N N 330 
TYR CB  HB3  sing N N 331 
TYR CG  CD1  doub Y N 332 
TYR CG  CD2  sing Y N 333 
TYR CD1 CE1  sing Y N 334 
TYR CD1 HD1  sing N N 335 
TYR CD2 CE2  doub Y N 336 
TYR CD2 HD2  sing N N 337 
TYR CE1 CZ   doub Y N 338 
TYR CE1 HE1  sing N N 339 
TYR CE2 CZ   sing Y N 340 
TYR CE2 HE2  sing N N 341 
TYR CZ  OH   sing N N 342 
TYR OH  HH   sing N N 343 
TYR OXT HXT  sing N N 344 
VAL N   CA   sing N N 345 
VAL N   H    sing N N 346 
VAL N   H2   sing N N 347 
VAL CA  C    sing N N 348 
VAL CA  CB   sing N N 349 
VAL CA  HA   sing N N 350 
VAL C   O    doub N N 351 
VAL C   OXT  sing N N 352 
VAL CB  CG1  sing N N 353 
VAL CB  CG2  sing N N 354 
VAL CB  HB   sing N N 355 
VAL CG1 HG11 sing N N 356 
VAL CG1 HG12 sing N N 357 
VAL CG1 HG13 sing N N 358 
VAL CG2 HG21 sing N N 359 
VAL CG2 HG22 sing N N 360 
VAL CG2 HG23 sing N N 361 
VAL OXT HXT  sing N N 362 
# 
_atom_sites.entry_id                    3BQX 
_atom_sites.fract_transf_matrix[1][1]   0.01145528 
_atom_sites.fract_transf_matrix[1][2]   0.00767204 
_atom_sites.fract_transf_matrix[1][3]   0.01239997 
_atom_sites.fract_transf_matrix[2][1]   0.00460848 
_atom_sites.fract_transf_matrix[2][2]   -0.01303184 
_atom_sites.fract_transf_matrix[2][3]   0.00380560 
_atom_sites.fract_transf_matrix[3][1]   0.00863922 
_atom_sites.fract_transf_matrix[3][2]   0.00061359 
_atom_sites.fract_transf_matrix[3][3]   -0.00836067 
_atom_sites.fract_transf_vector[1]      0.080583 
_atom_sites.fract_transf_vector[2]      0.402678 
_atom_sites.fract_transf_vector[3]      -0.051610 
# 
loop_
_atom_type.symbol 
C  
N  
O  
SE 
# 
loop_
_atom_site.group_PDB 
_atom_site.id 
_atom_site.type_symbol 
_atom_site.label_atom_id 
_atom_site.label_alt_id 
_atom_site.label_comp_id 
_atom_site.label_asym_id 
_atom_site.label_entity_id 
_atom_site.label_seq_id 
_atom_site.pdbx_PDB_ins_code 
_atom_site.Cartn_x 
_atom_site.Cartn_y 
_atom_site.Cartn_z 
_atom_site.occupancy 
_atom_site.B_iso_or_equiv 
_atom_site.pdbx_formal_charge 
_atom_site.auth_seq_id 
_atom_site.auth_comp_id 
_atom_site.auth_asym_id 
_atom_site.auth_atom_id 
_atom_site.pdbx_PDB_model_num 
ATOM   1    N  N   . LEU A 1 3   ? 7.972   -20.646 -9.746  1.00 18.94 ? 3   LEU A N   1 
ATOM   2    C  CA  . LEU A 1 3   ? 7.157   -19.603 -10.433 1.00 20.23 ? 3   LEU A CA  1 
ATOM   3    C  C   . LEU A 1 3   ? 7.321   -18.224 -9.807  1.00 18.94 ? 3   LEU A C   1 
ATOM   4    O  O   . LEU A 1 3   ? 7.565   -18.091 -8.608  1.00 19.11 ? 3   LEU A O   1 
ATOM   5    C  CB  . LEU A 1 3   ? 5.674   -19.986 -10.432 1.00 23.22 ? 3   LEU A CB  1 
ATOM   6    C  CG  . LEU A 1 3   ? 5.190   -20.899 -11.560 1.00 26.75 ? 3   LEU A CG  1 
ATOM   7    C  CD1 . LEU A 1 3   ? 5.816   -22.275 -11.421 1.00 27.84 ? 3   LEU A CD1 1 
ATOM   8    C  CD2 . LEU A 1 3   ? 3.671   -20.991 -11.514 1.00 28.39 ? 3   LEU A CD2 1 
ATOM   9    N  N   . GLN A 1 4   ? 7.168   -17.199 -10.634 1.00 17.40 ? 4   GLN A N   1 
ATOM   10   C  CA  . GLN A 1 4   ? 7.308   -15.820 -10.185 1.00 15.08 ? 4   GLN A CA  1 
ATOM   11   C  C   . GLN A 1 4   ? 6.049   -15.376 -9.454  1.00 13.87 ? 4   GLN A C   1 
ATOM   12   O  O   . GLN A 1 4   ? 5.129   -14.789 -10.030 1.00 13.65 ? 4   GLN A O   1 
ATOM   13   C  CB  . GLN A 1 4   ? 7.630   -14.945 -11.398 1.00 14.30 ? 4   GLN A CB  1 
ATOM   14   C  CG  . GLN A 1 4   ? 8.954   -15.380 -12.011 1.00 16.39 ? 4   GLN A CG  1 
ATOM   15   C  CD  . GLN A 1 4   ? 9.401   -14.557 -13.196 1.00 17.43 ? 4   GLN A CD  1 
ATOM   16   O  OE1 . GLN A 1 4   ? 8.920   -13.443 -13.429 1.00 17.28 ? 4   GLN A OE1 1 
ATOM   17   N  NE2 . GLN A 1 4   ? 10.352  -15.096 -13.944 1.00 15.39 ? 4   GLN A NE2 1 
ATOM   18   N  N   . GLN A 1 5   ? 6.046   -15.640 -8.150  1.00 12.51 ? 5   GLN A N   1 
ATOM   19   C  CA  . GLN A 1 5   ? 4.899   -15.358 -7.309  1.00 13.49 ? 5   GLN A CA  1 
ATOM   20   C  C   . GLN A 1 5   ? 5.192   -14.830 -5.910  1.00 13.51 ? 5   GLN A C   1 
ATOM   21   O  O   . GLN A 1 5   ? 6.152   -15.237 -5.256  1.00 13.62 ? 5   GLN A O   1 
ATOM   22   C  CB  . GLN A 1 5   ? 4.067   -16.645 -7.174  1.00 11.48 ? 5   GLN A CB  1 
ATOM   23   C  CG  . GLN A 1 5   ? 2.911   -16.592 -6.174  1.00 13.49 ? 5   GLN A CG  1 
ATOM   24   C  CD  . GLN A 1 5   ? 3.062   -17.608 -5.043  1.00 14.92 ? 5   GLN A CD  1 
ATOM   25   O  OE1 . GLN A 1 5   ? 3.778   -17.377 -4.066  1.00 15.27 ? 5   GLN A OE1 1 
ATOM   26   N  NE2 . GLN A 1 5   ? 2.391   -18.746 -5.182  1.00 15.93 ? 5   GLN A NE2 1 
ATOM   27   N  N   . VAL A 1 6   ? 4.346   -13.906 -5.475  1.00 14.49 ? 6   VAL A N   1 
ATOM   28   C  CA  . VAL A 1 6   ? 4.396   -13.367 -4.123  1.00 13.13 ? 6   VAL A CA  1 
ATOM   29   C  C   . VAL A 1 6   ? 2.991   -13.697 -3.666  1.00 12.48 ? 6   VAL A C   1 
ATOM   30   O  O   . VAL A 1 6   ? 2.026   -13.305 -4.318  1.00 12.55 ? 6   VAL A O   1 
ATOM   31   C  CB  . VAL A 1 6   ? 4.613   -11.841 -4.081  1.00 14.06 ? 6   VAL A CB  1 
ATOM   32   C  CG1 . VAL A 1 6   ? 4.288   -11.307 -2.682  1.00 15.85 ? 6   VAL A CG1 1 
ATOM   33   C  CG2 . VAL A 1 6   ? 6.062   -11.522 -4.419  1.00 15.31 ? 6   VAL A CG2 1 
ATOM   34   N  N   . ALA A 1 7   ? 2.874   -14.443 -2.571  1.00 10.64 ? 7   ALA A N   1 
ATOM   35   C  CA  . ALA A 1 7   ? 1.583   -14.854 -2.039  1.00 9.60  ? 7   ALA A CA  1 
ATOM   36   C  C   . ALA A 1 7   ? 1.017   -13.854 -1.038  1.00 10.37 ? 7   ALA A C   1 
ATOM   37   O  O   . ALA A 1 7   ? -0.194  -13.640 -0.966  1.00 9.72  ? 7   ALA A O   1 
ATOM   38   C  CB  . ALA A 1 7   ? 1.717   -16.223 -1.371  1.00 11.24 ? 7   ALA A CB  1 
ATOM   39   N  N   . VAL A 1 8   ? 1.901   -13.249 -0.251  1.00 10.61 ? 8   VAL A N   1 
ATOM   40   C  CA  . VAL A 1 8   ? 1.479   -12.292 0.764   1.00 9.19  ? 8   VAL A CA  1 
ATOM   41   C  C   . VAL A 1 8   ? 2.512   -11.203 0.960   1.00 9.89  ? 8   VAL A C   1 
ATOM   42   O  O   . VAL A 1 8   ? 3.710   -11.481 0.942   1.00 9.78  ? 8   VAL A O   1 
ATOM   43   C  CB  . VAL A 1 8   ? 1.320   -12.967 2.156   1.00 9.56  ? 8   VAL A CB  1 
ATOM   44   C  CG1 . VAL A 1 8   ? 0.737   -11.986 3.151   1.00 9.13  ? 8   VAL A CG1 1 
ATOM   45   C  CG2 . VAL A 1 8   ? 0.469   -14.213 2.056   1.00 12.61 ? 8   VAL A CG2 1 
ATOM   46   N  N   . ILE A 1 9   ? 2.042   -9.968  1.114   1.00 8.84  ? 9   ILE A N   1 
ATOM   47   C  CA  . ILE A 1 9   ? 2.915   -8.840  1.427   1.00 7.82  ? 9   ILE A CA  1 
ATOM   48   C  C   . ILE A 1 9   ? 2.509   -8.566  2.867   1.00 8.10  ? 9   ILE A C   1 
ATOM   49   O  O   . ILE A 1 9   ? 1.353   -8.240  3.133   1.00 8.53  ? 9   ILE A O   1 
ATOM   50   C  CB  . ILE A 1 9   ? 2.601   -7.550  0.633   1.00 8.39  ? 9   ILE A CB  1 
ATOM   51   C  CG1 . ILE A 1 9   ? 2.846   -7.766  -0.855  1.00 10.50 ? 9   ILE A CG1 1 
ATOM   52   C  CG2 . ILE A 1 9   ? 3.455   -6.389  1.173   1.00 8.56  ? 9   ILE A CG2 1 
ATOM   53   C  CD1 . ILE A 1 9   ? 2.481   -6.557  -1.707  1.00 11.27 ? 9   ILE A CD1 1 
ATOM   54   N  N   . THR A 1 10  ? 3.429   -8.726  3.805   1.00 7.16  ? 10  THR A N   1 
ATOM   55   C  CA  . THR A 1 10  ? 3.093   -8.479  5.199   1.00 8.27  ? 10  THR A CA  1 
ATOM   56   C  C   . THR A 1 10  ? 3.802   -7.242  5.702   1.00 9.40  ? 10  THR A C   1 
ATOM   57   O  O   . THR A 1 10  ? 5.023   -7.137  5.618   1.00 9.70  ? 10  THR A O   1 
ATOM   58   C  CB  . THR A 1 10  ? 3.494   -9.663  6.093   1.00 9.43  ? 10  THR A CB  1 
ATOM   59   O  OG1 . THR A 1 10  ? 2.753   -10.822 5.702   1.00 10.39 ? 10  THR A OG1 1 
ATOM   60   C  CG2 . THR A 1 10  ? 3.190   -9.368  7.556   1.00 11.73 ? 10  THR A CG2 1 
ATOM   61   N  N   . LEU A 1 11  ? 3.023   -6.299  6.213   1.00 8.50  ? 11  LEU A N   1 
ATOM   62   C  CA  . LEU A 1 11  ? 3.578   -5.069  6.763   1.00 9.67  ? 11  LEU A CA  1 
ATOM   63   C  C   . LEU A 1 11  ? 3.441   -5.121  8.269   1.00 9.79  ? 11  LEU A C   1 
ATOM   64   O  O   . LEU A 1 11  ? 2.367   -5.437  8.777   1.00 9.96  ? 11  LEU A O   1 
ATOM   65   C  CB  . LEU A 1 11  ? 2.819   -3.848  6.243   1.00 9.01  ? 11  LEU A CB  1 
ATOM   66   C  CG  . LEU A 1 11  ? 2.783   -3.702  4.720   1.00 8.89  ? 11  LEU A CG  1 
ATOM   67   C  CD1 . LEU A 1 11  ? 1.933   -2.497  4.333   1.00 10.43 ? 11  LEU A CD1 1 
ATOM   68   C  CD2 . LEU A 1 11  ? 4.213   -3.557  4.195   1.00 11.64 ? 11  LEU A CD2 1 
ATOM   69   N  N   . GLY A 1 12  ? 4.523   -4.813  8.981   1.00 9.66  ? 12  GLY A N   1 
ATOM   70   C  CA  . GLY A 1 12  ? 4.474   -4.796  10.433  1.00 11.62 ? 12  GLY A CA  1 
ATOM   71   C  C   . GLY A 1 12  ? 3.889   -3.463  10.862  1.00 12.26 ? 12  GLY A C   1 
ATOM   72   O  O   . GLY A 1 12  ? 4.319   -2.414  10.384  1.00 13.18 ? 12  GLY A O   1 
ATOM   73   N  N   . ILE A 1 13  ? 2.908   -3.497  11.762  1.00 12.94 ? 13  ILE A N   1 
ATOM   74   C  CA  . ILE A 1 13  ? 2.253   -2.278  12.228  1.00 13.97 ? 13  ILE A CA  1 
ATOM   75   C  C   . ILE A 1 13  ? 2.193   -2.190  13.750  1.00 14.18 ? 13  ILE A C   1 
ATOM   76   O  O   . ILE A 1 13  ? 2.406   -3.177  14.444  1.00 14.38 ? 13  ILE A O   1 
ATOM   77   C  CB  . ILE A 1 13  ? 0.820   -2.187  11.660  1.00 13.46 ? 13  ILE A CB  1 
ATOM   78   C  CG1 . ILE A 1 13  ? -0.009  -3.374  12.154  1.00 12.37 ? 13  ILE A CG1 1 
ATOM   79   C  CG2 . ILE A 1 13  ? 0.874   -2.168  10.125  1.00 12.25 ? 13  ILE A CG2 1 
ATOM   80   C  CD1 . ILE A 1 13  ? -1.508  -3.206  11.951  1.00 14.35 ? 13  ILE A CD1 1 
ATOM   81   N  N   . GLY A 1 14  ? 1.890   -1.001  14.260  1.00 15.77 ? 14  GLY A N   1 
ATOM   82   C  CA  . GLY A 1 14  ? 1.821   -0.823  15.700  1.00 18.78 ? 14  GLY A CA  1 
ATOM   83   C  C   . GLY A 1 14  ? 0.417   -0.794  16.270  1.00 19.66 ? 14  GLY A C   1 
ATOM   84   O  O   . GLY A 1 14  ? 0.208   -1.180  17.420  1.00 22.17 ? 14  GLY A O   1 
ATOM   85   N  N   . ASP A 1 15  ? -0.549  -0.351  15.472  1.00 20.78 ? 15  ASP A N   1 
ATOM   86   C  CA  . ASP A 1 15  ? -1.933  -0.256  15.927  1.00 21.55 ? 15  ASP A CA  1 
ATOM   87   C  C   . ASP A 1 15  ? -2.919  -0.635  14.825  1.00 20.63 ? 15  ASP A C   1 
ATOM   88   O  O   . ASP A 1 15  ? -2.967  0.015   13.780  1.00 20.34 ? 15  ASP A O   1 
ATOM   89   C  CB  . ASP A 1 15  ? -2.219  1.173   16.392  1.00 23.15 ? 15  ASP A CB  1 
ATOM   90   C  CG  . ASP A 1 15  ? -3.587  1.319   17.020  1.00 25.13 ? 15  ASP A CG  1 
ATOM   91   O  OD1 . ASP A 1 15  ? -3.760  0.886   18.180  1.00 28.50 ? 15  ASP A OD1 1 
ATOM   92   O  OD2 . ASP A 1 15  ? -4.492  1.863   16.352  1.00 25.53 ? 15  ASP A OD2 1 
ATOM   93   N  N   . LEU A 1 16  ? -3.716  -1.674  15.066  1.00 20.92 ? 16  LEU A N   1 
ATOM   94   C  CA  . LEU A 1 16  ? -4.692  -2.132  14.079  1.00 20.52 ? 16  LEU A CA  1 
ATOM   95   C  C   . LEU A 1 16  ? -5.743  -1.106  13.680  1.00 21.57 ? 16  LEU A C   1 
ATOM   96   O  O   . LEU A 1 16  ? -6.081  -0.986  12.503  1.00 21.12 ? 16  LEU A O   1 
ATOM   97   C  CB  . LEU A 1 16  ? -5.411  -3.391  14.565  1.00 21.90 ? 16  LEU A CB  1 
ATOM   98   C  CG  . LEU A 1 16  ? -4.870  -4.727  14.061  1.00 21.92 ? 16  LEU A CG  1 
ATOM   99   C  CD1 . LEU A 1 16  ? -3.513  -4.994  14.677  1.00 23.39 ? 16  LEU A CD1 1 
ATOM   100  C  CD2 . LEU A 1 16  ? -5.848  -5.834  14.421  1.00 22.22 ? 16  LEU A CD2 1 
ATOM   101  N  N   . GLU A 1 17  ? -6.276  -0.374  14.653  1.00 21.67 ? 17  GLU A N   1 
ATOM   102  C  CA  . GLU A 1 17  ? -7.300  0.608   14.339  1.00 21.57 ? 17  GLU A CA  1 
ATOM   103  C  C   . GLU A 1 17  ? -6.763  1.704   13.422  1.00 19.41 ? 17  GLU A C   1 
ATOM   104  O  O   . GLU A 1 17  ? -7.420  2.084   12.450  1.00 20.19 ? 17  GLU A O   1 
ATOM   105  C  CB  . GLU A 1 17  ? -7.870  1.218   15.625  1.00 23.35 ? 17  GLU A CB  1 
ATOM   106  C  CG  . GLU A 1 17  ? -9.119  2.057   15.396  1.00 28.51 ? 17  GLU A CG  1 
ATOM   107  C  CD  . GLU A 1 17  ? -9.788  2.483   16.690  1.00 31.15 ? 17  GLU A CD  1 
ATOM   108  O  OE1 . GLU A 1 17  ? -9.142  3.191   17.491  1.00 34.33 ? 17  GLU A OE1 1 
ATOM   109  O  OE2 . GLU A 1 17  ? -10.961 2.108   16.902  1.00 33.25 ? 17  GLU A OE2 1 
ATOM   110  N  N   . ALA A 1 18  ? -5.566  2.199   13.722  1.00 19.67 ? 18  ALA A N   1 
ATOM   111  C  CA  . ALA A 1 18  ? -4.954  3.252   12.914  1.00 19.00 ? 18  ALA A CA  1 
ATOM   112  C  C   . ALA A 1 18  ? -4.684  2.740   11.497  1.00 17.39 ? 18  ALA A C   1 
ATOM   113  O  O   . ALA A 1 18  ? -4.917  3.441   10.512  1.00 17.56 ? 18  ALA A O   1 
ATOM   114  C  CB  . ALA A 1 18  ? -3.653  3.726   13.564  1.00 19.51 ? 18  ALA A CB  1 
ATOM   115  N  N   . SER A 1 19  ? -4.198  1.507   11.407  1.00 17.72 ? 19  SER A N   1 
ATOM   116  C  CA  . SER A 1 19  ? -3.901  0.898   10.114  1.00 16.05 ? 19  SER A CA  1 
ATOM   117  C  C   . SER A 1 19  ? -5.195  0.645   9.338   1.00 15.47 ? 19  SER A C   1 
ATOM   118  O  O   . SER A 1 19  ? -5.286  0.954   8.151   1.00 15.33 ? 19  SER A O   1 
ATOM   119  C  CB  . SER A 1 19  ? -3.148  -0.415  10.326  1.00 15.19 ? 19  SER A CB  1 
ATOM   120  O  OG  . SER A 1 19  ? -2.684  -0.936  9.092   1.00 13.76 ? 19  SER A OG  1 
ATOM   121  N  N   . ALA A 1 20  ? -6.198  0.092   10.016  1.00 15.80 ? 20  ALA A N   1 
ATOM   122  C  CA  . ALA A 1 20  ? -7.484  -0.186  9.383   1.00 17.08 ? 20  ALA A CA  1 
ATOM   123  C  C   . ALA A 1 20  ? -8.132  1.096   8.853   1.00 16.01 ? 20  ALA A C   1 
ATOM   124  O  O   . ALA A 1 20  ? -8.824  1.074   7.836   1.00 16.74 ? 20  ALA A O   1 
ATOM   125  C  CB  . ALA A 1 20  ? -8.417  -0.876  10.373  1.00 16.50 ? 20  ALA A CB  1 
ATOM   126  N  N   . ARG A 1 21  ? -7.912  2.207   9.552   1.00 17.74 ? 21  ARG A N   1 
ATOM   127  C  CA  . ARG A 1 21  ? -8.464  3.491   9.133   1.00 18.23 ? 21  ARG A CA  1 
ATOM   128  C  C   . ARG A 1 21  ? -7.837  3.939   7.812   1.00 16.40 ? 21  ARG A C   1 
ATOM   129  O  O   . ARG A 1 21  ? -8.536  4.375   6.896   1.00 18.07 ? 21  ARG A O   1 
ATOM   130  C  CB  . ARG A 1 21  ? -8.210  4.555   10.207  1.00 19.62 ? 21  ARG A CB  1 
ATOM   131  C  CG  . ARG A 1 21  ? -8.709  5.936   9.828   1.00 21.94 ? 21  ARG A CG  1 
ATOM   132  C  CD  . ARG A 1 21  ? -8.117  7.000   10.736  1.00 24.75 ? 21  ARG A CD  1 
ATOM   133  N  NE  . ARG A 1 21  ? -8.452  8.348   10.290  1.00 26.41 ? 21  ARG A NE  1 
ATOM   134  C  CZ  . ARG A 1 21  ? -7.827  9.444   10.705  1.00 28.48 ? 21  ARG A CZ  1 
ATOM   135  N  NH1 . ARG A 1 21  ? -6.831  9.350   11.577  1.00 28.98 ? 21  ARG A NH1 1 
ATOM   136  N  NH2 . ARG A 1 21  ? -8.193  10.636  10.249  1.00 29.40 ? 21  ARG A NH2 1 
ATOM   137  N  N   . PHE A 1 22  ? -6.515  3.825   7.724   1.00 15.89 ? 22  PHE A N   1 
ATOM   138  C  CA  . PHE A 1 22  ? -5.794  4.208   6.518   1.00 15.61 ? 22  PHE A CA  1 
ATOM   139  C  C   . PHE A 1 22  ? -6.224  3.378   5.311   1.00 14.88 ? 22  PHE A C   1 
ATOM   140  O  O   . PHE A 1 22  ? -6.585  3.920   4.269   1.00 14.84 ? 22  PHE A O   1 
ATOM   141  C  CB  . PHE A 1 22  ? -4.285  4.045   6.723   1.00 16.20 ? 22  PHE A CB  1 
ATOM   142  C  CG  . PHE A 1 22  ? -3.462  4.428   5.520   1.00 15.89 ? 22  PHE A CG  1 
ATOM   143  C  CD1 . PHE A 1 22  ? -3.246  5.767   5.203   1.00 15.63 ? 22  PHE A CD1 1 
ATOM   144  C  CD2 . PHE A 1 22  ? -2.905  3.448   4.696   1.00 14.80 ? 22  PHE A CD2 1 
ATOM   145  C  CE1 . PHE A 1 22  ? -2.488  6.129   4.089   1.00 16.31 ? 22  PHE A CE1 1 
ATOM   146  C  CE2 . PHE A 1 22  ? -2.145  3.802   3.577   1.00 15.92 ? 22  PHE A CE2 1 
ATOM   147  C  CZ  . PHE A 1 22  ? -1.936  5.145   3.275   1.00 15.89 ? 22  PHE A CZ  1 
ATOM   148  N  N   . TYR A 1 23  ? -6.195  2.056   5.450   1.00 14.34 ? 23  TYR A N   1 
ATOM   149  C  CA  . TYR A 1 23  ? -6.561  1.195   4.332   1.00 14.10 ? 23  TYR A CA  1 
ATOM   150  C  C   . TYR A 1 23  ? -8.056  1.170   4.053   1.00 14.83 ? 23  TYR A C   1 
ATOM   151  O  O   . TYR A 1 23  ? -8.472  1.065   2.899   1.00 14.19 ? 23  TYR A O   1 
ATOM   152  C  CB  . TYR A 1 23  ? -6.000  -0.221  4.560   1.00 12.48 ? 23  TYR A CB  1 
ATOM   153  C  CG  . TYR A 1 23  ? -4.484  -0.218  4.475   1.00 11.28 ? 23  TYR A CG  1 
ATOM   154  C  CD1 . TYR A 1 23  ? -3.842  -0.014  3.256   1.00 10.53 ? 23  TYR A CD1 1 
ATOM   155  C  CD2 . TYR A 1 23  ? -3.707  -0.287  5.622   1.00 9.87  ? 23  TYR A CD2 1 
ATOM   156  C  CE1 . TYR A 1 23  ? -2.465  0.133   3.183   1.00 10.67 ? 23  TYR A CE1 1 
ATOM   157  C  CE2 . TYR A 1 23  ? -2.325  -0.134  5.569   1.00 10.43 ? 23  TYR A CE2 1 
ATOM   158  C  CZ  . TYR A 1 23  ? -1.711  0.082   4.342   1.00 9.31  ? 23  TYR A CZ  1 
ATOM   159  O  OH  . TYR A 1 23  ? -0.352  0.293   4.285   1.00 10.66 ? 23  TYR A OH  1 
ATOM   160  N  N   . GLY A 1 24  ? -8.861  1.311   5.102   1.00 15.88 ? 24  GLY A N   1 
ATOM   161  C  CA  . GLY A 1 24  ? -10.303 1.302   4.925   1.00 17.83 ? 24  GLY A CA  1 
ATOM   162  C  C   . GLY A 1 24  ? -10.896 2.628   4.481   1.00 18.22 ? 24  GLY A C   1 
ATOM   163  O  O   . GLY A 1 24  ? -11.573 2.695   3.455   1.00 20.76 ? 24  GLY A O   1 
ATOM   164  N  N   . GLU A 1 25  ? -10.644 3.685   5.246   1.00 20.10 ? 25  GLU A N   1 
ATOM   165  C  CA  . GLU A 1 25  ? -11.173 5.006   4.918   1.00 20.97 ? 25  GLU A CA  1 
ATOM   166  C  C   . GLU A 1 25  ? -10.336 5.742   3.878   1.00 20.31 ? 25  GLU A C   1 
ATOM   167  O  O   . GLU A 1 25  ? -10.850 6.586   3.140   1.00 21.97 ? 25  GLU A O   1 
ATOM   168  C  CB  . GLU A 1 25  ? -11.285 5.857   6.184   1.00 22.59 ? 25  GLU A CB  1 
ATOM   169  C  CG  . GLU A 1 25  ? -12.306 5.339   7.184   1.00 26.82 ? 25  GLU A CG  1 
ATOM   170  C  CD  . GLU A 1 25  ? -12.362 6.175   8.448   1.00 29.13 ? 25  GLU A CD  1 
ATOM   171  O  OE1 . GLU A 1 25  ? -12.553 7.404   8.339   1.00 30.36 ? 25  GLU A OE1 1 
ATOM   172  O  OE2 . GLU A 1 25  ? -12.220 5.602   9.551   1.00 32.40 ? 25  GLU A OE2 1 
ATOM   173  N  N   . GLY A 1 26  ? -9.046  5.425   3.824   1.00 19.53 ? 26  GLY A N   1 
ATOM   174  C  CA  . GLY A 1 26  ? -8.170  6.069   2.864   1.00 18.10 ? 26  GLY A CA  1 
ATOM   175  C  C   . GLY A 1 26  ? -8.244  5.410   1.499   1.00 17.52 ? 26  GLY A C   1 
ATOM   176  O  O   . GLY A 1 26  ? -8.633  6.043   0.519   1.00 16.90 ? 26  GLY A O   1 
ATOM   177  N  N   . PHE A 1 27  ? -7.884  4.130   1.428   1.00 16.25 ? 27  PHE A N   1 
ATOM   178  C  CA  . PHE A 1 27  ? -7.919  3.408   0.157   1.00 16.11 ? 27  PHE A CA  1 
ATOM   179  C  C   . PHE A 1 27  ? -9.300  2.879   -0.216  1.00 15.59 ? 27  PHE A C   1 
ATOM   180  O  O   . PHE A 1 27  ? -9.569  2.619   -1.387  1.00 17.47 ? 27  PHE A O   1 
ATOM   181  C  CB  . PHE A 1 27  ? -6.942  2.227   0.179   1.00 12.09 ? 27  PHE A CB  1 
ATOM   182  C  CG  . PHE A 1 27  ? -5.566  2.552   -0.344  1.00 10.58 ? 27  PHE A CG  1 
ATOM   183  C  CD1 . PHE A 1 27  ? -4.453  2.438   0.481   1.00 12.01 ? 27  PHE A CD1 1 
ATOM   184  C  CD2 . PHE A 1 27  ? -5.383  2.941   -1.668  1.00 12.23 ? 27  PHE A CD2 1 
ATOM   185  C  CE1 . PHE A 1 27  ? -3.173  2.705   -0.007  1.00 10.85 ? 27  PHE A CE1 1 
ATOM   186  C  CE2 . PHE A 1 27  ? -4.109  3.210   -2.169  1.00 11.74 ? 27  PHE A CE2 1 
ATOM   187  C  CZ  . PHE A 1 27  ? -3.002  3.089   -1.333  1.00 11.60 ? 27  PHE A CZ  1 
ATOM   188  N  N   . GLY A 1 28  ? -10.166 2.714   0.779   1.00 16.65 ? 28  GLY A N   1 
ATOM   189  C  CA  . GLY A 1 28  ? -11.498 2.198   0.513   1.00 16.47 ? 28  GLY A CA  1 
ATOM   190  C  C   . GLY A 1 28  ? -11.506 0.682   0.423   1.00 16.86 ? 28  GLY A C   1 
ATOM   191  O  O   . GLY A 1 28  ? -12.400 0.092   -0.182  1.00 16.98 ? 28  GLY A O   1 
ATOM   192  N  N   . TRP A 1 29  ? -10.508 0.048   1.032   1.00 15.50 ? 29  TRP A N   1 
ATOM   193  C  CA  . TRP A 1 29  ? -10.408 -1.407  1.005   1.00 14.47 ? 29  TRP A CA  1 
ATOM   194  C  C   . TRP A 1 29  ? -11.091 -2.051  2.202   1.00 15.35 ? 29  TRP A C   1 
ATOM   195  O  O   . TRP A 1 29  ? -11.183 -1.462  3.278   1.00 18.69 ? 29  TRP A O   1 
ATOM   196  C  CB  . TRP A 1 29  ? -8.938  -1.828  0.957   1.00 13.63 ? 29  TRP A CB  1 
ATOM   197  C  CG  . TRP A 1 29  ? -8.203  -1.259  -0.216  1.00 11.13 ? 29  TRP A CG  1 
ATOM   198  C  CD1 . TRP A 1 29  ? -8.752  -0.722  -1.345  1.00 11.53 ? 29  TRP A CD1 1 
ATOM   199  C  CD2 . TRP A 1 29  ? -6.779  -1.200  -0.400  1.00 12.27 ? 29  TRP A CD2 1 
ATOM   200  N  NE1 . TRP A 1 29  ? -7.767  -0.336  -2.220  1.00 12.73 ? 29  TRP A NE1 1 
ATOM   201  C  CE2 . TRP A 1 29  ? -6.546  -0.615  -1.665  1.00 11.82 ? 29  TRP A CE2 1 
ATOM   202  C  CE3 . TRP A 1 29  ? -5.679  -1.584  0.382   1.00 12.25 ? 29  TRP A CE3 1 
ATOM   203  C  CZ2 . TRP A 1 29  ? -5.261  -0.401  -2.166  1.00 11.68 ? 29  TRP A CZ2 1 
ATOM   204  C  CZ3 . TRP A 1 29  ? -4.394  -1.370  -0.123  1.00 11.19 ? 29  TRP A CZ3 1 
ATOM   205  C  CH2 . TRP A 1 29  ? -4.201  -0.784  -1.382  1.00 10.27 ? 29  TRP A CH2 1 
ATOM   206  N  N   . ALA A 1 30  ? -11.583 -3.267  2.005   1.00 14.70 ? 30  ALA A N   1 
ATOM   207  C  CA  . ALA A 1 30  ? -12.260 -3.985  3.070   1.00 15.86 ? 30  ALA A CA  1 
ATOM   208  C  C   . ALA A 1 30  ? -11.507 -5.273  3.364   1.00 14.27 ? 30  ALA A C   1 
ATOM   209  O  O   . ALA A 1 30  ? -11.038 -5.952  2.455   1.00 14.76 ? 30  ALA A O   1 
ATOM   210  C  CB  . ALA A 1 30  ? -13.698 -4.286  2.670   1.00 17.18 ? 30  ALA A CB  1 
ATOM   211  N  N   . PRO A 1 31  ? -11.370 -5.612  4.648   1.00 14.28 ? 31  PRO A N   1 
ATOM   212  C  CA  . PRO A 1 31  ? -10.657 -6.837  5.013   1.00 13.68 ? 31  PRO A CA  1 
ATOM   213  C  C   . PRO A 1 31  ? -11.435 -8.099  4.676   1.00 13.46 ? 31  PRO A C   1 
ATOM   214  O  O   . PRO A 1 31  ? -12.668 -8.081  4.608   1.00 14.36 ? 31  PRO A O   1 
ATOM   215  C  CB  . PRO A 1 31  ? -10.470 -6.693  6.524   1.00 14.86 ? 31  PRO A CB  1 
ATOM   216  C  CG  . PRO A 1 31  ? -10.495 -5.208  6.750   1.00 17.88 ? 31  PRO A CG  1 
ATOM   217  C  CD  . PRO A 1 31  ? -11.605 -4.769  5.833   1.00 16.53 ? 31  PRO A CD  1 
ATOM   218  N  N   . VAL A 1 32  ? -10.707 -9.190  4.451   1.00 12.90 ? 32  VAL A N   1 
ATOM   219  C  CA  . VAL A 1 32  ? -11.318 -10.490 4.201   1.00 12.50 ? 32  VAL A CA  1 
ATOM   220  C  C   . VAL A 1 32  ? -11.169 -11.269 5.521   1.00 12.78 ? 32  VAL A C   1 
ATOM   221  O  O   . VAL A 1 32  ? -11.920 -12.206 5.797   1.00 13.79 ? 32  VAL A O   1 
ATOM   222  C  CB  . VAL A 1 32  ? -10.622 -11.246 3.033   1.00 14.06 ? 32  VAL A CB  1 
ATOM   223  C  CG1 . VAL A 1 32  ? -9.164  -11.515 3.362   1.00 14.28 ? 32  VAL A CG1 1 
ATOM   224  C  CG2 . VAL A 1 32  ? -11.342 -12.547 2.751   1.00 17.20 ? 32  VAL A CG2 1 
ATOM   225  N  N   . PHE A 1 33  ? -10.202 -10.857 6.339   1.00 10.25 ? 33  PHE A N   1 
ATOM   226  C  CA  . PHE A 1 33  ? -9.960  -11.470 7.638   1.00 11.84 ? 33  PHE A CA  1 
ATOM   227  C  C   . PHE A 1 33  ? -9.438  -10.446 8.637   1.00 12.38 ? 33  PHE A C   1 
ATOM   228  O  O   . PHE A 1 33  ? -8.679  -9.543  8.283   1.00 10.70 ? 33  PHE A O   1 
ATOM   229  C  CB  . PHE A 1 33  ? -8.929  -12.602 7.546   1.00 12.21 ? 33  PHE A CB  1 
ATOM   230  C  CG  . PHE A 1 33  ? -8.633  -13.253 8.875   1.00 12.82 ? 33  PHE A CG  1 
ATOM   231  C  CD1 . PHE A 1 33  ? -9.382  -14.343 9.314   1.00 14.58 ? 33  PHE A CD1 1 
ATOM   232  C  CD2 . PHE A 1 33  ? -7.645  -12.741 9.715   1.00 15.20 ? 33  PHE A CD2 1 
ATOM   233  C  CE1 . PHE A 1 33  ? -9.152  -14.912 10.574  1.00 15.39 ? 33  PHE A CE1 1 
ATOM   234  C  CE2 . PHE A 1 33  ? -7.408  -13.298 10.973  1.00 14.57 ? 33  PHE A CE2 1 
ATOM   235  C  CZ  . PHE A 1 33  ? -8.165  -14.389 11.405  1.00 15.21 ? 33  PHE A CZ  1 
ATOM   236  N  N   . ARG A 1 34  ? -9.853  -10.588 9.890   1.00 14.57 ? 34  ARG A N   1 
ATOM   237  C  CA  . ARG A 1 34  ? -9.382  -9.705  10.935  1.00 14.56 ? 34  ARG A CA  1 
ATOM   238  C  C   . ARG A 1 34  ? -9.531  -10.294 12.321  1.00 15.24 ? 34  ARG A C   1 
ATOM   239  O  O   . ARG A 1 34  ? -10.542 -10.911 12.636  1.00 14.33 ? 34  ARG A O   1 
ATOM   240  C  CB  . ARG A 1 34  ? -10.118 -8.366  10.903  1.00 16.73 ? 34  ARG A CB  1 
ATOM   241  C  CG  . ARG A 1 34  ? -9.801  -7.503  12.115  1.00 17.87 ? 34  ARG A CG  1 
ATOM   242  C  CD  . ARG A 1 34  ? -10.396 -6.115  12.021  1.00 21.54 ? 34  ARG A CD  1 
ATOM   243  N  NE  . ARG A 1 34  ? -10.023 -5.321  13.188  1.00 23.67 ? 34  ARG A NE  1 
ATOM   244  C  CZ  . ARG A 1 34  ? -10.282 -4.026  13.329  1.00 24.74 ? 34  ARG A CZ  1 
ATOM   245  N  NH1 . ARG A 1 34  ? -10.919 -3.368  12.371  1.00 26.63 ? 34  ARG A NH1 1 
ATOM   246  N  NH2 . ARG A 1 34  ? -9.901  -3.388  14.429  1.00 27.26 ? 34  ARG A NH2 1 
ATOM   247  N  N   . ASN A 1 35  ? -8.498  -10.119 13.136  1.00 14.83 ? 35  ASN A N   1 
ATOM   248  C  CA  . ASN A 1 35  ? -8.535  -10.543 14.526  1.00 16.31 ? 35  ASN A CA  1 
ATOM   249  C  C   . ASN A 1 35  ? -7.695  -9.506  15.274  1.00 16.71 ? 35  ASN A C   1 
ATOM   250  O  O   . ASN A 1 35  ? -7.144  -8.597  14.656  1.00 15.86 ? 35  ASN A O   1 
ATOM   251  C  CB  . ASN A 1 35  ? -8.036  -11.989 14.720  1.00 17.16 ? 35  ASN A CB  1 
ATOM   252  C  CG  . ASN A 1 35  ? -6.562  -12.162 14.445  1.00 18.44 ? 35  ASN A CG  1 
ATOM   253  O  OD1 . ASN A 1 35  ? -5.785  -11.218 14.509  1.00 18.30 ? 35  ASN A OD1 1 
ATOM   254  N  ND2 . ASN A 1 35  ? -6.164  -13.398 14.165  1.00 21.21 ? 35  ASN A ND2 1 
ATOM   255  N  N   . PRO A 1 36  ? -7.603  -9.598  16.607  1.00 17.41 ? 36  PRO A N   1 
ATOM   256  C  CA  . PRO A 1 36  ? -6.816  -8.609  17.353  1.00 18.25 ? 36  PRO A CA  1 
ATOM   257  C  C   . PRO A 1 36  ? -5.353  -8.371  16.978  1.00 16.57 ? 36  PRO A C   1 
ATOM   258  O  O   . PRO A 1 36  ? -4.767  -7.378  17.409  1.00 17.21 ? 36  PRO A O   1 
ATOM   259  C  CB  . PRO A 1 36  ? -6.968  -9.078  18.798  1.00 19.52 ? 36  PRO A CB  1 
ATOM   260  C  CG  . PRO A 1 36  ? -8.348  -9.651  18.804  1.00 20.49 ? 36  PRO A CG  1 
ATOM   261  C  CD  . PRO A 1 36  ? -8.363  -10.463 17.529  1.00 20.05 ? 36  PRO A CD  1 
ATOM   262  N  N   . GLU A 1 37  ? -4.756  -9.254  16.182  1.00 16.83 ? 37  GLU A N   1 
ATOM   263  C  CA  . GLU A 1 37  ? -3.355  -9.059  15.820  1.00 15.67 ? 37  GLU A CA  1 
ATOM   264  C  C   . GLU A 1 37  ? -3.039  -8.924  14.335  1.00 14.56 ? 37  GLU A C   1 
ATOM   265  O  O   . GLU A 1 37  ? -1.946  -8.485  13.981  1.00 15.45 ? 37  GLU A O   1 
ATOM   266  C  CB  . GLU A 1 37  ? -2.491  -10.183 16.407  1.00 19.13 ? 37  GLU A CB  1 
ATOM   267  C  CG  . GLU A 1 37  ? -2.658  -11.533 15.738  1.00 22.78 ? 37  GLU A CG  1 
ATOM   268  C  CD  . GLU A 1 37  ? -1.765  -12.601 16.349  1.00 25.52 ? 37  GLU A CD  1 
ATOM   269  O  OE1 . GLU A 1 37  ? -1.972  -12.933 17.536  1.00 26.74 ? 37  GLU A OE1 1 
ATOM   270  O  OE2 . GLU A 1 37  ? -0.857  -13.104 15.647  1.00 24.81 ? 37  GLU A OE2 1 
ATOM   271  N  N   . ILE A 1 38  ? -3.973  -9.281  13.463  1.00 12.22 ? 38  ILE A N   1 
ATOM   272  C  CA  . ILE A 1 38  ? -3.689  -9.205  12.034  1.00 11.28 ? 38  ILE A CA  1 
ATOM   273  C  C   . ILE A 1 38  ? -4.921  -8.921  11.186  1.00 10.59 ? 38  ILE A C   1 
ATOM   274  O  O   . ILE A 1 38  ? -6.047  -9.247  11.573  1.00 11.85 ? 38  ILE A O   1 
ATOM   275  C  CB  . ILE A 1 38  ? -3.039  -10.537 11.560  1.00 11.50 ? 38  ILE A CB  1 
ATOM   276  C  CG1 . ILE A 1 38  ? -2.358  -10.368 10.201  1.00 10.25 ? 38  ILE A CG1 1 
ATOM   277  C  CG2 . ILE A 1 38  ? -4.091  -11.634 11.489  1.00 12.83 ? 38  ILE A CG2 1 
ATOM   278  C  CD1 . ILE A 1 38  ? -1.437  -11.553 9.838   1.00 12.33 ? 38  ILE A CD1 1 
ATOM   279  N  N   . ILE A 1 39  ? -4.698  -8.298  10.036  1.00 10.53 ? 39  ILE A N   1 
ATOM   280  C  CA  . ILE A 1 39  ? -5.760  -8.012  9.085   1.00 10.03 ? 39  ILE A CA  1 
ATOM   281  C  C   . ILE A 1 39  ? -5.272  -8.432  7.704   1.00 8.94  ? 39  ILE A C   1 
ATOM   282  O  O   . ILE A 1 39  ? -4.126  -8.156  7.338   1.00 10.02 ? 39  ILE A O   1 
ATOM   283  C  CB  . ILE A 1 39  ? -6.124  -6.511  9.040   1.00 10.38 ? 39  ILE A CB  1 
ATOM   284  C  CG1 . ILE A 1 39  ? -6.681  -6.075  10.398  1.00 13.66 ? 39  ILE A CG1 1 
ATOM   285  C  CG2 . ILE A 1 39  ? -7.142  -6.256  7.934   1.00 12.25 ? 39  ILE A CG2 1 
ATOM   286  C  CD1 . ILE A 1 39  ? -6.993  -4.595  10.493  1.00 13.90 ? 39  ILE A CD1 1 
ATOM   287  N  N   . PHE A 1 40  ? -6.129  -9.124  6.959   1.00 9.36  ? 40  PHE A N   1 
ATOM   288  C  CA  . PHE A 1 40  ? -5.803  -9.552  5.602   1.00 8.80  ? 40  PHE A CA  1 
ATOM   289  C  C   . PHE A 1 40  ? -6.751  -8.888  4.617   1.00 10.23 ? 40  PHE A C   1 
ATOM   290  O  O   . PHE A 1 40  ? -7.961  -8.815  4.864   1.00 9.66  ? 40  PHE A O   1 
ATOM   291  C  CB  . PHE A 1 40  ? -5.975  -11.067 5.406   1.00 10.16 ? 40  PHE A CB  1 
ATOM   292  C  CG  . PHE A 1 40  ? -4.977  -11.919 6.143   1.00 12.08 ? 40  PHE A CG  1 
ATOM   293  C  CD1 . PHE A 1 40  ? -3.621  -11.637 6.105   1.00 14.05 ? 40  PHE A CD1 1 
ATOM   294  C  CD2 . PHE A 1 40  ? -5.400  -13.050 6.831   1.00 15.83 ? 40  PHE A CD2 1 
ATOM   295  C  CE1 . PHE A 1 40  ? -2.696  -12.472 6.741   1.00 15.90 ? 40  PHE A CE1 1 
ATOM   296  C  CE2 . PHE A 1 40  ? -4.483  -13.888 7.468   1.00 16.95 ? 40  PHE A CE2 1 
ATOM   297  C  CZ  . PHE A 1 40  ? -3.131  -13.596 7.419   1.00 14.96 ? 40  PHE A CZ  1 
ATOM   298  N  N   . TYR A 1 41  ? -6.204  -8.409  3.505   1.00 8.65  ? 41  TYR A N   1 
ATOM   299  C  CA  . TYR A 1 41  ? -6.998  -7.803  2.440   1.00 8.51  ? 41  TYR A CA  1 
ATOM   300  C  C   . TYR A 1 41  ? -6.710  -8.618  1.180   1.00 9.09  ? 41  TYR A C   1 
ATOM   301  O  O   . TYR A 1 41  ? -5.550  -8.891  0.872   1.00 8.56  ? 41  TYR A O   1 
ATOM   302  C  CB  . TYR A 1 41  ? -6.571  -6.354  2.175   1.00 10.16 ? 41  TYR A CB  1 
ATOM   303  C  CG  . TYR A 1 41  ? -6.685  -5.406  3.353   1.00 10.07 ? 41  TYR A CG  1 
ATOM   304  C  CD1 . TYR A 1 41  ? -7.855  -4.682  3.585   1.00 10.39 ? 41  TYR A CD1 1 
ATOM   305  C  CD2 . TYR A 1 41  ? -5.620  -5.233  4.229   1.00 11.16 ? 41  TYR A CD2 1 
ATOM   306  C  CE1 . TYR A 1 41  ? -7.955  -3.804  4.665   1.00 12.08 ? 41  TYR A CE1 1 
ATOM   307  C  CE2 . TYR A 1 41  ? -5.708  -4.363  5.308   1.00 11.83 ? 41  TYR A CE2 1 
ATOM   308  C  CZ  . TYR A 1 41  ? -6.878  -3.652  5.521   1.00 11.31 ? 41  TYR A CZ  1 
ATOM   309  O  OH  . TYR A 1 41  ? -6.965  -2.813  6.605   1.00 13.80 ? 41  TYR A OH  1 
ATOM   310  N  N   . GLN A 1 42  ? -7.749  -9.029  0.456   1.00 9.31  ? 42  GLN A N   1 
ATOM   311  C  CA  . GLN A 1 42  ? -7.534  -9.778  -0.775  1.00 9.32  ? 42  GLN A CA  1 
ATOM   312  C  C   . GLN A 1 42  ? -7.191  -8.794  -1.885  1.00 9.93  ? 42  GLN A C   1 
ATOM   313  O  O   . GLN A 1 42  ? -7.977  -7.892  -2.190  1.00 9.56  ? 42  GLN A O   1 
ATOM   314  C  CB  . GLN A 1 42  ? -8.782  -10.571 -1.166  1.00 11.04 ? 42  GLN A CB  1 
ATOM   315  C  CG  . GLN A 1 42  ? -8.584  -11.383 -2.450  1.00 10.34 ? 42  GLN A CG  1 
ATOM   316  C  CD  . GLN A 1 42  ? -7.521  -12.459 -2.304  1.00 10.19 ? 42  GLN A CD  1 
ATOM   317  O  OE1 . GLN A 1 42  ? -7.655  -13.358 -1.482  1.00 13.08 ? 42  GLN A OE1 1 
ATOM   318  N  NE2 . GLN A 1 42  ? -6.455  -12.362 -3.094  1.00 11.11 ? 42  GLN A NE2 1 
HETATM 319  N  N   . MSE A 1 43  ? -6.021  -8.966  -2.490  1.00 7.99  ? 43  MSE A N   1 
HETATM 320  C  CA  . MSE A 1 43  ? -5.573  -8.074  -3.548  1.00 8.41  ? 43  MSE A CA  1 
HETATM 321  C  C   . MSE A 1 43  ? -5.596  -8.731  -4.928  1.00 10.09 ? 43  MSE A C   1 
HETATM 322  O  O   . MSE A 1 43  ? -6.201  -9.793  -5.116  1.00 10.54 ? 43  MSE A O   1 
HETATM 323  C  CB  . MSE A 1 43  ? -4.165  -7.567  -3.224  1.00 8.78  ? 43  MSE A CB  1 
HETATM 324  C  CG  . MSE A 1 43  ? -4.038  -7.032  -1.776  1.00 7.77  ? 43  MSE A CG  1 
HETATM 325  SE SE  . MSE A 1 43  ? -5.104  -5.473  -1.297  1.00 14.48 ? 43  MSE A SE  1 
HETATM 326  C  CE  . MSE A 1 43  ? -4.045  -4.185  -2.236  1.00 15.46 ? 43  MSE A CE  1 
ATOM   327  N  N   . ASN A 1 44  ? -4.923  -8.101  -5.887  1.00 9.54  ? 44  ASN A N   1 
ATOM   328  C  CA  . ASN A 1 44  ? -4.863  -8.569  -7.271  1.00 12.78 ? 44  ASN A CA  1 
ATOM   329  C  C   . ASN A 1 44  ? -3.858  -9.692  -7.496  1.00 13.06 ? 44  ASN A C   1 
ATOM   330  O  O   . ASN A 1 44  ? -2.830  -9.507  -8.146  1.00 15.58 ? 44  ASN A O   1 
ATOM   331  C  CB  . ASN A 1 44  ? -4.542  -7.386  -8.199  1.00 9.97  ? 44  ASN A CB  1 
ATOM   332  C  CG  . ASN A 1 44  ? -3.318  -6.598  -7.745  1.00 10.62 ? 44  ASN A CG  1 
ATOM   333  O  OD1 . ASN A 1 44  ? -3.226  -6.205  -6.585  1.00 10.35 ? 44  ASN A OD1 1 
ATOM   334  N  ND2 . ASN A 1 44  ? -2.387  -6.362  -8.657  1.00 10.26 ? 44  ASN A ND2 1 
ATOM   335  N  N   . GLY A 1 45  ? -4.164  -10.866 -6.955  1.00 12.01 ? 45  GLY A N   1 
ATOM   336  C  CA  . GLY A 1 45  ? -3.281  -12.006 -7.127  1.00 11.64 ? 45  GLY A CA  1 
ATOM   337  C  C   . GLY A 1 45  ? -2.555  -12.443 -5.875  1.00 10.87 ? 45  GLY A C   1 
ATOM   338  O  O   . GLY A 1 45  ? -1.882  -13.473 -5.868  1.00 10.41 ? 45  GLY A O   1 
ATOM   339  N  N   . PHE A 1 46  ? -2.702  -11.667 -4.807  1.00 9.94  ? 46  PHE A N   1 
ATOM   340  C  CA  . PHE A 1 46  ? -2.018  -11.953 -3.552  1.00 9.89  ? 46  PHE A CA  1 
ATOM   341  C  C   . PHE A 1 46  ? -2.799  -11.313 -2.415  1.00 8.66  ? 46  PHE A C   1 
ATOM   342  O  O   . PHE A 1 46  ? -3.797  -10.626 -2.642  1.00 8.54  ? 46  PHE A O   1 
ATOM   343  C  CB  . PHE A 1 46  ? -0.608  -11.359 -3.600  1.00 10.97 ? 46  PHE A CB  1 
ATOM   344  C  CG  . PHE A 1 46  ? -0.592  -9.854  -3.590  1.00 11.48 ? 46  PHE A CG  1 
ATOM   345  C  CD1 . PHE A 1 46  ? -0.457  -9.159  -2.391  1.00 13.39 ? 46  PHE A CD1 1 
ATOM   346  C  CD2 . PHE A 1 46  ? -0.779  -9.138  -4.766  1.00 17.23 ? 46  PHE A CD2 1 
ATOM   347  C  CE1 . PHE A 1 46  ? -0.509  -7.766  -2.359  1.00 14.82 ? 46  PHE A CE1 1 
ATOM   348  C  CE2 . PHE A 1 46  ? -0.833  -7.739  -4.744  1.00 12.45 ? 46  PHE A CE2 1 
ATOM   349  C  CZ  . PHE A 1 46  ? -0.699  -7.060  -3.536  1.00 13.47 ? 46  PHE A CZ  1 
ATOM   350  N  N   . VAL A 1 47  ? -2.321  -11.530 -1.198  1.00 8.46  ? 47  VAL A N   1 
ATOM   351  C  CA  . VAL A 1 47  ? -2.947  -10.990 0.000   1.00 8.52  ? 47  VAL A CA  1 
ATOM   352  C  C   . VAL A 1 47  ? -2.030  -9.971  0.669   1.00 8.20  ? 47  VAL A C   1 
ATOM   353  O  O   . VAL A 1 47  ? -0.815  -10.174 0.729   1.00 6.29  ? 47  VAL A O   1 
ATOM   354  C  CB  . VAL A 1 47  ? -3.232  -12.127 1.007   1.00 9.89  ? 47  VAL A CB  1 
ATOM   355  C  CG1 . VAL A 1 47  ? -3.879  -11.585 2.265   1.00 12.37 ? 47  VAL A CG1 1 
ATOM   356  C  CG2 . VAL A 1 47  ? -4.124  -13.169 0.360   1.00 11.96 ? 47  VAL A CG2 1 
ATOM   357  N  N   . LEU A 1 48  ? -2.611  -8.869  1.137   1.00 7.27  ? 48  LEU A N   1 
ATOM   358  C  CA  . LEU A 1 48  ? -1.874  -7.845  1.864   1.00 7.43  ? 48  LEU A CA  1 
ATOM   359  C  C   . LEU A 1 48  ? -2.229  -8.066  3.328   1.00 8.93  ? 48  LEU A C   1 
ATOM   360  O  O   . LEU A 1 48  ? -3.411  -8.135  3.682   1.00 9.78  ? 48  LEU A O   1 
ATOM   361  C  CB  . LEU A 1 48  ? -2.305  -6.431  1.442   1.00 7.85  ? 48  LEU A CB  1 
ATOM   362  C  CG  . LEU A 1 48  ? -1.800  -5.294  2.349   1.00 7.53  ? 48  LEU A CG  1 
ATOM   363  C  CD1 . LEU A 1 48  ? -0.289  -5.156  2.219   1.00 9.76  ? 48  LEU A CD1 1 
ATOM   364  C  CD2 . LEU A 1 48  ? -2.470  -3.982  1.963   1.00 9.96  ? 48  LEU A CD2 1 
ATOM   365  N  N   . ALA A 1 49  ? -1.217  -8.208  4.174   1.00 8.76  ? 49  ALA A N   1 
ATOM   366  C  CA  . ALA A 1 49  ? -1.444  -8.410  5.594   1.00 8.21  ? 49  ALA A CA  1 
ATOM   367  C  C   . ALA A 1 49  ? -0.789  -7.309  6.400   1.00 8.98  ? 49  ALA A C   1 
ATOM   368  O  O   . ALA A 1 49  ? 0.304   -6.859  6.062   1.00 9.44  ? 49  ALA A O   1 
ATOM   369  C  CB  . ALA A 1 49  ? -0.873  -9.752  6.027   1.00 8.99  ? 49  ALA A CB  1 
ATOM   370  N  N   . THR A 1 50  ? -1.480  -6.853  7.443   1.00 7.40  ? 50  THR A N   1 
ATOM   371  C  CA  . THR A 1 50  ? -0.934  -5.853  8.364   1.00 8.66  ? 50  THR A CA  1 
ATOM   372  C  C   . THR A 1 50  ? -0.973  -6.573  9.713   1.00 8.84  ? 50  THR A C   1 
ATOM   373  O  O   . THR A 1 50  ? -2.040  -6.810  10.278  1.00 10.06 ? 50  THR A O   1 
ATOM   374  C  CB  . THR A 1 50  ? -1.771  -4.556  8.382   1.00 8.22  ? 50  THR A CB  1 
ATOM   375  O  OG1 . THR A 1 50  ? -3.127  -4.848  8.746   1.00 10.74 ? 50  THR A OG1 1 
ATOM   376  C  CG2 . THR A 1 50  ? -1.748  -3.907  7.016   1.00 8.19  ? 50  THR A CG2 1 
ATOM   377  N  N   . TRP A 1 51  ? 0.210   -6.943  10.195  1.00 9.38  ? 51  TRP A N   1 
ATOM   378  C  CA  . TRP A 1 51  ? 0.394   -7.722  11.414  1.00 10.05 ? 51  TRP A CA  1 
ATOM   379  C  C   . TRP A 1 51  ? 1.123   -6.910  12.480  1.00 11.54 ? 51  TRP A C   1 
ATOM   380  O  O   . TRP A 1 51  ? 2.088   -6.222  12.164  1.00 11.29 ? 51  TRP A O   1 
ATOM   381  C  CB  . TRP A 1 51  ? 1.239   -8.938  11.033  1.00 10.29 ? 51  TRP A CB  1 
ATOM   382  C  CG  . TRP A 1 51  ? 1.174   -10.128 11.910  1.00 11.61 ? 51  TRP A CG  1 
ATOM   383  C  CD1 . TRP A 1 51  ? 0.321   -10.347 12.956  1.00 12.35 ? 51  TRP A CD1 1 
ATOM   384  C  CD2 . TRP A 1 51  ? 1.937   -11.329 11.752  1.00 12.40 ? 51  TRP A CD2 1 
ATOM   385  N  NE1 . TRP A 1 51  ? 0.504   -11.619 13.451  1.00 12.40 ? 51  TRP A NE1 1 
ATOM   386  C  CE2 . TRP A 1 51  ? 1.489   -12.241 12.730  1.00 12.74 ? 51  TRP A CE2 1 
ATOM   387  C  CE3 . TRP A 1 51  ? 2.955   -11.723 10.872  1.00 12.48 ? 51  TRP A CE3 1 
ATOM   388  C  CZ2 . TRP A 1 51  ? 2.022   -13.526 12.855  1.00 12.36 ? 51  TRP A CZ2 1 
ATOM   389  C  CZ3 . TRP A 1 51  ? 3.484   -13.004 10.996  1.00 11.87 ? 51  TRP A CZ3 1 
ATOM   390  C  CH2 . TRP A 1 51  ? 3.014   -13.890 11.980  1.00 13.93 ? 51  TRP A CH2 1 
ATOM   391  N  N   . LEU A 1 52  ? 0.674   -6.985  13.734  1.00 12.10 ? 52  LEU A N   1 
ATOM   392  C  CA  . LEU A 1 52  ? 1.365   -6.258  14.797  1.00 13.28 ? 52  LEU A CA  1 
ATOM   393  C  C   . LEU A 1 52  ? 2.830   -6.682  14.759  1.00 13.86 ? 52  LEU A C   1 
ATOM   394  O  O   . LEU A 1 52  ? 3.132   -7.871  14.692  1.00 13.59 ? 52  LEU A O   1 
ATOM   395  C  CB  . LEU A 1 52  ? 0.763   -6.592  16.166  1.00 14.05 ? 52  LEU A CB  1 
ATOM   396  C  CG  . LEU A 1 52  ? -0.638  -6.030  16.414  1.00 14.73 ? 52  LEU A CG  1 
ATOM   397  C  CD1 . LEU A 1 52  ? -1.135  -6.481  17.777  1.00 16.64 ? 52  LEU A CD1 1 
ATOM   398  C  CD2 . LEU A 1 52  ? -0.601  -4.510  16.330  1.00 16.23 ? 52  LEU A CD2 1 
ATOM   399  N  N   . VAL A 1 53  ? 3.732   -5.705  14.808  1.00 14.45 ? 53  VAL A N   1 
ATOM   400  C  CA  . VAL A 1 53  ? 5.167   -5.971  14.734  1.00 16.01 ? 53  VAL A CA  1 
ATOM   401  C  C   . VAL A 1 53  ? 5.687   -7.031  15.699  1.00 16.92 ? 53  VAL A C   1 
ATOM   402  O  O   . VAL A 1 53  ? 6.509   -7.861  15.317  1.00 16.35 ? 53  VAL A O   1 
ATOM   403  C  CB  . VAL A 1 53  ? 5.986   -4.683  14.948  1.00 17.99 ? 53  VAL A CB  1 
ATOM   404  C  CG1 . VAL A 1 53  ? 7.456   -4.946  14.644  1.00 20.13 ? 53  VAL A CG1 1 
ATOM   405  C  CG2 . VAL A 1 53  ? 5.455   -3.576  14.067  1.00 20.40 ? 53  VAL A CG2 1 
ATOM   406  N  N   . GLN A 1 54  ? 5.220   -7.016  16.946  1.00 17.76 ? 54  GLN A N   1 
ATOM   407  C  CA  . GLN A 1 54  ? 5.686   -7.999  17.922  1.00 19.12 ? 54  GLN A CA  1 
ATOM   408  C  C   . GLN A 1 54  ? 5.460   -9.417  17.411  1.00 18.38 ? 54  GLN A C   1 
ATOM   409  O  O   . GLN A 1 54  ? 6.317   -10.287 17.557  1.00 18.31 ? 54  GLN A O   1 
ATOM   410  C  CB  . GLN A 1 54  ? 4.954   -7.853  19.265  1.00 20.94 ? 54  GLN A CB  1 
ATOM   411  C  CG  . GLN A 1 54  ? 4.763   -6.441  19.784  1.00 24.30 ? 54  GLN A CG  1 
ATOM   412  C  CD  . GLN A 1 54  ? 3.454   -5.827  19.317  1.00 25.17 ? 54  GLN A CD  1 
ATOM   413  O  OE1 . GLN A 1 54  ? 3.360   -5.307  18.209  1.00 22.43 ? 54  GLN A OE1 1 
ATOM   414  N  NE2 . GLN A 1 54  ? 2.427   -5.903  20.164  1.00 25.58 ? 54  GLN A NE2 1 
ATOM   415  N  N   . ASN A 1 55  ? 4.290   -9.642  16.819  1.00 17.30 ? 55  ASN A N   1 
ATOM   416  C  CA  . ASN A 1 55  ? 3.924   -10.949 16.294  1.00 16.51 ? 55  ASN A CA  1 
ATOM   417  C  C   . ASN A 1 55  ? 4.746   -11.323 15.065  1.00 16.07 ? 55  ASN A C   1 
ATOM   418  O  O   . ASN A 1 55  ? 5.151   -12.476 14.908  1.00 15.76 ? 55  ASN A O   1 
ATOM   419  C  CB  . ASN A 1 55  ? 2.427   -10.970 15.969  1.00 18.15 ? 55  ASN A CB  1 
ATOM   420  C  CG  . ASN A 1 55  ? 1.563   -10.853 17.214  1.00 19.62 ? 55  ASN A CG  1 
ATOM   421  O  OD1 . ASN A 1 55  ? 1.459   -11.794 18.000  1.00 22.42 ? 55  ASN A OD1 1 
ATOM   422  N  ND2 . ASN A 1 55  ? 0.953   -9.691  17.404  1.00 19.77 ? 55  ASN A ND2 1 
ATOM   423  N  N   . LEU A 1 56  ? 4.993   -10.352 14.192  1.00 14.71 ? 56  LEU A N   1 
ATOM   424  C  CA  . LEU A 1 56  ? 5.798   -10.621 13.005  1.00 15.37 ? 56  LEU A CA  1 
ATOM   425  C  C   . LEU A 1 56  ? 7.208   -11.011 13.441  1.00 16.52 ? 56  LEU A C   1 
ATOM   426  O  O   . LEU A 1 56  ? 7.763   -12.004 12.974  1.00 16.27 ? 56  LEU A O   1 
ATOM   427  C  CB  . LEU A 1 56  ? 5.857   -9.384  12.107  1.00 14.63 ? 56  LEU A CB  1 
ATOM   428  C  CG  . LEU A 1 56  ? 6.870   -9.419  10.957  1.00 14.44 ? 56  LEU A CG  1 
ATOM   429  C  CD1 . LEU A 1 56  ? 6.605   -10.606 10.029  1.00 15.89 ? 56  LEU A CD1 1 
ATOM   430  C  CD2 . LEU A 1 56  ? 6.776   -8.112  10.193  1.00 16.70 ? 56  LEU A CD2 1 
ATOM   431  N  N   . GLN A 1 57  ? 7.773   -10.225 14.355  1.00 16.88 ? 57  GLN A N   1 
ATOM   432  C  CA  . GLN A 1 57  ? 9.119   -10.472 14.861  1.00 19.34 ? 57  GLN A CA  1 
ATOM   433  C  C   . GLN A 1 57  ? 9.210   -11.853 15.496  1.00 19.60 ? 57  GLN A C   1 
ATOM   434  O  O   . GLN A 1 57  ? 10.208  -12.563 15.335  1.00 20.10 ? 57  GLN A O   1 
ATOM   435  C  CB  . GLN A 1 57  ? 9.486   -9.402  15.889  1.00 21.03 ? 57  GLN A CB  1 
ATOM   436  C  CG  . GLN A 1 57  ? 10.895  -9.510  16.433  1.00 24.58 ? 57  GLN A CG  1 
ATOM   437  C  CD  . GLN A 1 57  ? 11.215  -8.405  17.416  1.00 26.19 ? 57  GLN A CD  1 
ATOM   438  O  OE1 . GLN A 1 57  ? 10.659  -8.354  18.514  1.00 29.08 ? 57  GLN A OE1 1 
ATOM   439  N  NE2 . GLN A 1 57  ? 12.107  -7.503  17.021  1.00 26.67 ? 57  GLN A NE2 1 
ATOM   440  N  N   . GLU A 1 58  ? 8.162   -12.227 16.223  1.00 20.43 ? 58  GLU A N   1 
ATOM   441  C  CA  . GLU A 1 58  ? 8.097   -13.522 16.891  1.00 20.94 ? 58  GLU A CA  1 
ATOM   442  C  C   . GLU A 1 58  ? 8.121   -14.667 15.883  1.00 20.91 ? 58  GLU A C   1 
ATOM   443  O  O   . GLU A 1 58  ? 8.779   -15.687 16.099  1.00 22.79 ? 58  GLU A O   1 
ATOM   444  C  CB  . GLU A 1 58  ? 6.816   -13.609 17.724  1.00 23.18 ? 58  GLU A CB  1 
ATOM   445  C  CG  . GLU A 1 58  ? 6.574   -14.962 18.374  1.00 27.05 ? 58  GLU A CG  1 
ATOM   446  C  CD  . GLU A 1 58  ? 5.167   -15.100 18.940  1.00 29.72 ? 58  GLU A CD  1 
ATOM   447  O  OE1 . GLU A 1 58  ? 4.883   -16.132 19.587  1.00 31.49 ? 58  GLU A OE1 1 
ATOM   448  O  OE2 . GLU A 1 58  ? 4.342   -14.179 18.737  1.00 31.14 ? 58  GLU A OE2 1 
ATOM   449  N  N   . ASP A 1 59  ? 7.400   -14.495 14.778  1.00 18.89 ? 59  ASP A N   1 
ATOM   450  C  CA  . ASP A 1 59  ? 7.331   -15.530 13.755  1.00 19.10 ? 59  ASP A CA  1 
ATOM   451  C  C   . ASP A 1 59  ? 8.659   -15.713 13.026  1.00 18.92 ? 59  ASP A C   1 
ATOM   452  O  O   . ASP A 1 59  ? 9.062   -16.837 12.745  1.00 20.78 ? 59  ASP A O   1 
ATOM   453  C  CB  . ASP A 1 59  ? 6.223   -15.208 12.750  1.00 18.71 ? 59  ASP A CB  1 
ATOM   454  C  CG  . ASP A 1 59  ? 5.737   -16.440 12.014  1.00 18.89 ? 59  ASP A CG  1 
ATOM   455  O  OD1 . ASP A 1 59  ? 5.224   -17.363 12.684  1.00 20.21 ? 59  ASP A OD1 1 
ATOM   456  O  OD2 . ASP A 1 59  ? 5.869   -16.492 10.776  1.00 18.27 ? 59  ASP A OD2 1 
ATOM   457  N  N   . VAL A 1 60  ? 9.337   -14.612 12.719  1.00 19.82 ? 60  VAL A N   1 
ATOM   458  C  CA  . VAL A 1 60  ? 10.626  -14.694 12.035  1.00 21.11 ? 60  VAL A CA  1 
ATOM   459  C  C   . VAL A 1 60  ? 11.686  -15.300 12.956  1.00 21.81 ? 60  VAL A C   1 
ATOM   460  O  O   . VAL A 1 60  ? 12.605  -15.979 12.499  1.00 22.36 ? 60  VAL A O   1 
ATOM   461  C  CB  . VAL A 1 60  ? 11.095  -13.301 11.553  1.00 20.95 ? 60  VAL A CB  1 
ATOM   462  C  CG1 . VAL A 1 60  ? 12.484  -13.400 10.928  1.00 22.28 ? 60  VAL A CG1 1 
ATOM   463  C  CG2 . VAL A 1 60  ? 10.100  -12.749 10.539  1.00 20.43 ? 60  VAL A CG2 1 
ATOM   464  N  N   . GLY A 1 61  ? 11.559  -15.053 14.255  1.00 23.34 ? 61  GLY A N   1 
ATOM   465  C  CA  . GLY A 1 61  ? 12.517  -15.610 15.195  1.00 24.29 ? 61  GLY A CA  1 
ATOM   466  C  C   . GLY A 1 61  ? 13.679  -14.693 15.525  1.00 24.94 ? 61  GLY A C   1 
ATOM   467  O  O   . GLY A 1 61  ? 14.391  -14.917 16.503  1.00 26.06 ? 61  GLY A O   1 
ATOM   468  N  N   . VAL A 1 62  ? 13.891  -13.669 14.706  1.00 25.04 ? 62  VAL A N   1 
ATOM   469  C  CA  . VAL A 1 62  ? 14.968  -12.723 14.956  1.00 25.14 ? 62  VAL A CA  1 
ATOM   470  C  C   . VAL A 1 62  ? 14.379  -11.332 15.113  1.00 25.20 ? 62  VAL A C   1 
ATOM   471  O  O   . VAL A 1 62  ? 13.236  -11.080 14.718  1.00 23.89 ? 62  VAL A O   1 
ATOM   472  C  CB  . VAL A 1 62  ? 16.008  -12.711 13.806  1.00 25.44 ? 62  VAL A CB  1 
ATOM   473  C  CG1 . VAL A 1 62  ? 16.616  -14.094 13.640  1.00 25.34 ? 62  VAL A CG1 1 
ATOM   474  C  CG2 . VAL A 1 62  ? 15.360  -12.249 12.511  1.00 25.80 ? 62  VAL A CG2 1 
ATOM   475  N  N   . ALA A 1 63  ? 15.152  -10.431 15.704  1.00 26.38 ? 63  ALA A N   1 
ATOM   476  C  CA  . ALA A 1 63  ? 14.692  -9.068  15.902  1.00 26.60 ? 63  ALA A CA  1 
ATOM   477  C  C   . ALA A 1 63  ? 14.383  -8.440  14.555  1.00 26.28 ? 63  ALA A C   1 
ATOM   478  O  O   . ALA A 1 63  ? 15.223  -8.429  13.651  1.00 26.99 ? 63  ALA A O   1 
ATOM   479  C  CB  . ALA A 1 63  ? 15.753  -8.247  16.635  1.00 27.43 ? 63  ALA A CB  1 
ATOM   480  N  N   . VAL A 1 64  ? 13.160  -7.941  14.425  1.00 25.79 ? 64  VAL A N   1 
ATOM   481  C  CA  . VAL A 1 64  ? 12.707  -7.286  13.210  1.00 24.50 ? 64  VAL A CA  1 
ATOM   482  C  C   . VAL A 1 64  ? 12.288  -5.877  13.608  1.00 25.39 ? 64  VAL A C   1 
ATOM   483  O  O   . VAL A 1 64  ? 11.407  -5.696  14.452  1.00 26.63 ? 64  VAL A O   1 
ATOM   484  C  CB  . VAL A 1 64  ? 11.501  -8.020  12.584  1.00 23.32 ? 64  VAL A CB  1 
ATOM   485  C  CG1 . VAL A 1 64  ? 11.026  -7.277  11.347  1.00 23.19 ? 64  VAL A CG1 1 
ATOM   486  C  CG2 . VAL A 1 64  ? 11.890  -9.443  12.228  1.00 24.00 ? 64  VAL A CG2 1 
ATOM   487  N  N   . THR A 1 65  ? 12.930  -4.885  13.005  1.00 25.34 ? 65  THR A N   1 
ATOM   488  C  CA  . THR A 1 65  ? 12.642  -3.490  13.304  1.00 25.46 ? 65  THR A CA  1 
ATOM   489  C  C   . THR A 1 65  ? 11.174  -3.122  13.106  1.00 25.81 ? 65  THR A C   1 
ATOM   490  O  O   . THR A 1 65  ? 10.467  -3.743  12.313  1.00 26.59 ? 65  THR A O   1 
ATOM   491  C  CB  . THR A 1 65  ? 13.498  -2.558  12.436  1.00 25.13 ? 65  THR A CB  1 
ATOM   492  O  OG1 . THR A 1 65  ? 13.223  -1.197  12.786  1.00 26.20 ? 65  THR A OG1 1 
ATOM   493  C  CG2 . THR A 1 65  ? 13.188  -2.774  10.964  1.00 25.32 ? 65  THR A CG2 1 
ATOM   494  N  N   . SER A 1 66  ? 10.723  -2.106  13.837  1.00 25.68 ? 66  SER A N   1 
ATOM   495  C  CA  . SER A 1 66  ? 9.345   -1.644  13.742  1.00 24.17 ? 66  SER A CA  1 
ATOM   496  C  C   . SER A 1 66  ? 9.262   -0.489  12.751  1.00 23.92 ? 66  SER A C   1 
ATOM   497  O  O   . SER A 1 66  ? 8.174   -0.056  12.370  1.00 23.94 ? 66  SER A O   1 
ATOM   498  C  CB  . SER A 1 66  ? 8.847   -1.171  15.111  1.00 25.25 ? 66  SER A CB  1 
ATOM   499  O  OG  . SER A 1 66  ? 9.573   -0.034  15.545  1.00 27.32 ? 66  SER A OG  1 
ATOM   500  N  N   . ARG A 1 67  ? 10.424  0.008   12.342  1.00 22.88 ? 67  ARG A N   1 
ATOM   501  C  CA  . ARG A 1 67  ? 10.489  1.117   11.404  1.00 21.96 ? 67  ARG A CA  1 
ATOM   502  C  C   . ARG A 1 67  ? 10.343  0.656   9.960   1.00 20.82 ? 67  ARG A C   1 
ATOM   503  O  O   . ARG A 1 67  ? 10.665  -0.486  9.623   1.00 20.16 ? 67  ARG A O   1 
ATOM   504  C  CB  . ARG A 1 67  ? 11.816  1.863   11.560  1.00 24.51 ? 67  ARG A CB  1 
ATOM   505  C  CG  . ARG A 1 67  ? 11.988  2.557   12.904  1.00 26.80 ? 67  ARG A CG  1 
ATOM   506  C  CD  . ARG A 1 67  ? 13.273  3.368   12.940  1.00 28.40 ? 67  ARG A CD  1 
ATOM   507  N  NE  . ARG A 1 67  ? 14.455  2.522   12.792  1.00 30.48 ? 67  ARG A NE  1 
ATOM   508  C  CZ  . ARG A 1 67  ? 15.701  2.983   12.733  1.00 30.72 ? 67  ARG A CZ  1 
ATOM   509  N  NH1 . ARG A 1 67  ? 15.934  4.287   12.809  1.00 31.80 ? 67  ARG A NH1 1 
ATOM   510  N  NH2 . ARG A 1 67  ? 16.715  2.138   12.605  1.00 30.34 ? 67  ARG A NH2 1 
ATOM   511  N  N   . PRO A 1 68  ? 9.843   1.541   9.087   1.00 20.26 ? 68  PRO A N   1 
ATOM   512  C  CA  . PRO A 1 68  ? 9.686   1.165   7.682   1.00 20.28 ? 68  PRO A CA  1 
ATOM   513  C  C   . PRO A 1 68  ? 11.076  0.982   7.082   1.00 20.92 ? 68  PRO A C   1 
ATOM   514  O  O   . PRO A 1 68  ? 12.057  1.512   7.610   1.00 21.17 ? 68  PRO A O   1 
ATOM   515  C  CB  . PRO A 1 68  ? 8.930   2.353   7.094   1.00 20.26 ? 68  PRO A CB  1 
ATOM   516  C  CG  . PRO A 1 68  ? 9.436   3.502   7.911   1.00 19.85 ? 68  PRO A CG  1 
ATOM   517  C  CD  . PRO A 1 68  ? 9.417   2.934   9.310   1.00 19.40 ? 68  PRO A CD  1 
ATOM   518  N  N   . GLY A 1 69  ? 11.163  0.228   5.993   1.00 20.79 ? 69  GLY A N   1 
ATOM   519  C  CA  . GLY A 1 69  ? 12.453  -0.011  5.371   1.00 21.03 ? 69  GLY A CA  1 
ATOM   520  C  C   . GLY A 1 69  ? 12.608  0.578   3.982   1.00 19.59 ? 69  GLY A C   1 
ATOM   521  O  O   . GLY A 1 69  ? 11.828  1.428   3.559   1.00 19.29 ? 69  GLY A O   1 
ATOM   522  N  N   . SER A 1 70  ? 13.634  0.112   3.276   1.00 19.60 ? 70  SER A N   1 
ATOM   523  C  CA  . SER A 1 70  ? 13.926  0.575   1.924   1.00 18.52 ? 70  SER A CA  1 
ATOM   524  C  C   . SER A 1 70  ? 12.973  -0.100  0.940   1.00 17.41 ? 70  SER A C   1 
ATOM   525  O  O   . SER A 1 70  ? 13.340  -1.056  0.260   1.00 15.63 ? 70  SER A O   1 
ATOM   526  C  CB  . SER A 1 70  ? 15.379  0.239   1.562   1.00 19.56 ? 70  SER A CB  1 
ATOM   527  O  OG  . SER A 1 70  ? 15.788  0.924   0.393   1.00 20.07 ? 70  SER A OG  1 
HETATM 528  N  N   . MSE A 1 71  ? 11.745  0.399   0.878   1.00 17.29 ? 71  MSE A N   1 
HETATM 529  C  CA  . MSE A 1 71  ? 10.742  -0.161  -0.017  1.00 18.22 ? 71  MSE A CA  1 
HETATM 530  C  C   . MSE A 1 71  ? 9.571   0.784   -0.217  1.00 15.86 ? 71  MSE A C   1 
HETATM 531  O  O   . MSE A 1 71  ? 9.339   1.687   0.584   1.00 15.95 ? 71  MSE A O   1 
HETATM 532  C  CB  . MSE A 1 71  ? 10.203  -1.485  0.530   1.00 22.95 ? 71  MSE A CB  1 
HETATM 533  C  CG  . MSE A 1 71  ? 9.094   -2.053  -0.342  1.00 25.23 ? 71  MSE A CG  1 
HETATM 534  SE SE  . MSE A 1 71  ? 8.075   -3.470  0.421   1.00 40.99 ? 71  MSE A SE  1 
HETATM 535  C  CE  . MSE A 1 71  ? 7.298   -2.469  1.843   1.00 4.56  ? 71  MSE A CE  1 
ATOM   536  N  N   . ALA A 1 72  ? 8.828   0.564   -1.298  1.00 12.32 ? 72  ALA A N   1 
ATOM   537  C  CA  . ALA A 1 72  ? 7.653   1.362   -1.602  1.00 11.80 ? 72  ALA A CA  1 
ATOM   538  C  C   . ALA A 1 72  ? 6.671   0.494   -2.369  1.00 11.39 ? 72  ALA A C   1 
ATOM   539  O  O   . ALA A 1 72  ? 7.070   -0.288  -3.231  1.00 12.27 ? 72  ALA A O   1 
ATOM   540  C  CB  . ALA A 1 72  ? 8.035   2.573   -2.437  1.00 12.64 ? 72  ALA A CB  1 
ATOM   541  N  N   . LEU A 1 73  ? 5.391   0.615   -2.036  1.00 9.02  ? 73  LEU A N   1 
ATOM   542  C  CA  . LEU A 1 73  ? 4.341   -0.127  -2.730  1.00 8.92  ? 73  LEU A CA  1 
ATOM   543  C  C   . LEU A 1 73  ? 3.598   0.871   -3.604  1.00 9.99  ? 73  LEU A C   1 
ATOM   544  O  O   . LEU A 1 73  ? 3.223   1.940   -3.139  1.00 11.70 ? 73  LEU A O   1 
ATOM   545  C  CB  . LEU A 1 73  ? 3.360   -0.747  -1.735  1.00 9.56  ? 73  LEU A CB  1 
ATOM   546  C  CG  . LEU A 1 73  ? 3.989   -1.716  -0.736  1.00 7.80  ? 73  LEU A CG  1 
ATOM   547  C  CD1 . LEU A 1 73  ? 2.925   -2.222  0.210   1.00 9.10  ? 73  LEU A CD1 1 
ATOM   548  C  CD2 . LEU A 1 73  ? 4.644   -2.874  -1.477  1.00 12.56 ? 73  LEU A CD2 1 
ATOM   549  N  N   . ALA A 1 74  ? 3.363   0.531   -4.863  1.00 10.07 ? 74  ALA A N   1 
ATOM   550  C  CA  . ALA A 1 74  ? 2.667   1.447   -5.751  1.00 11.21 ? 74  ALA A CA  1 
ATOM   551  C  C   . ALA A 1 74  ? 1.258   0.974   -6.060  1.00 11.38 ? 74  ALA A C   1 
ATOM   552  O  O   . ALA A 1 74  ? 1.006   -0.228  -6.170  1.00 11.27 ? 74  ALA A O   1 
ATOM   553  C  CB  . ALA A 1 74  ? 3.455   1.608   -7.051  1.00 10.85 ? 74  ALA A CB  1 
ATOM   554  N  N   . HIS A 1 75  ? 0.342   1.935   -6.164  1.00 11.12 ? 75  HIS A N   1 
ATOM   555  C  CA  . HIS A 1 75  ? -1.045  1.681   -6.530  1.00 11.26 ? 75  HIS A CA  1 
ATOM   556  C  C   . HIS A 1 75  ? -1.225  2.521   -7.788  1.00 11.05 ? 75  HIS A C   1 
ATOM   557  O  O   . HIS A 1 75  ? -1.051  3.738   -7.748  1.00 13.07 ? 75  HIS A O   1 
ATOM   558  C  CB  . HIS A 1 75  ? -2.018  2.158   -5.445  1.00 11.30 ? 75  HIS A CB  1 
ATOM   559  C  CG  . HIS A 1 75  ? -3.460  1.996   -5.821  1.00 13.11 ? 75  HIS A CG  1 
ATOM   560  N  ND1 . HIS A 1 75  ? -4.214  3.008   -6.377  1.00 14.80 ? 75  HIS A ND1 1 
ATOM   561  C  CD2 . HIS A 1 75  ? -4.271  0.913   -5.768  1.00 12.80 ? 75  HIS A CD2 1 
ATOM   562  C  CE1 . HIS A 1 75  ? -5.425  2.556   -6.650  1.00 15.48 ? 75  HIS A CE1 1 
ATOM   563  N  NE2 . HIS A 1 75  ? -5.485  1.286   -6.290  1.00 18.21 ? 75  HIS A NE2 1 
ATOM   564  N  N   . ASN A 1 76  ? -1.538  1.872   -8.904  1.00 10.32 ? 76  ASN A N   1 
ATOM   565  C  CA  . ASN A 1 76  ? -1.721  2.567   -10.177 1.00 10.92 ? 76  ASN A CA  1 
ATOM   566  C  C   . ASN A 1 76  ? -3.189  2.830   -10.494 1.00 13.15 ? 76  ASN A C   1 
ATOM   567  O  O   . ASN A 1 76  ? -4.028  1.935   -10.402 1.00 13.99 ? 76  ASN A O   1 
ATOM   568  C  CB  . ASN A 1 76  ? -1.076  1.755   -11.304 1.00 10.36 ? 76  ASN A CB  1 
ATOM   569  C  CG  . ASN A 1 76  ? 0.440   1.848   -11.299 1.00 8.87  ? 76  ASN A CG  1 
ATOM   570  O  OD1 . ASN A 1 76  ? 1.049   2.224   -10.293 1.00 10.67 ? 76  ASN A OD1 1 
ATOM   571  N  ND2 . ASN A 1 76  ? 1.057   1.496   -12.423 1.00 11.74 ? 76  ASN A ND2 1 
ATOM   572  N  N   . VAL A 1 77  ? -3.486  4.066   -10.880 1.00 12.65 ? 77  VAL A N   1 
ATOM   573  C  CA  . VAL A 1 77  ? -4.854  4.475   -11.194 1.00 14.31 ? 77  VAL A CA  1 
ATOM   574  C  C   . VAL A 1 77  ? -5.119  4.509   -12.694 1.00 15.53 ? 77  VAL A C   1 
ATOM   575  O  O   . VAL A 1 77  ? -4.187  4.534   -13.497 1.00 15.66 ? 77  VAL A O   1 
ATOM   576  C  CB  . VAL A 1 77  ? -5.155  5.857   -10.578 1.00 14.97 ? 77  VAL A CB  1 
ATOM   577  C  CG1 . VAL A 1 77  ? -4.947  5.793   -9.069  1.00 14.15 ? 77  VAL A CG1 1 
ATOM   578  C  CG2 . VAL A 1 77  ? -4.249  6.913   -11.192 1.00 15.06 ? 77  VAL A CG2 1 
ATOM   579  N  N   . ARG A 1 78  ? -6.398  4.533   -13.069 1.00 16.80 ? 78  ARG A N   1 
ATOM   580  C  CA  . ARG A 1 78  ? -6.780  4.518   -14.480 1.00 18.38 ? 78  ARG A CA  1 
ATOM   581  C  C   . ARG A 1 78  ? -6.832  5.867   -15.203 1.00 18.60 ? 78  ARG A C   1 
ATOM   582  O  O   . ARG A 1 78  ? -7.068  5.908   -16.410 1.00 20.69 ? 78  ARG A O   1 
ATOM   583  C  CB  . ARG A 1 78  ? -8.121  3.794   -14.641 1.00 19.17 ? 78  ARG A CB  1 
ATOM   584  C  CG  . ARG A 1 78  ? -8.076  2.323   -14.241 1.00 19.41 ? 78  ARG A CG  1 
ATOM   585  C  CD  . ARG A 1 78  ? -9.400  1.630   -14.531 1.00 19.15 ? 78  ARG A CD  1 
ATOM   586  N  NE  . ARG A 1 78  ? -9.421  0.242   -14.073 1.00 19.40 ? 78  ARG A NE  1 
ATOM   587  C  CZ  . ARG A 1 78  ? -8.763  -0.756  -14.657 1.00 21.28 ? 78  ARG A CZ  1 
ATOM   588  N  NH1 . ARG A 1 78  ? -8.022  -0.531  -15.735 1.00 20.35 ? 78  ARG A NH1 1 
ATOM   589  N  NH2 . ARG A 1 78  ? -8.850  -1.983  -14.162 1.00 23.02 ? 78  ARG A NH2 1 
ATOM   590  N  N   . ALA A 1 79  ? -6.602  6.961   -14.487 1.00 18.18 ? 79  ALA A N   1 
ATOM   591  C  CA  . ALA A 1 79  ? -6.614  8.286   -15.102 1.00 18.28 ? 79  ALA A CA  1 
ATOM   592  C  C   . ALA A 1 79  ? -5.796  9.262   -14.265 1.00 19.17 ? 79  ALA A C   1 
ATOM   593  O  O   . ALA A 1 79  ? -5.781  9.172   -13.040 1.00 18.54 ? 79  ALA A O   1 
ATOM   594  C  CB  . ALA A 1 79  ? -8.051  8.786   -15.254 1.00 16.92 ? 79  ALA A CB  1 
ATOM   595  N  N   . GLU A 1 80  ? -5.127  10.205  -14.926 1.00 21.16 ? 80  GLU A N   1 
ATOM   596  C  CA  . GLU A 1 80  ? -4.294  11.175  -14.222 1.00 22.98 ? 80  GLU A CA  1 
ATOM   597  C  C   . GLU A 1 80  ? -5.065  11.962  -13.176 1.00 23.25 ? 80  GLU A C   1 
ATOM   598  O  O   . GLU A 1 80  ? -4.504  12.354  -12.155 1.00 23.75 ? 80  GLU A O   1 
ATOM   599  C  CB  . GLU A 1 80  ? -3.649  12.150  -15.209 1.00 25.27 ? 80  GLU A CB  1 
ATOM   600  C  CG  . GLU A 1 80  ? -2.438  12.868  -14.653 1.00 27.59 ? 80  GLU A CG  1 
ATOM   601  C  CD  . GLU A 1 80  ? -1.739  13.730  -15.686 1.00 29.03 ? 80  GLU A CD  1 
ATOM   602  O  OE1 . GLU A 1 80  ? -1.465  13.227  -16.797 1.00 29.17 ? 80  GLU A OE1 1 
ATOM   603  O  OE2 . GLU A 1 80  ? -1.456  14.907  -15.381 1.00 30.19 ? 80  GLU A OE2 1 
ATOM   604  N  N   . THR A 1 81  ? -6.350  12.187  -13.430 1.00 23.99 ? 81  THR A N   1 
ATOM   605  C  CA  . THR A 1 81  ? -7.195  12.941  -12.509 1.00 23.98 ? 81  THR A CA  1 
ATOM   606  C  C   . THR A 1 81  ? -7.501  12.208  -11.211 1.00 23.46 ? 81  THR A C   1 
ATOM   607  O  O   . THR A 1 81  ? -8.113  12.776  -10.310 1.00 24.86 ? 81  THR A O   1 
ATOM   608  C  CB  . THR A 1 81  ? -8.545  13.303  -13.154 1.00 24.73 ? 81  THR A CB  1 
ATOM   609  O  OG1 . THR A 1 81  ? -9.215  12.105  -13.567 1.00 26.20 ? 81  THR A OG1 1 
ATOM   610  C  CG2 . THR A 1 81  ? -8.339  14.210  -14.348 1.00 26.29 ? 81  THR A CG2 1 
ATOM   611  N  N   . GLU A 1 82  ? -7.082  10.950  -11.112 1.00 21.97 ? 82  GLU A N   1 
ATOM   612  C  CA  . GLU A 1 82  ? -7.348  10.167  -9.912  1.00 20.31 ? 82  GLU A CA  1 
ATOM   613  C  C   . GLU A 1 82  ? -6.235  10.216  -8.882  1.00 18.27 ? 82  GLU A C   1 
ATOM   614  O  O   . GLU A 1 82  ? -6.459  9.937   -7.705  1.00 18.15 ? 82  GLU A O   1 
ATOM   615  C  CB  . GLU A 1 82  ? -7.610  8.707   -10.278 1.00 20.44 ? 82  GLU A CB  1 
ATOM   616  C  CG  . GLU A 1 82  ? -8.807  8.539   -11.164 1.00 23.55 ? 82  GLU A CG  1 
ATOM   617  C  CD  . GLU A 1 82  ? -9.982  9.333   -10.650 1.00 25.45 ? 82  GLU A CD  1 
ATOM   618  O  OE1 . GLU A 1 82  ? -10.598 8.916   -9.646  1.00 24.38 ? 82  GLU A OE1 1 
ATOM   619  O  OE2 . GLU A 1 82  ? -10.272 10.391  -11.243 1.00 25.89 ? 82  GLU A OE2 1 
ATOM   620  N  N   . VAL A 1 83  ? -5.034  10.571  -9.322  1.00 18.64 ? 83  VAL A N   1 
ATOM   621  C  CA  . VAL A 1 83  ? -3.897  10.611  -8.420  1.00 17.19 ? 83  VAL A CA  1 
ATOM   622  C  C   . VAL A 1 83  ? -4.076  11.562  -7.244  1.00 18.45 ? 83  VAL A C   1 
ATOM   623  O  O   . VAL A 1 83  ? -4.038  11.142  -6.091  1.00 17.18 ? 83  VAL A O   1 
ATOM   624  C  CB  . VAL A 1 83  ? -2.605  10.981  -9.172  1.00 16.51 ? 83  VAL A CB  1 
ATOM   625  C  CG1 . VAL A 1 83  ? -1.431  11.012  -8.202  1.00 17.10 ? 83  VAL A CG1 1 
ATOM   626  C  CG2 . VAL A 1 83  ? -2.346  9.969   -10.283 1.00 17.32 ? 83  VAL A CG2 1 
ATOM   627  N  N   . ALA A 1 84  ? -4.279  12.842  -7.540  1.00 19.47 ? 84  ALA A N   1 
ATOM   628  C  CA  . ALA A 1 84  ? -4.446  13.848  -6.497  1.00 20.04 ? 84  ALA A CA  1 
ATOM   629  C  C   . ALA A 1 84  ? -5.574  13.554  -5.504  1.00 18.84 ? 84  ALA A C   1 
ATOM   630  O  O   . ALA A 1 84  ? -5.364  13.603  -4.292  1.00 19.57 ? 84  ALA A O   1 
ATOM   631  C  CB  . ALA A 1 84  ? -4.653  15.223  -7.130  1.00 20.50 ? 84  ALA A CB  1 
ATOM   632  N  N   . PRO A 1 85  ? -6.790  13.265  -6.004  1.00 20.11 ? 85  PRO A N   1 
ATOM   633  C  CA  . PRO A 1 85  ? -7.916  12.974  -5.109  1.00 19.76 ? 85  PRO A CA  1 
ATOM   634  C  C   . PRO A 1 85  ? -7.655  11.810  -4.153  1.00 19.59 ? 85  PRO A C   1 
ATOM   635  O  O   . PRO A 1 85  ? -7.926  11.909  -2.957  1.00 19.29 ? 85  PRO A O   1 
ATOM   636  C  CB  . PRO A 1 85  ? -9.058  12.679  -6.076  1.00 21.54 ? 85  PRO A CB  1 
ATOM   637  C  CG  . PRO A 1 85  ? -8.739  13.559  -7.238  1.00 21.88 ? 85  PRO A CG  1 
ATOM   638  C  CD  . PRO A 1 85  ? -7.248  13.353  -7.402  1.00 20.52 ? 85  PRO A CD  1 
ATOM   639  N  N   . LEU A 1 86  ? -7.130  10.709  -4.684  1.00 19.28 ? 86  LEU A N   1 
ATOM   640  C  CA  . LEU A 1 86  ? -6.842  9.544   -3.858  1.00 18.94 ? 86  LEU A CA  1 
ATOM   641  C  C   . LEU A 1 86  ? -5.828  9.897   -2.775  1.00 17.31 ? 86  LEU A C   1 
ATOM   642  O  O   . LEU A 1 86  ? -5.993  9.528   -1.615  1.00 16.31 ? 86  LEU A O   1 
ATOM   643  C  CB  . LEU A 1 86  ? -6.323  8.390   -4.724  1.00 18.09 ? 86  LEU A CB  1 
ATOM   644  C  CG  . LEU A 1 86  ? -5.849  7.134   -3.978  1.00 16.52 ? 86  LEU A CG  1 
ATOM   645  C  CD1 . LEU A 1 86  ? -6.889  6.700   -2.950  1.00 16.07 ? 86  LEU A CD1 1 
ATOM   646  C  CD2 . LEU A 1 86  ? -5.586  6.017   -4.977  1.00 16.96 ? 86  LEU A CD2 1 
HETATM 647  N  N   . MSE A 1 87  ? -4.778  10.623  -3.149  1.00 17.11 ? 87  MSE A N   1 
HETATM 648  C  CA  . MSE A 1 87  ? -3.770  11.021  -2.179  1.00 17.00 ? 87  MSE A CA  1 
HETATM 649  C  C   . MSE A 1 87  ? -4.365  11.863  -1.053  1.00 17.69 ? 87  MSE A C   1 
HETATM 650  O  O   . MSE A 1 87  ? -3.979  11.712  0.104   1.00 16.59 ? 87  MSE A O   1 
HETATM 651  C  CB  . MSE A 1 87  ? -2.643  11.786  -2.869  1.00 17.63 ? 87  MSE A CB  1 
HETATM 652  C  CG  . MSE A 1 87  ? -1.691  10.882  -3.631  1.00 17.59 ? 87  MSE A CG  1 
HETATM 653  SE SE  . MSE A 1 87  ? -0.334  11.857  -4.587  1.00 23.34 ? 87  MSE A SE  1 
HETATM 654  C  CE  . MSE A 1 87  ? 0.559   12.721  -3.101  1.00 16.95 ? 87  MSE A CE  1 
ATOM   655  N  N   . GLU A 1 88  ? -5.299  12.749  -1.395  1.00 18.31 ? 88  GLU A N   1 
ATOM   656  C  CA  . GLU A 1 88  ? -5.944  13.583  -0.385  1.00 20.07 ? 88  GLU A CA  1 
ATOM   657  C  C   . GLU A 1 88  ? -6.712  12.698  0.592   1.00 19.76 ? 88  GLU A C   1 
ATOM   658  O  O   . GLU A 1 88  ? -6.710  12.944  1.797   1.00 20.50 ? 88  GLU A O   1 
ATOM   659  C  CB  . GLU A 1 88  ? -6.914  14.575  -1.035  1.00 21.83 ? 88  GLU A CB  1 
ATOM   660  C  CG  . GLU A 1 88  ? -6.267  15.558  -1.997  1.00 25.38 ? 88  GLU A CG  1 
ATOM   661  C  CD  . GLU A 1 88  ? -7.250  16.588  -2.520  1.00 28.06 ? 88  GLU A CD  1 
ATOM   662  O  OE1 . GLU A 1 88  ? -8.343  16.194  -2.980  1.00 27.98 ? 88  GLU A OE1 1 
ATOM   663  O  OE2 . GLU A 1 88  ? -6.926  17.796  -2.478  1.00 30.60 ? 88  GLU A OE2 1 
ATOM   664  N  N   . ARG A 1 89  ? -7.367  11.667  0.062   1.00 19.70 ? 89  ARG A N   1 
ATOM   665  C  CA  . ARG A 1 89  ? -8.135  10.746  0.890   1.00 19.09 ? 89  ARG A CA  1 
ATOM   666  C  C   . ARG A 1 89  ? -7.215  9.959   1.819   1.00 18.91 ? 89  ARG A C   1 
ATOM   667  O  O   . ARG A 1 89  ? -7.553  9.706   2.974   1.00 17.74 ? 89  ARG A O   1 
ATOM   668  C  CB  . ARG A 1 89  ? -8.949  9.784   0.013   1.00 20.44 ? 89  ARG A CB  1 
ATOM   669  C  CG  . ARG A 1 89  ? -10.039 10.465  -0.813  1.00 23.02 ? 89  ARG A CG  1 
ATOM   670  C  CD  . ARG A 1 89  ? -11.105 9.476   -1.282  1.00 23.56 ? 89  ARG A CD  1 
ATOM   671  N  NE  . ARG A 1 89  ? -10.648 8.598   -2.357  1.00 26.34 ? 89  ARG A NE  1 
ATOM   672  C  CZ  . ARG A 1 89  ? -10.501 8.974   -3.624  1.00 26.27 ? 89  ARG A CZ  1 
ATOM   673  N  NH1 . ARG A 1 89  ? -10.775 10.222  -3.987  1.00 28.33 ? 89  ARG A NH1 1 
ATOM   674  N  NH2 . ARG A 1 89  ? -10.091 8.100   -4.533  1.00 26.92 ? 89  ARG A NH2 1 
ATOM   675  N  N   . LEU A 1 90  ? -6.041  9.580   1.323   1.00 18.35 ? 90  LEU A N   1 
ATOM   676  C  CA  . LEU A 1 90  ? -5.094  8.838   2.148   1.00 17.81 ? 90  LEU A CA  1 
ATOM   677  C  C   . LEU A 1 90  ? -4.583  9.717   3.284   1.00 17.73 ? 90  LEU A C   1 
ATOM   678  O  O   . LEU A 1 90  ? -4.452  9.266   4.420   1.00 16.42 ? 90  LEU A O   1 
ATOM   679  C  CB  . LEU A 1 90  ? -3.912  8.345   1.307   1.00 17.63 ? 90  LEU A CB  1 
ATOM   680  C  CG  . LEU A 1 90  ? -4.216  7.310   0.222   1.00 17.56 ? 90  LEU A CG  1 
ATOM   681  C  CD1 . LEU A 1 90  ? -2.929  6.954   -0.514  1.00 16.53 ? 90  LEU A CD1 1 
ATOM   682  C  CD2 . LEU A 1 90  ? -4.828  6.060   0.849   1.00 16.78 ? 90  LEU A CD2 1 
ATOM   683  N  N   . VAL A 1 91  ? -4.289  10.975  2.969   1.00 18.25 ? 91  VAL A N   1 
ATOM   684  C  CA  . VAL A 1 91  ? -3.802  11.908  3.977   1.00 18.93 ? 91  VAL A CA  1 
ATOM   685  C  C   . VAL A 1 91  ? -4.874  12.147  5.037   1.00 18.31 ? 91  VAL A C   1 
ATOM   686  O  O   . VAL A 1 91  ? -4.583  12.182  6.229   1.00 18.86 ? 91  VAL A O   1 
ATOM   687  C  CB  . VAL A 1 91  ? -3.414  13.261  3.350   1.00 18.32 ? 91  VAL A CB  1 
ATOM   688  C  CG1 . VAL A 1 91  ? -3.065  14.265  4.448   1.00 19.35 ? 91  VAL A CG1 1 
ATOM   689  C  CG2 . VAL A 1 91  ? -2.225  13.068  2.416   1.00 20.37 ? 91  VAL A CG2 1 
ATOM   690  N  N   . ALA A 1 92  ? -6.115  12.297  4.589   1.00 19.04 ? 92  ALA A N   1 
ATOM   691  C  CA  . ALA A 1 92  ? -7.234  12.527  5.496   1.00 19.54 ? 92  ALA A CA  1 
ATOM   692  C  C   . ALA A 1 92  ? -7.485  11.319  6.396   1.00 20.35 ? 92  ALA A C   1 
ATOM   693  O  O   . ALA A 1 92  ? -8.097  11.442  7.454   1.00 21.46 ? 92  ALA A O   1 
ATOM   694  C  CB  . ALA A 1 92  ? -8.487  12.844  4.696   1.00 18.79 ? 92  ALA A CB  1 
ATOM   695  N  N   . ALA A 1 93  ? -7.005  10.151  5.972   1.00 19.66 ? 93  ALA A N   1 
ATOM   696  C  CA  . ALA A 1 93  ? -7.191  8.923   6.737   1.00 20.69 ? 93  ALA A CA  1 
ATOM   697  C  C   . ALA A 1 93  ? -5.996  8.577   7.631   1.00 19.90 ? 93  ALA A C   1 
ATOM   698  O  O   . ALA A 1 93  ? -5.890  7.456   8.135   1.00 20.05 ? 93  ALA A O   1 
ATOM   699  C  CB  . ALA A 1 93  ? -7.483  7.768   5.786   1.00 19.42 ? 93  ALA A CB  1 
ATOM   700  N  N   . GLY A 1 94  ? -5.094  9.537   7.820   1.00 20.50 ? 94  GLY A N   1 
ATOM   701  C  CA  . GLY A 1 94  ? -3.943  9.303   8.673   1.00 19.63 ? 94  GLY A CA  1 
ATOM   702  C  C   . GLY A 1 94  ? -2.618  9.174   7.944   1.00 18.75 ? 94  GLY A C   1 
ATOM   703  O  O   . GLY A 1 94  ? -1.583  8.949   8.568   1.00 20.26 ? 94  GLY A O   1 
ATOM   704  N  N   . GLY A 1 95  ? -2.644  9.321   6.625   1.00 18.81 ? 95  GLY A N   1 
ATOM   705  C  CA  . GLY A 1 95  ? -1.417  9.209   5.858   1.00 19.55 ? 95  GLY A CA  1 
ATOM   706  C  C   . GLY A 1 95  ? -0.527  10.435  5.963   1.00 19.68 ? 95  GLY A C   1 
ATOM   707  O  O   . GLY A 1 95  ? -1.002  11.532  6.254   1.00 21.28 ? 95  GLY A O   1 
ATOM   708  N  N   . GLN A 1 96  ? 0.770   10.243  5.739   1.00 19.13 ? 96  GLN A N   1 
ATOM   709  C  CA  . GLN A 1 96  ? 1.734   11.337  5.785   1.00 19.20 ? 96  GLN A CA  1 
ATOM   710  C  C   . GLN A 1 96  ? 2.195   11.637  4.369   1.00 18.32 ? 96  GLN A C   1 
ATOM   711  O  O   . GLN A 1 96  ? 2.791   10.787  3.701   1.00 17.55 ? 96  GLN A O   1 
ATOM   712  C  CB  . GLN A 1 96  ? 2.937   10.967  6.658   1.00 18.87 ? 96  GLN A CB  1 
ATOM   713  C  CG  . GLN A 1 96  ? 4.101   11.972  6.627   1.00 21.67 ? 96  GLN A CG  1 
ATOM   714  C  CD  . GLN A 1 96  ? 3.688   13.396  6.986   1.00 23.97 ? 96  GLN A CD  1 
ATOM   715  O  OE1 . GLN A 1 96  ? 2.996   13.624  7.979   1.00 24.71 ? 96  GLN A OE1 1 
ATOM   716  N  NE2 . GLN A 1 96  ? 4.126   14.363  6.181   1.00 25.69 ? 96  GLN A NE2 1 
ATOM   717  N  N   . LEU A 1 97  ? 1.897   12.845  3.906   1.00 16.46 ? 97  LEU A N   1 
ATOM   718  C  CA  . LEU A 1 97  ? 2.283   13.272  2.569   1.00 16.15 ? 97  LEU A CA  1 
ATOM   719  C  C   . LEU A 1 97  ? 3.802   13.394  2.488   1.00 16.45 ? 97  LEU A C   1 
ATOM   720  O  O   . LEU A 1 97  ? 4.416   14.136  3.256   1.00 17.80 ? 97  LEU A O   1 
ATOM   721  C  CB  . LEU A 1 97  ? 1.627   14.619  2.245   1.00 15.43 ? 97  LEU A CB  1 
ATOM   722  C  CG  . LEU A 1 97  ? 1.914   15.251  0.882   1.00 17.12 ? 97  LEU A CG  1 
ATOM   723  C  CD1 . LEU A 1 97  ? 1.522   14.304  -0.242  1.00 18.52 ? 97  LEU A CD1 1 
ATOM   724  C  CD2 . LEU A 1 97  ? 1.137   16.557  0.771   1.00 17.74 ? 97  LEU A CD2 1 
ATOM   725  N  N   . LEU A 1 98  ? 4.404   12.658  1.559   1.00 15.24 ? 98  LEU A N   1 
ATOM   726  C  CA  . LEU A 1 98  ? 5.854   12.685  1.378   1.00 14.53 ? 98  LEU A CA  1 
ATOM   727  C  C   . LEU A 1 98  ? 6.245   13.451  0.124   1.00 15.73 ? 98  LEU A C   1 
ATOM   728  O  O   . LEU A 1 98  ? 7.257   14.152  0.103   1.00 16.66 ? 98  LEU A O   1 
ATOM   729  C  CB  . LEU A 1 98  ? 6.414   11.255  1.308   1.00 14.67 ? 98  LEU A CB  1 
ATOM   730  C  CG  . LEU A 1 98  ? 6.297   10.403  2.574   1.00 15.03 ? 98  LEU A CG  1 
ATOM   731  C  CD1 . LEU A 1 98  ? 6.834   9.001   2.295   1.00 17.27 ? 98  LEU A CD1 1 
ATOM   732  C  CD2 . LEU A 1 98  ? 7.064   11.056  3.716   1.00 17.66 ? 98  LEU A CD2 1 
ATOM   733  N  N   . ARG A 1 99  ? 5.442   13.320  -0.925  1.00 15.09 ? 99  ARG A N   1 
ATOM   734  C  CA  . ARG A 1 99  ? 5.721   14.019  -2.167  1.00 16.30 ? 99  ARG A CA  1 
ATOM   735  C  C   . ARG A 1 99  ? 4.452   14.306  -2.958  1.00 17.06 ? 99  ARG A C   1 
ATOM   736  O  O   . ARG A 1 99  ? 3.761   13.386  -3.389  1.00 16.02 ? 99  ARG A O   1 
ATOM   737  C  CB  . ARG A 1 99  ? 6.688   13.206  -3.038  1.00 17.23 ? 99  ARG A CB  1 
ATOM   738  C  CG  . ARG A 1 99  ? 6.972   13.858  -4.379  1.00 20.09 ? 99  ARG A CG  1 
ATOM   739  C  CD  . ARG A 1 99  ? 8.141   13.212  -5.100  1.00 21.76 ? 99  ARG A CD  1 
ATOM   740  N  NE  . ARG A 1 99  ? 8.537   14.018  -6.252  1.00 23.17 ? 99  ARG A NE  1 
ATOM   741  C  CZ  . ARG A 1 99  ? 9.787   14.150  -6.684  1.00 24.06 ? 99  ARG A CZ  1 
ATOM   742  N  NH1 . ARG A 1 99  ? 10.779  13.525  -6.065  1.00 24.08 ? 99  ARG A NH1 1 
ATOM   743  N  NH2 . ARG A 1 99  ? 10.048  14.928  -7.725  1.00 26.17 ? 99  ARG A NH2 1 
ATOM   744  N  N   . PRO A 1 100 ? 4.106   15.592  -3.129  1.00 16.96 ? 100 PRO A N   1 
ATOM   745  C  CA  . PRO A 1 100 ? 2.905   15.942  -3.888  1.00 17.25 ? 100 PRO A CA  1 
ATOM   746  C  C   . PRO A 1 100 ? 3.067   15.417  -5.315  1.00 17.53 ? 100 PRO A C   1 
ATOM   747  O  O   . PRO A 1 100 ? 4.179   15.368  -5.842  1.00 17.71 ? 100 PRO A O   1 
ATOM   748  C  CB  . PRO A 1 100 ? 2.892   17.465  -3.824  1.00 17.10 ? 100 PRO A CB  1 
ATOM   749  C  CG  . PRO A 1 100 ? 3.511   17.740  -2.494  1.00 18.55 ? 100 PRO A CG  1 
ATOM   750  C  CD  . PRO A 1 100 ? 4.677   16.781  -2.471  1.00 18.55 ? 100 PRO A CD  1 
ATOM   751  N  N   . ALA A 1 101 ? 1.961   15.035  -5.936  1.00 18.67 ? 101 ALA A N   1 
ATOM   752  C  CA  . ALA A 1 101 ? 1.993   14.497  -7.289  1.00 19.93 ? 101 ALA A CA  1 
ATOM   753  C  C   . ALA A 1 101 ? 2.629   15.419  -8.323  1.00 21.24 ? 101 ALA A C   1 
ATOM   754  O  O   . ALA A 1 101 ? 2.286   16.598  -8.422  1.00 21.22 ? 101 ALA A O   1 
ATOM   755  C  CB  . ALA A 1 101 ? 0.580   14.132  -7.730  1.00 18.90 ? 101 ALA A CB  1 
ATOM   756  N  N   . ASP A 1 102 ? 3.565   14.866  -9.089  1.00 21.33 ? 102 ASP A N   1 
ATOM   757  C  CA  . ASP A 1 102 ? 4.235   15.597  -10.157 1.00 22.50 ? 102 ASP A CA  1 
ATOM   758  C  C   . ASP A 1 102 ? 4.692   14.584  -11.199 1.00 23.14 ? 102 ASP A C   1 
ATOM   759  O  O   . ASP A 1 102 ? 4.659   13.376  -10.950 1.00 22.58 ? 102 ASP A O   1 
ATOM   760  C  CB  . ASP A 1 102 ? 5.428   16.407  -9.628  1.00 24.28 ? 102 ASP A CB  1 
ATOM   761  C  CG  . ASP A 1 102 ? 6.520   15.540  -9.038  1.00 26.52 ? 102 ASP A CG  1 
ATOM   762  O  OD1 . ASP A 1 102 ? 7.014   14.632  -9.738  1.00 27.31 ? 102 ASP A OD1 1 
ATOM   763  O  OD2 . ASP A 1 102 ? 6.897   15.777  -7.871  1.00 30.48 ? 102 ASP A OD2 1 
ATOM   764  N  N   . ALA A 1 103 ? 5.112   15.066  -12.362 1.00 23.23 ? 103 ALA A N   1 
ATOM   765  C  CA  . ALA A 1 103 ? 5.546   14.182  -13.436 1.00 23.36 ? 103 ALA A CA  1 
ATOM   766  C  C   . ALA A 1 103 ? 6.947   13.620  -13.223 1.00 23.83 ? 103 ALA A C   1 
ATOM   767  O  O   . ALA A 1 103 ? 7.924   14.365  -13.160 1.00 25.25 ? 103 ALA A O   1 
ATOM   768  C  CB  . ALA A 1 103 ? 5.482   14.918  -14.770 1.00 23.13 ? 103 ALA A CB  1 
ATOM   769  N  N   . PRO A 1 104 ? 7.061   12.288  -13.096 1.00 23.12 ? 104 PRO A N   1 
ATOM   770  C  CA  . PRO A 1 104 ? 8.358   11.641  -12.897 1.00 24.05 ? 104 PRO A CA  1 
ATOM   771  C  C   . PRO A 1 104 ? 9.071   11.569  -14.244 1.00 24.49 ? 104 PRO A C   1 
ATOM   772  O  O   . PRO A 1 104 ? 8.458   11.796  -15.287 1.00 24.91 ? 104 PRO A O   1 
ATOM   773  C  CB  . PRO A 1 104 ? 7.969   10.264  -12.377 1.00 23.67 ? 104 PRO A CB  1 
ATOM   774  C  CG  . PRO A 1 104 ? 6.734   9.976   -13.175 1.00 22.07 ? 104 PRO A CG  1 
ATOM   775  C  CD  . PRO A 1 104 ? 5.973   11.291  -13.079 1.00 22.80 ? 104 PRO A CD  1 
ATOM   776  N  N   . PRO A 1 105 ? 10.374  11.251  -14.240 1.00 26.19 ? 105 PRO A N   1 
ATOM   777  C  CA  . PRO A 1 105 ? 11.142  11.159  -15.485 1.00 26.79 ? 105 PRO A CA  1 
ATOM   778  C  C   . PRO A 1 105 ? 10.520  10.225  -16.524 1.00 27.81 ? 105 PRO A C   1 
ATOM   779  O  O   . PRO A 1 105 ? 10.470  10.553  -17.710 1.00 29.53 ? 105 PRO A O   1 
ATOM   780  C  CB  . PRO A 1 105 ? 12.506  10.668  -15.007 1.00 27.04 ? 105 PRO A CB  1 
ATOM   781  C  CG  . PRO A 1 105 ? 12.616  11.283  -13.644 1.00 27.26 ? 105 PRO A CG  1 
ATOM   782  C  CD  . PRO A 1 105 ? 11.243  11.028  -13.071 1.00 26.54 ? 105 PRO A CD  1 
ATOM   783  N  N   . HIS A 1 106 ? 10.040  9.067   -16.078 1.00 28.33 ? 106 HIS A N   1 
ATOM   784  C  CA  . HIS A 1 106 ? 9.439   8.094   -16.986 1.00 28.42 ? 106 HIS A CA  1 
ATOM   785  C  C   . HIS A 1 106 ? 8.023   8.456   -17.424 1.00 28.50 ? 106 HIS A C   1 
ATOM   786  O  O   . HIS A 1 106 ? 7.272   7.600   -17.893 1.00 29.11 ? 106 HIS A O   1 
ATOM   787  C  CB  . HIS A 1 106 ? 9.458   6.695   -16.351 1.00 28.60 ? 106 HIS A CB  1 
ATOM   788  C  CG  . HIS A 1 106 ? 8.799   6.622   -15.009 1.00 28.51 ? 106 HIS A CG  1 
ATOM   789  N  ND1 . HIS A 1 106 ? 7.430   6.653   -14.846 1.00 29.06 ? 106 HIS A ND1 1 
ATOM   790  C  CD2 . HIS A 1 106 ? 9.323   6.517   -13.764 1.00 28.96 ? 106 HIS A CD2 1 
ATOM   791  C  CE1 . HIS A 1 106 ? 7.139   6.568   -13.560 1.00 29.87 ? 106 HIS A CE1 1 
ATOM   792  N  NE2 . HIS A 1 106 ? 8.270   6.485   -12.882 1.00 28.83 ? 106 HIS A NE2 1 
ATOM   793  N  N   . GLY A 1 107 ? 7.667   9.729   -17.274 1.00 28.26 ? 107 GLY A N   1 
ATOM   794  C  CA  . GLY A 1 107 ? 6.348   10.186  -17.679 1.00 26.55 ? 107 GLY A CA  1 
ATOM   795  C  C   . GLY A 1 107 ? 5.221   9.843   -16.723 1.00 26.22 ? 107 GLY A C   1 
ATOM   796  O  O   . GLY A 1 107 ? 5.413   9.115   -15.746 1.00 26.62 ? 107 GLY A O   1 
ATOM   797  N  N   . GLY A 1 108 ? 4.034   10.364  -17.015 1.00 24.92 ? 108 GLY A N   1 
ATOM   798  C  CA  . GLY A 1 108 ? 2.881   10.108  -16.173 1.00 23.97 ? 108 GLY A CA  1 
ATOM   799  C  C   . GLY A 1 108 ? 2.797   11.087  -15.019 1.00 23.52 ? 108 GLY A C   1 
ATOM   800  O  O   . GLY A 1 108 ? 3.261   12.222  -15.124 1.00 23.87 ? 108 GLY A O   1 
ATOM   801  N  N   . LEU A 1 109 ? 2.205   10.649  -13.913 1.00 21.05 ? 109 LEU A N   1 
ATOM   802  C  CA  . LEU A 1 109 ? 2.059   11.492  -12.731 1.00 20.92 ? 109 LEU A CA  1 
ATOM   803  C  C   . LEU A 1 109 ? 2.081   10.601  -11.494 1.00 18.93 ? 109 LEU A C   1 
ATOM   804  O  O   . LEU A 1 109 ? 1.406   9.575   -11.462 1.00 19.57 ? 109 LEU A O   1 
ATOM   805  C  CB  . LEU A 1 109 ? 0.732   12.255  -12.795 1.00 21.23 ? 109 LEU A CB  1 
ATOM   806  C  CG  . LEU A 1 109 ? 0.417   13.201  -11.631 1.00 22.62 ? 109 LEU A CG  1 
ATOM   807  C  CD1 . LEU A 1 109 ? 1.387   14.370  -11.646 1.00 24.34 ? 109 LEU A CD1 1 
ATOM   808  C  CD2 . LEU A 1 109 ? -1.015  13.704  -11.747 1.00 25.02 ? 109 LEU A CD2 1 
ATOM   809  N  N   . ARG A 1 110 ? 2.858   10.976  -10.486 1.00 17.28 ? 110 ARG A N   1 
ATOM   810  C  CA  . ARG A 1 110 ? 2.914   10.172  -9.271  1.00 15.07 ? 110 ARG A CA  1 
ATOM   811  C  C   . ARG A 1 110 ? 3.336   10.959  -8.042  1.00 14.74 ? 110 ARG A C   1 
ATOM   812  O  O   . ARG A 1 110 ? 4.103   11.923  -8.129  1.00 14.79 ? 110 ARG A O   1 
ATOM   813  C  CB  . ARG A 1 110 ? 3.855   8.972   -9.466  1.00 16.02 ? 110 ARG A CB  1 
ATOM   814  C  CG  . ARG A 1 110 ? 5.333   9.317   -9.656  1.00 16.40 ? 110 ARG A CG  1 
ATOM   815  C  CD  . ARG A 1 110 ? 6.071   9.473   -8.329  1.00 16.65 ? 110 ARG A CD  1 
ATOM   816  N  NE  . ARG A 1 110 ? 7.446   9.925   -8.536  1.00 16.20 ? 110 ARG A NE  1 
ATOM   817  C  CZ  . ARG A 1 110 ? 7.779   11.164  -8.888  1.00 17.83 ? 110 ARG A CZ  1 
ATOM   818  N  NH1 . ARG A 1 110 ? 6.836   12.082  -9.066  1.00 17.24 ? 110 ARG A NH1 1 
ATOM   819  N  NH2 . ARG A 1 110 ? 9.052   11.481  -9.078  1.00 18.58 ? 110 ARG A NH2 1 
ATOM   820  N  N   . GLY A 1 111 ? 2.808   10.539  -6.897  1.00 13.82 ? 111 GLY A N   1 
ATOM   821  C  CA  . GLY A 1 111 ? 3.127   11.157  -5.626  1.00 14.25 ? 111 GLY A CA  1 
ATOM   822  C  C   . GLY A 1 111 ? 3.350   10.068  -4.591  1.00 14.33 ? 111 GLY A C   1 
ATOM   823  O  O   . GLY A 1 111 ? 3.169   8.886   -4.891  1.00 13.33 ? 111 GLY A O   1 
ATOM   824  N  N   . TYR A 1 112 ? 3.740   10.447  -3.380  1.00 13.27 ? 112 TYR A N   1 
ATOM   825  C  CA  . TYR A 1 112 ? 3.986   9.473   -2.321  1.00 12.75 ? 112 TYR A CA  1 
ATOM   826  C  C   . TYR A 1 112 ? 3.301   9.843   -1.013  1.00 14.04 ? 112 TYR A C   1 
ATOM   827  O  O   . TYR A 1 112 ? 3.278   11.013  -0.617  1.00 13.95 ? 112 TYR A O   1 
ATOM   828  C  CB  . TYR A 1 112 ? 5.488   9.331   -2.063  1.00 14.40 ? 112 TYR A CB  1 
ATOM   829  C  CG  . TYR A 1 112 ? 6.261   8.582   -3.128  1.00 13.57 ? 112 TYR A CG  1 
ATOM   830  C  CD1 . TYR A 1 112 ? 6.333   7.187   -3.116  1.00 13.11 ? 112 TYR A CD1 1 
ATOM   831  C  CD2 . TYR A 1 112 ? 6.970   9.269   -4.120  1.00 13.30 ? 112 TYR A CD2 1 
ATOM   832  C  CE1 . TYR A 1 112 ? 7.098   6.498   -4.054  1.00 13.40 ? 112 TYR A CE1 1 
ATOM   833  C  CE2 . TYR A 1 112 ? 7.733   8.586   -5.062  1.00 14.53 ? 112 TYR A CE2 1 
ATOM   834  C  CZ  . TYR A 1 112 ? 7.796   7.201   -5.020  1.00 14.10 ? 112 TYR A CZ  1 
ATOM   835  O  OH  . TYR A 1 112 ? 8.585   6.516   -5.916  1.00 16.34 ? 112 TYR A OH  1 
ATOM   836  N  N   . VAL A 1 113 ? 2.743   8.837   -0.345  1.00 13.62 ? 113 VAL A N   1 
ATOM   837  C  CA  . VAL A 1 113 ? 2.079   9.012   0.940   1.00 13.87 ? 113 VAL A CA  1 
ATOM   838  C  C   . VAL A 1 113 ? 2.393   7.777   1.765   1.00 14.57 ? 113 VAL A C   1 
ATOM   839  O  O   . VAL A 1 113 ? 2.254   6.655   1.275   1.00 14.63 ? 113 VAL A O   1 
ATOM   840  C  CB  . VAL A 1 113 ? 0.541   9.124   0.783   1.00 14.13 ? 113 VAL A CB  1 
ATOM   841  C  CG1 . VAL A 1 113 ? -0.116  9.211   2.154   1.00 16.66 ? 113 VAL A CG1 1 
ATOM   842  C  CG2 . VAL A 1 113 ? 0.184   10.345  -0.052  1.00 14.62 ? 113 VAL A CG2 1 
ATOM   843  N  N   . ALA A 1 114 ? 2.822   7.968   3.003   1.00 13.34 ? 114 ALA A N   1 
ATOM   844  C  CA  . ALA A 1 114 ? 3.138   6.829   3.848   1.00 12.79 ? 114 ALA A CA  1 
ATOM   845  C  C   . ALA A 1 114 ? 1.970   6.499   4.759   1.00 14.64 ? 114 ALA A C   1 
ATOM   846  O  O   . ALA A 1 114 ? 1.211   7.388   5.161   1.00 13.85 ? 114 ALA A O   1 
ATOM   847  C  CB  . ALA A 1 114 ? 4.372   7.114   4.674   1.00 16.28 ? 114 ALA A CB  1 
ATOM   848  N  N   . ASP A 1 115 ? 1.806   5.217   5.080   1.00 12.00 ? 115 ASP A N   1 
ATOM   849  C  CA  . ASP A 1 115 ? 0.725   4.833   5.968   1.00 13.27 ? 115 ASP A CA  1 
ATOM   850  C  C   . ASP A 1 115 ? 1.111   5.227   7.398   1.00 14.21 ? 115 ASP A C   1 
ATOM   851  O  O   . ASP A 1 115 ? 2.214   5.724   7.625   1.00 14.94 ? 115 ASP A O   1 
ATOM   852  C  CB  . ASP A 1 115 ? 0.371   3.331   5.788   1.00 12.52 ? 115 ASP A CB  1 
ATOM   853  C  CG  . ASP A 1 115 ? 1.321   2.367   6.488   1.00 13.00 ? 115 ASP A CG  1 
ATOM   854  O  OD1 . ASP A 1 115 ? 2.287   2.766   7.164   1.00 12.34 ? 115 ASP A OD1 1 
ATOM   855  O  OD2 . ASP A 1 115 ? 1.064   1.149   6.348   1.00 12.46 ? 115 ASP A OD2 1 
ATOM   856  N  N   . PRO A 1 116 ? 0.207   5.044   8.373   1.00 15.78 ? 116 PRO A N   1 
ATOM   857  C  CA  . PRO A 1 116 ? 0.499   5.414   9.764   1.00 16.67 ? 116 PRO A CA  1 
ATOM   858  C  C   . PRO A 1 116 ? 1.783   4.867   10.368  1.00 16.77 ? 116 PRO A C   1 
ATOM   859  O  O   . PRO A 1 116 ? 2.331   5.451   11.305  1.00 17.93 ? 116 PRO A O   1 
ATOM   860  C  CB  . PRO A 1 116 ? -0.729  4.913   10.521  1.00 17.59 ? 116 PRO A CB  1 
ATOM   861  C  CG  . PRO A 1 116 ? -1.813  5.039   9.523   1.00 16.41 ? 116 PRO A CG  1 
ATOM   862  C  CD  . PRO A 1 116 ? -1.164  4.519   8.253   1.00 15.37 ? 116 PRO A CD  1 
ATOM   863  N  N   . ASP A 1 117 ? 2.252   3.742   9.844   1.00 15.48 ? 117 ASP A N   1 
ATOM   864  C  CA  . ASP A 1 117 ? 3.455   3.111   10.357  1.00 15.53 ? 117 ASP A CA  1 
ATOM   865  C  C   . ASP A 1 117 ? 4.701   3.448   9.555   1.00 14.88 ? 117 ASP A C   1 
ATOM   866  O  O   . ASP A 1 117 ? 5.777   2.915   9.819   1.00 18.67 ? 117 ASP A O   1 
ATOM   867  C  CB  . ASP A 1 117 ? 3.239   1.598   10.419  1.00 16.94 ? 117 ASP A CB  1 
ATOM   868  C  CG  . ASP A 1 117 ? 2.147   1.214   11.399  1.00 16.75 ? 117 ASP A CG  1 
ATOM   869  O  OD1 . ASP A 1 117 ? 2.444   1.125   12.609  1.00 18.42 ? 117 ASP A OD1 1 
ATOM   870  O  OD2 . ASP A 1 117 ? 0.989   1.023   10.967  1.00 17.37 ? 117 ASP A OD2 1 
ATOM   871  N  N   . GLY A 1 118 ? 4.550   4.333   8.576   1.00 14.96 ? 118 GLY A N   1 
ATOM   872  C  CA  . GLY A 1 118 ? 5.685   4.743   7.770   1.00 14.18 ? 118 GLY A CA  1 
ATOM   873  C  C   . GLY A 1 118 ? 5.892   4.006   6.461   1.00 14.18 ? 118 GLY A C   1 
ATOM   874  O  O   . GLY A 1 118 ? 6.793   4.355   5.700   1.00 15.35 ? 118 GLY A O   1 
ATOM   875  N  N   . HIS A 1 119 ? 5.081   2.990   6.185   1.00 12.07 ? 119 HIS A N   1 
ATOM   876  C  CA  . HIS A 1 119 ? 5.248   2.255   4.931   1.00 11.52 ? 119 HIS A CA  1 
ATOM   877  C  C   . HIS A 1 119 ? 4.861   3.155   3.771   1.00 11.03 ? 119 HIS A C   1 
ATOM   878  O  O   . HIS A 1 119 ? 3.750   3.673   3.710   1.00 11.57 ? 119 HIS A O   1 
ATOM   879  C  CB  . HIS A 1 119 ? 4.401   0.989   4.944   1.00 12.20 ? 119 HIS A CB  1 
ATOM   880  C  CG  . HIS A 1 119 ? 4.759   0.051   6.050   1.00 12.78 ? 119 HIS A CG  1 
ATOM   881  N  ND1 . HIS A 1 119 ? 6.005   -0.533  6.155   1.00 13.84 ? 119 HIS A ND1 1 
ATOM   882  C  CD2 . HIS A 1 119 ? 4.050   -0.377  7.120   1.00 11.71 ? 119 HIS A CD2 1 
ATOM   883  C  CE1 . HIS A 1 119 ? 6.046   -1.279  7.245   1.00 13.14 ? 119 HIS A CE1 1 
ATOM   884  N  NE2 . HIS A 1 119 ? 4.872   -1.202  7.847   1.00 12.04 ? 119 HIS A NE2 1 
ATOM   885  N  N   . ILE A 1 120 ? 5.793   3.322   2.841   1.00 11.38 ? 120 ILE A N   1 
ATOM   886  C  CA  . ILE A 1 120 ? 5.608   4.194   1.695   1.00 11.40 ? 120 ILE A CA  1 
ATOM   887  C  C   . ILE A 1 120 ? 4.743   3.676   0.555   1.00 11.30 ? 120 ILE A C   1 
ATOM   888  O  O   . ILE A 1 120 ? 4.946   2.568   0.045   1.00 10.91 ? 120 ILE A O   1 
ATOM   889  C  CB  . ILE A 1 120 ? 6.980   4.586   1.101   1.00 10.34 ? 120 ILE A CB  1 
ATOM   890  C  CG1 . ILE A 1 120 ? 7.828   5.271   2.178   1.00 12.26 ? 120 ILE A CG1 1 
ATOM   891  C  CG2 . ILE A 1 120 ? 6.790   5.488   -0.102  1.00 10.61 ? 120 ILE A CG2 1 
ATOM   892  C  CD1 . ILE A 1 120 ? 9.259   5.544   1.749   1.00 13.37 ? 120 ILE A CD1 1 
ATOM   893  N  N   . TRP A 1 121 ? 3.774   4.494   0.158   1.00 11.04 ? 121 TRP A N   1 
ATOM   894  C  CA  . TRP A 1 121 ? 2.902   4.160   -0.951  1.00 10.75 ? 121 TRP A CA  1 
ATOM   895  C  C   . TRP A 1 121 ? 3.071   5.172   -2.064  1.00 12.13 ? 121 TRP A C   1 
ATOM   896  O  O   . TRP A 1 121 ? 3.098   6.382   -1.821  1.00 11.94 ? 121 TRP A O   1 
ATOM   897  C  CB  . TRP A 1 121 ? 1.428   4.171   -0.534  1.00 11.48 ? 121 TRP A CB  1 
ATOM   898  C  CG  . TRP A 1 121 ? 0.989   2.945   0.166   1.00 9.29  ? 121 TRP A CG  1 
ATOM   899  C  CD1 . TRP A 1 121 ? 1.034   2.705   1.505   1.00 9.49  ? 121 TRP A CD1 1 
ATOM   900  C  CD2 . TRP A 1 121 ? 0.476   1.755   -0.442  1.00 9.60  ? 121 TRP A CD2 1 
ATOM   901  N  NE1 . TRP A 1 121 ? 0.582   1.430   1.777   1.00 9.68  ? 121 TRP A NE1 1 
ATOM   902  C  CE2 . TRP A 1 121 ? 0.231   0.831   0.596   1.00 8.95  ? 121 TRP A CE2 1 
ATOM   903  C  CE3 . TRP A 1 121 ? 0.196   1.381   -1.765  1.00 9.16  ? 121 TRP A CE3 1 
ATOM   904  C  CZ2 . TRP A 1 121 ? -0.277  -0.449  0.356   1.00 8.38  ? 121 TRP A CZ2 1 
ATOM   905  C  CZ3 . TRP A 1 121 ? -0.311  0.098   -2.002  1.00 8.55  ? 121 TRP A CZ3 1 
ATOM   906  C  CH2 . TRP A 1 121 ? -0.541  -0.793  -0.946  1.00 10.30 ? 121 TRP A CH2 1 
ATOM   907  N  N   . GLU A 1 122 ? 3.207   4.684   -3.288  1.00 11.56 ? 122 GLU A N   1 
ATOM   908  C  CA  . GLU A 1 122 ? 3.286   5.563   -4.437  1.00 10.28 ? 122 GLU A CA  1 
ATOM   909  C  C   . GLU A 1 122 ? 1.913   5.494   -5.092  1.00 12.29 ? 122 GLU A C   1 
ATOM   910  O  O   . GLU A 1 122 ? 1.382   4.404   -5.293  1.00 11.86 ? 122 GLU A O   1 
ATOM   911  C  CB  . GLU A 1 122 ? 4.332   5.090   -5.449  1.00 11.98 ? 122 GLU A CB  1 
ATOM   912  C  CG  . GLU A 1 122 ? 4.271   5.877   -6.765  1.00 13.94 ? 122 GLU A CG  1 
ATOM   913  C  CD  . GLU A 1 122 ? 5.274   5.397   -7.787  1.00 15.09 ? 122 GLU A CD  1 
ATOM   914  O  OE1 . GLU A 1 122 ? 5.728   4.241   -7.670  1.00 17.19 ? 122 GLU A OE1 1 
ATOM   915  O  OE2 . GLU A 1 122 ? 5.594   6.170   -8.720  1.00 15.16 ? 122 GLU A OE2 1 
ATOM   916  N  N   . ILE A 1 123 ? 1.317   6.648   -5.376  1.00 11.76 ? 123 ILE A N   1 
ATOM   917  C  CA  . ILE A 1 123 ? 0.037   6.680   -6.066  1.00 12.68 ? 123 ILE A CA  1 
ATOM   918  C  C   . ILE A 1 123 ? 0.451   7.188   -7.433  1.00 12.92 ? 123 ILE A C   1 
ATOM   919  O  O   . ILE A 1 123 ? 0.954   8.304   -7.564  1.00 13.81 ? 123 ILE A O   1 
ATOM   920  C  CB  . ILE A 1 123 ? -0.965  7.643   -5.407  1.00 12.89 ? 123 ILE A CB  1 
ATOM   921  C  CG1 . ILE A 1 123 ? -1.174  7.246   -3.940  1.00 13.35 ? 123 ILE A CG1 1 
ATOM   922  C  CG2 . ILE A 1 123 ? -2.282  7.610   -6.162  1.00 13.26 ? 123 ILE A CG2 1 
ATOM   923  C  CD1 . ILE A 1 123 ? -1.602  5.802   -3.731  1.00 15.83 ? 123 ILE A CD1 1 
ATOM   924  N  N   . ALA A 1 124 ? 0.249   6.369   -8.453  1.00 12.37 ? 124 ALA A N   1 
ATOM   925  C  CA  . ALA A 1 124 ? 0.704   6.739   -9.778  1.00 12.69 ? 124 ALA A CA  1 
ATOM   926  C  C   . ALA A 1 124 ? -0.230  6.469   -10.933 1.00 13.33 ? 124 ALA A C   1 
ATOM   927  O  O   . ALA A 1 124 ? -1.067  5.569   -10.891 1.00 14.15 ? 124 ALA A O   1 
ATOM   928  C  CB  . ALA A 1 124 ? 2.037   6.038   -10.055 1.00 16.29 ? 124 ALA A CB  1 
ATOM   929  N  N   . PHE A 1 125 ? -0.060  7.281   -11.971 1.00 14.63 ? 125 PHE A N   1 
ATOM   930  C  CA  . PHE A 1 125 ? -0.787  7.125   -13.216 1.00 14.77 ? 125 PHE A CA  1 
ATOM   931  C  C   . PHE A 1 125 ? 0.310   6.825   -14.235 1.00 16.63 ? 125 PHE A C   1 
ATOM   932  O  O   . PHE A 1 125 ? 1.139   7.684   -14.523 1.00 18.60 ? 125 PHE A O   1 
ATOM   933  C  CB  . PHE A 1 125 ? -1.518  8.409   -13.616 1.00 15.43 ? 125 PHE A CB  1 
ATOM   934  C  CG  . PHE A 1 125 ? -2.056  8.377   -15.020 1.00 16.21 ? 125 PHE A CG  1 
ATOM   935  C  CD1 . PHE A 1 125 ? -2.991  7.420   -15.400 1.00 16.16 ? 125 PHE A CD1 1 
ATOM   936  C  CD2 . PHE A 1 125 ? -1.600  9.282   -15.974 1.00 16.69 ? 125 PHE A CD2 1 
ATOM   937  C  CE1 . PHE A 1 125 ? -3.463  7.359   -16.713 1.00 17.06 ? 125 PHE A CE1 1 
ATOM   938  C  CE2 . PHE A 1 125 ? -2.064  9.231   -17.288 1.00 18.64 ? 125 PHE A CE2 1 
ATOM   939  C  CZ  . PHE A 1 125 ? -2.996  8.270   -17.658 1.00 18.26 ? 125 PHE A CZ  1 
ATOM   940  N  N   . ASN A 1 126 ? 0.343   5.593   -14.731 1.00 17.23 ? 126 ASN A N   1 
ATOM   941  C  CA  . ASN A 1 126 ? 1.331   5.182   -15.723 1.00 19.24 ? 126 ASN A CA  1 
ATOM   942  C  C   . ASN A 1 126 ? 0.557   4.463   -16.821 1.00 19.09 ? 126 ASN A C   1 
ATOM   943  O  O   . ASN A 1 126 ? 0.343   3.252   -16.760 1.00 19.38 ? 126 ASN A O   1 
ATOM   944  C  CB  . ASN A 1 126 ? 2.357   4.227   -15.109 1.00 21.19 ? 126 ASN A CB  1 
ATOM   945  C  CG  . ASN A 1 126 ? 3.521   3.957   -16.040 1.00 23.53 ? 126 ASN A CG  1 
ATOM   946  O  OD1 . ASN A 1 126 ? 3.350   3.889   -17.257 1.00 24.56 ? 126 ASN A OD1 1 
ATOM   947  N  ND2 . ASN A 1 126 ? 4.710   3.792   -15.473 1.00 26.11 ? 126 ASN A ND2 1 
ATOM   948  N  N   . PRO A 1 127 ? 0.139   5.206   -17.856 1.00 19.31 ? 127 PRO A N   1 
ATOM   949  C  CA  . PRO A 1 127 ? -0.626  4.663   -18.982 1.00 20.28 ? 127 PRO A CA  1 
ATOM   950  C  C   . PRO A 1 127 ? 0.062   3.593   -19.829 1.00 19.74 ? 127 PRO A C   1 
ATOM   951  O  O   . PRO A 1 127 ? -0.597  2.887   -20.591 1.00 22.07 ? 127 PRO A O   1 
ATOM   952  C  CB  . PRO A 1 127 ? -0.959  5.911   -19.793 1.00 20.31 ? 127 PRO A CB  1 
ATOM   953  C  CG  . PRO A 1 127 ? 0.256   6.750   -19.595 1.00 20.77 ? 127 PRO A CG  1 
ATOM   954  C  CD  . PRO A 1 127 ? 0.497   6.615   -18.103 1.00 20.04 ? 127 PRO A CD  1 
ATOM   955  N  N   . VAL A 1 128 ? 1.379   3.471   -19.700 1.00 17.90 ? 128 VAL A N   1 
ATOM   956  C  CA  . VAL A 1 128 ? 2.116   2.489   -20.480 1.00 18.80 ? 128 VAL A CA  1 
ATOM   957  C  C   . VAL A 1 128 ? 1.902   1.054   -20.003 1.00 16.83 ? 128 VAL A C   1 
ATOM   958  O  O   . VAL A 1 128 ? 1.950   0.120   -20.802 1.00 17.50 ? 128 VAL A O   1 
ATOM   959  C  CB  . VAL A 1 128 ? 3.627   2.812   -20.477 1.00 19.22 ? 128 VAL A CB  1 
ATOM   960  C  CG1 . VAL A 1 128 ? 4.378   1.817   -21.343 1.00 20.07 ? 128 VAL A CG1 1 
ATOM   961  C  CG2 . VAL A 1 128 ? 3.852   4.232   -20.989 1.00 20.28 ? 128 VAL A CG2 1 
ATOM   962  N  N   . TRP A 1 129 ? 1.661   0.879   -18.706 1.00 16.78 ? 129 TRP A N   1 
ATOM   963  C  CA  . TRP A 1 129 ? 1.442   -0.453  -18.134 1.00 16.76 ? 129 TRP A CA  1 
ATOM   964  C  C   . TRP A 1 129 ? -0.049  -0.775  -18.020 1.00 15.41 ? 129 TRP A C   1 
ATOM   965  O  O   . TRP A 1 129 ? -0.783  -0.137  -17.262 1.00 16.27 ? 129 TRP A O   1 
ATOM   966  C  CB  . TRP A 1 129 ? 2.076   -0.545  -16.744 1.00 16.26 ? 129 TRP A CB  1 
ATOM   967  C  CG  . TRP A 1 129 ? 3.567   -0.404  -16.713 1.00 16.38 ? 129 TRP A CG  1 
ATOM   968  C  CD1 . TRP A 1 129 ? 4.375   0.084   -17.703 1.00 17.67 ? 129 TRP A CD1 1 
ATOM   969  C  CD2 . TRP A 1 129 ? 4.422   -0.689  -15.601 1.00 17.06 ? 129 TRP A CD2 1 
ATOM   970  N  NE1 . TRP A 1 129 ? 5.683   0.124   -17.270 1.00 18.15 ? 129 TRP A NE1 1 
ATOM   971  C  CE2 . TRP A 1 129 ? 5.738   -0.344  -15.983 1.00 17.74 ? 129 TRP A CE2 1 
ATOM   972  C  CE3 . TRP A 1 129 ? 4.203   -1.204  -14.315 1.00 18.72 ? 129 TRP A CE3 1 
ATOM   973  C  CZ2 . TRP A 1 129 ? 6.831   -0.494  -15.125 1.00 20.40 ? 129 TRP A CZ2 1 
ATOM   974  C  CZ3 . TRP A 1 129 ? 5.293   -1.355  -13.460 1.00 19.70 ? 129 TRP A CZ3 1 
ATOM   975  C  CH2 . TRP A 1 129 ? 6.589   -1.001  -13.872 1.00 18.44 ? 129 TRP A CH2 1 
ATOM   976  N  N   . PRO A 1 130 ? -0.515  -1.781  -18.769 1.00 16.90 ? 130 PRO A N   1 
ATOM   977  C  CA  . PRO A 1 130 ? -1.927  -2.175  -18.741 1.00 16.63 ? 130 PRO A CA  1 
ATOM   978  C  C   . PRO A 1 130 ? -2.428  -2.644  -17.372 1.00 16.94 ? 130 PRO A C   1 
ATOM   979  O  O   . PRO A 1 130 ? -1.719  -3.343  -16.642 1.00 15.19 ? 130 PRO A O   1 
ATOM   980  C  CB  . PRO A 1 130 ? -1.990  -3.295  -19.780 1.00 17.63 ? 130 PRO A CB  1 
ATOM   981  C  CG  . PRO A 1 130 ? -0.903  -2.934  -20.738 1.00 18.38 ? 130 PRO A CG  1 
ATOM   982  C  CD  . PRO A 1 130 ? 0.213   -2.511  -19.820 1.00 16.83 ? 130 PRO A CD  1 
ATOM   983  N  N   . ILE A 1 131 ? -3.652  -2.246  -17.032 1.00 15.93 ? 131 ILE A N   1 
ATOM   984  C  CA  . ILE A 1 131 ? -4.290  -2.646  -15.784 1.00 16.18 ? 131 ILE A CA  1 
ATOM   985  C  C   . ILE A 1 131 ? -5.519  -3.455  -16.197 1.00 17.39 ? 131 ILE A C   1 
ATOM   986  O  O   . ILE A 1 131 ? -6.452  -2.917  -16.799 1.00 17.79 ? 131 ILE A O   1 
ATOM   987  C  CB  . ILE A 1 131 ? -4.751  -1.429  -14.951 1.00 14.17 ? 131 ILE A CB  1 
ATOM   988  C  CG1 . ILE A 1 131 ? -3.561  -0.518  -14.633 1.00 15.21 ? 131 ILE A CG1 1 
ATOM   989  C  CG2 . ILE A 1 131 ? -5.409  -1.900  -13.662 1.00 17.16 ? 131 ILE A CG2 1 
ATOM   990  C  CD1 . ILE A 1 131 ? -3.935  0.727   -13.832 1.00 16.61 ? 131 ILE A CD1 1 
ATOM   991  N  N   . GLY A 1 132 ? -5.507  -4.749  -15.885 1.00 17.88 ? 132 GLY A N   1 
ATOM   992  C  CA  . GLY A 1 132 ? -6.604  -5.630  -16.251 1.00 20.67 ? 132 GLY A CA  1 
ATOM   993  C  C   . GLY A 1 132 ? -7.922  -5.421  -15.530 1.00 21.49 ? 132 GLY A C   1 
ATOM   994  O  O   . GLY A 1 132 ? -8.025  -4.618  -14.602 1.00 21.37 ? 132 GLY A O   1 
ATOM   995  N  N   . ALA A 1 133 ? -8.933  -6.172  -15.960 1.00 24.30 ? 133 ALA A N   1 
ATOM   996  C  CA  . ALA A 1 133 ? -10.270 -6.092  -15.382 1.00 25.29 ? 133 ALA A CA  1 
ATOM   997  C  C   . ALA A 1 133 ? -10.275 -6.169  -13.859 1.00 26.51 ? 133 ALA A C   1 
ATOM   998  O  O   . ALA A 1 133 ? -10.995 -5.423  -13.197 1.00 27.43 ? 133 ALA A O   1 
ATOM   999  C  CB  . ALA A 1 133 ? -11.154 -7.191  -15.965 1.00 25.47 ? 133 ALA A CB  1 
ATOM   1000 N  N   . ASP A 1 134 ? -9.482  -7.076  -13.297 1.00 27.65 ? 134 ASP A N   1 
ATOM   1001 C  CA  . ASP A 1 134 ? -9.420  -7.203  -11.844 1.00 29.00 ? 134 ASP A CA  1 
ATOM   1002 C  C   . ASP A 1 134 ? -8.035  -6.887  -11.309 1.00 29.10 ? 134 ASP A C   1 
ATOM   1003 O  O   . ASP A 1 134 ? -7.429  -7.696  -10.607 1.00 29.82 ? 134 ASP A O   1 
ATOM   1004 C  CB  . ASP A 1 134 ? -9.841  -8.608  -11.403 1.00 31.30 ? 134 ASP A CB  1 
ATOM   1005 C  CG  . ASP A 1 134 ? -11.347 -8.779  -11.369 1.00 32.97 ? 134 ASP A CG  1 
ATOM   1006 O  OD1 . ASP A 1 134 ? -11.984 -8.674  -12.441 1.00 34.61 ? 134 ASP A OD1 1 
ATOM   1007 O  OD2 . ASP A 1 134 ? -11.895 -9.012  -10.269 1.00 34.44 ? 134 ASP A OD2 1 
ATOM   1008 N  N   . GLY A 1 135 ? -7.548  -5.696  -11.639 1.00 28.47 ? 135 GLY A N   1 
ATOM   1009 C  CA  . GLY A 1 135 ? -6.233  -5.284  -11.189 1.00 28.18 ? 135 GLY A CA  1 
ATOM   1010 C  C   . GLY A 1 135 ? -5.169  -5.712  -12.176 1.00 27.05 ? 135 GLY A C   1 
ATOM   1011 O  O   . GLY A 1 135 ? -4.959  -5.048  -13.192 1.00 29.85 ? 135 GLY A O   1 
ATOM   1012 N  N   . SER A 1 136 ? -4.517  -6.831  -11.883 1.00 26.73 ? 136 SER A N   1 
ATOM   1013 C  CA  . SER A 1 136 ? -3.456  -7.383  -12.720 1.00 23.40 ? 136 SER A CA  1 
ATOM   1014 C  C   . SER A 1 136 ? -2.734  -6.335  -13.560 1.00 22.28 ? 136 SER A C   1 
ATOM   1015 O  O   . SER A 1 136 ? -3.197  -5.946  -14.637 1.00 23.60 ? 136 SER A O   1 
ATOM   1016 C  CB  . SER A 1 136 ? -4.008  -8.475  -13.640 1.00 23.78 ? 136 SER A CB  1 
ATOM   1017 O  OG  . SER A 1 136 ? -4.916  -7.932  -14.586 1.00 27.85 ? 136 SER A OG  1 
ATOM   1018 N  N   . VAL A 1 137 ? -1.597  -5.879  -13.049 1.00 17.55 ? 137 VAL A N   1 
ATOM   1019 C  CA  . VAL A 1 137 ? -0.776  -4.894  -13.735 1.00 16.53 ? 137 VAL A CA  1 
ATOM   1020 C  C   . VAL A 1 137 ? 0.367   -5.621  -14.438 1.00 15.84 ? 137 VAL A C   1 
ATOM   1021 O  O   . VAL A 1 137 ? 1.020   -6.497  -13.856 1.00 13.61 ? 137 VAL A O   1 
ATOM   1022 C  CB  . VAL A 1 137 ? -0.195  -3.861  -12.738 1.00 15.69 ? 137 VAL A CB  1 
ATOM   1023 C  CG1 . VAL A 1 137 ? 0.767   -2.923  -13.447 1.00 16.04 ? 137 VAL A CG1 1 
ATOM   1024 C  CG2 . VAL A 1 137 ? -1.333  -3.078  -12.087 1.00 17.27 ? 137 VAL A CG2 1 
ATOM   1025 N  N   . THR A 1 138 ? 0.608   -5.273  -15.695 1.00 15.14 ? 138 THR A N   1 
ATOM   1026 C  CA  . THR A 1 138 ? 1.676   -5.913  -16.440 1.00 16.75 ? 138 THR A CA  1 
ATOM   1027 C  C   . THR A 1 138 ? 2.625   -4.888  -17.036 1.00 16.00 ? 138 THR A C   1 
ATOM   1028 O  O   . THR A 1 138 ? 2.198   -3.867  -17.584 1.00 15.52 ? 138 THR A O   1 
ATOM   1029 C  CB  . THR A 1 138 ? 1.115   -6.790  -17.576 1.00 19.58 ? 138 THR A CB  1 
ATOM   1030 O  OG1 . THR A 1 138 ? 0.259   -6.003  -18.407 1.00 22.00 ? 138 THR A OG1 1 
ATOM   1031 C  CG2 . THR A 1 138 ? 0.318   -7.951  -17.009 1.00 20.61 ? 138 THR A CG2 1 
ATOM   1032 N  N   . PHE A 1 139 ? 3.917   -5.152  -16.903 1.00 15.75 ? 139 PHE A N   1 
ATOM   1033 C  CA  . PHE A 1 139 ? 4.925   -4.265  -17.455 1.00 15.69 ? 139 PHE A CA  1 
ATOM   1034 C  C   . PHE A 1 139 ? 4.815   -4.278  -18.975 1.00 17.09 ? 139 PHE A C   1 
ATOM   1035 O  O   . PHE A 1 139 ? 4.550   -5.316  -19.580 1.00 17.30 ? 139 PHE A O   1 
ATOM   1036 C  CB  . PHE A 1 139 ? 6.330   -4.731  -17.074 1.00 15.58 ? 139 PHE A CB  1 
ATOM   1037 C  CG  . PHE A 1 139 ? 7.422   -3.961  -17.764 1.00 14.88 ? 139 PHE A CG  1 
ATOM   1038 C  CD1 . PHE A 1 139 ? 7.918   -2.789  -17.212 1.00 17.55 ? 139 PHE A CD1 1 
ATOM   1039 C  CD2 . PHE A 1 139 ? 7.917   -4.381  -19.000 1.00 16.22 ? 139 PHE A CD2 1 
ATOM   1040 C  CE1 . PHE A 1 139 ? 8.888   -2.041  -17.874 1.00 18.92 ? 139 PHE A CE1 1 
ATOM   1041 C  CE2 . PHE A 1 139 ? 8.889   -3.632  -19.670 1.00 16.02 ? 139 PHE A CE2 1 
ATOM   1042 C  CZ  . PHE A 1 139 ? 9.369   -2.463  -19.102 1.00 16.69 ? 139 PHE A CZ  1 
ATOM   1043 N  N   . ALA A 1 140 ? 5.027   -3.115  -19.578 1.00 17.77 ? 140 ALA A N   1 
ATOM   1044 C  CA  . ALA A 1 140 ? 4.999   -2.962  -21.029 1.00 20.32 ? 140 ALA A CA  1 
ATOM   1045 C  C   . ALA A 1 140 ? 6.028   -1.885  -21.356 1.00 21.16 ? 140 ALA A C   1 
ATOM   1046 O  O   . ALA A 1 140 ? 6.179   -0.923  -20.605 1.00 21.05 ? 140 ALA A O   1 
ATOM   1047 C  CB  . ALA A 1 140 ? 3.613   -2.536  -21.500 1.00 21.56 ? 140 ALA A CB  1 
ATOM   1048 N  N   . ALA A 1 141 ? 6.734   -2.050  -22.472 1.00 23.70 ? 141 ALA A N   1 
ATOM   1049 C  CA  . ALA A 1 141 ? 7.756   -1.091  -22.876 1.00 25.84 ? 141 ALA A CA  1 
ATOM   1050 C  C   . ALA A 1 141 ? 7.154   0.149   -23.525 1.00 25.98 ? 141 ALA A C   1 
ATOM   1051 O  O   . ALA A 1 141 ? 5.995   0.078   -23.985 1.00 26.54 ? 141 ALA A O   1 
ATOM   1052 C  CB  . ALA A 1 141 ? 8.739   -1.755  -23.834 1.00 26.32 ? 141 ALA A CB  1 
HETATM 1053 O  O   . HOH B 2 .   ? 8.409   2.043   3.105   1.00 12.70 ? 201 HOH A O   1 
HETATM 1054 O  O   . HOH B 2 .   ? -4.782  -2.602  8.248   1.00 13.03 ? 202 HOH A O   1 
HETATM 1055 O  O   . HOH B 2 .   ? -10.352 -8.017  0.895   1.00 12.47 ? 203 HOH A O   1 
HETATM 1056 O  O   . HOH B 2 .   ? -0.557  0.796   8.658   1.00 15.43 ? 204 HOH A O   1 
HETATM 1057 O  O   . HOH B 2 .   ? -0.476  1.325   -14.995 1.00 16.54 ? 205 HOH A O   1 
HETATM 1058 O  O   . HOH B 2 .   ? -0.644  1.341   13.092  1.00 16.03 ? 206 HOH A O   1 
HETATM 1059 O  O   . HOH B 2 .   ? -1.659  3.890   -14.135 1.00 18.34 ? 207 HOH A O   1 
HETATM 1060 O  O   . HOH B 2 .   ? 3.746   -14.618 16.010  1.00 21.46 ? 208 HOH A O   1 
HETATM 1061 O  O   . HOH B 2 .   ? 4.318   -12.257 4.130   1.00 19.19 ? 209 HOH A O   1 
HETATM 1062 O  O   . HOH B 2 .   ? 4.305   16.872  3.444   1.00 22.13 ? 210 HOH A O   1 
HETATM 1063 O  O   . HOH B 2 .   ? 8.547   -0.314  4.846   1.00 18.30 ? 211 HOH A O   1 
HETATM 1064 O  O   . HOH B 2 .   ? -14.695 -11.620 5.109   1.00 22.24 ? 212 HOH A O   1 
HETATM 1065 O  O   . HOH B 2 .   ? -10.010 -14.106 -0.372  1.00 20.50 ? 213 HOH A O   1 
HETATM 1066 O  O   . HOH B 2 .   ? -8.396  4.456   -10.982 1.00 20.89 ? 214 HOH A O   1 
HETATM 1067 O  O   . HOH B 2 .   ? -4.871  -0.123  -18.489 1.00 21.07 ? 215 HOH A O   1 
HETATM 1068 O  O   . HOH B 2 .   ? 3.705   2.638   -10.444 1.00 21.59 ? 216 HOH A O   1 
HETATM 1069 O  O   . HOH B 2 .   ? -6.056  -3.693  -19.449 1.00 21.85 ? 217 HOH A O   1 
HETATM 1070 O  O   . HOH B 2 .   ? -0.613  15.707  -5.010  1.00 21.25 ? 218 HOH A O   1 
HETATM 1071 O  O   . HOH B 2 .   ? -10.219 5.857   -1.781  1.00 22.47 ? 219 HOH A O   1 
HETATM 1072 O  O   . HOH B 2 .   ? 3.570   -15.099 -12.291 1.00 20.35 ? 220 HOH A O   1 
HETATM 1073 O  O   . HOH B 2 .   ? 10.657  3.633   4.524   1.00 28.41 ? 221 HOH A O   1 
HETATM 1074 O  O   . HOH B 2 .   ? -3.111  15.125  -3.201  1.00 32.06 ? 222 HOH A O   1 
HETATM 1075 O  O   . HOH B 2 .   ? -10.167 9.617   3.535   1.00 22.76 ? 223 HOH A O   1 
HETATM 1076 O  O   . HOH B 2 .   ? -4.365  14.092  -10.163 1.00 22.43 ? 224 HOH A O   1 
HETATM 1077 O  O   . HOH B 2 .   ? -1.894  0.454   -21.104 1.00 24.77 ? 225 HOH A O   1 
HETATM 1078 O  O   . HOH B 2 .   ? 5.131   5.578   -11.318 1.00 23.74 ? 226 HOH A O   1 
HETATM 1079 O  O   . HOH B 2 .   ? -9.515  -1.760  6.988   1.00 22.92 ? 227 HOH A O   1 
HETATM 1080 O  O   . HOH B 2 .   ? 3.596   7.960   8.608   1.00 21.80 ? 228 HOH A O   1 
HETATM 1081 O  O   . HOH B 2 .   ? -5.637  -13.472 -5.921  1.00 20.07 ? 229 HOH A O   1 
HETATM 1082 O  O   . HOH B 2 .   ? 0.313   14.525  5.699   1.00 20.10 ? 230 HOH A O   1 
HETATM 1083 O  O   . HOH B 2 .   ? -5.007  6.146   10.297  1.00 24.28 ? 231 HOH A O   1 
HETATM 1084 O  O   . HOH B 2 .   ? 6.623   2.272   -9.404  1.00 35.52 ? 232 HOH A O   1 
HETATM 1085 O  O   . HOH B 2 .   ? 6.206   17.293  -5.729  1.00 25.95 ? 233 HOH A O   1 
HETATM 1086 O  O   . HOH B 2 .   ? -6.117  15.522  2.730   1.00 27.13 ? 234 HOH A O   1 
HETATM 1087 O  O   . HOH B 2 .   ? -9.888  -8.148  -4.113  1.00 25.45 ? 235 HOH A O   1 
HETATM 1088 O  O   . HOH B 2 .   ? 7.715   2.823   -13.681 1.00 28.25 ? 236 HOH A O   1 
HETATM 1089 O  O   . HOH B 2 .   ? -14.179 -8.592  2.170   1.00 23.93 ? 237 HOH A O   1 
HETATM 1090 O  O   . HOH B 2 .   ? -7.085  -9.205  -13.467 1.00 37.10 ? 238 HOH A O   1 
HETATM 1091 O  O   . HOH B 2 .   ? 7.666   1.037   -19.279 1.00 25.16 ? 239 HOH A O   1 
HETATM 1092 O  O   . HOH B 2 .   ? 2.490   12.238  10.477  1.00 36.34 ? 240 HOH A O   1 
HETATM 1093 O  O   . HOH B 2 .   ? 8.127   6.118   -9.599  1.00 23.58 ? 241 HOH A O   1 
HETATM 1094 O  O   . HOH B 2 .   ? -6.014  -9.638  -16.438 1.00 35.82 ? 242 HOH A O   1 
HETATM 1095 O  O   . HOH B 2 .   ? -4.502  17.762  -3.984  1.00 29.33 ? 243 HOH A O   1 
HETATM 1096 O  O   . HOH B 2 .   ? 4.061   1.590   -13.226 1.00 25.18 ? 244 HOH A O   1 
HETATM 1097 O  O   . HOH B 2 .   ? 9.331   14.747  -1.477  1.00 28.55 ? 245 HOH A O   1 
HETATM 1098 O  O   . HOH B 2 .   ? 10.809  -17.892 -14.349 1.00 29.18 ? 246 HOH A O   1 
HETATM 1099 O  O   . HOH B 2 .   ? 6.467   -17.882 -13.474 1.00 23.87 ? 247 HOH A O   1 
HETATM 1100 O  O   . HOH B 2 .   ? -9.217  5.600   -7.007  1.00 30.32 ? 248 HOH A O   1 
HETATM 1101 O  O   . HOH B 2 .   ? 1.651   -0.218  -23.525 1.00 32.39 ? 249 HOH A O   1 
HETATM 1102 O  O   . HOH B 2 .   ? -2.445  -6.373  -17.364 1.00 24.86 ? 250 HOH A O   1 
HETATM 1103 O  O   . HOH B 2 .   ? -6.356  -1.101  17.527  1.00 27.71 ? 251 HOH A O   1 
HETATM 1104 O  O   . HOH B 2 .   ? 8.426   -9.949  19.446  1.00 26.82 ? 252 HOH A O   1 
HETATM 1105 O  O   . HOH B 2 .   ? 3.827   7.471   -13.347 1.00 30.23 ? 253 HOH A O   1 
HETATM 1106 O  O   . HOH B 2 .   ? 10.141  -14.839 -16.830 1.00 34.04 ? 254 HOH A O   1 
HETATM 1107 O  O   . HOH B 2 .   ? -10.585 1.816   11.871  1.00 24.68 ? 255 HOH A O   1 
HETATM 1108 O  O   . HOH B 2 .   ? 8.755   3.604   -6.140  1.00 27.56 ? 256 HOH A O   1 
HETATM 1109 O  O   . HOH B 2 .   ? 12.604  16.012  -5.377  1.00 35.73 ? 257 HOH A O   1 
HETATM 1110 O  O   . HOH B 2 .   ? 7.084   2.395   12.254  1.00 26.17 ? 258 HOH A O   1 
HETATM 1111 O  O   . HOH B 2 .   ? 3.279   -5.987  -21.989 1.00 30.19 ? 259 HOH A O   1 
HETATM 1112 O  O   . HOH B 2 .   ? 5.466   -0.782  12.235  1.00 25.74 ? 260 HOH A O   1 
HETATM 1113 O  O   . HOH B 2 .   ? 1.105   9.623   9.501   1.00 26.24 ? 261 HOH A O   1 
HETATM 1114 O  O   . HOH B 2 .   ? -10.360 9.432   8.118   1.00 38.26 ? 262 HOH A O   1 
HETATM 1115 O  O   . HOH B 2 .   ? -5.495  -4.837  18.342  1.00 30.94 ? 263 HOH A O   1 
HETATM 1116 O  O   . HOH B 2 .   ? -1.101  -11.343 19.888  1.00 35.17 ? 264 HOH A O   1 
HETATM 1117 O  O   . HOH B 2 .   ? 5.404   -0.589  15.414  1.00 31.06 ? 265 HOH A O   1 
HETATM 1118 O  O   . HOH B 2 .   ? 4.913   -17.581 15.535  1.00 34.34 ? 266 HOH A O   1 
HETATM 1119 O  O   . HOH B 2 .   ? -6.708  9.332   -18.649 1.00 38.49 ? 267 HOH A O   1 
HETATM 1120 O  O   . HOH B 2 .   ? -11.815 1.031   8.815   1.00 36.69 ? 268 HOH A O   1 
HETATM 1121 O  O   . HOH B 2 .   ? -7.539  16.045  -9.919  1.00 31.98 ? 269 HOH A O   1 
HETATM 1122 O  O   . HOH B 2 .   ? 6.594   3.795   -18.158 1.00 29.34 ? 270 HOH A O   1 
HETATM 1123 O  O   . HOH B 2 .   ? -2.561  1.813   -18.133 1.00 27.99 ? 271 HOH A O   1 
HETATM 1124 O  O   . HOH B 2 .   ? 1.492   -12.787 7.327   1.00 28.97 ? 272 HOH A O   1 
HETATM 1125 O  O   . HOH B 2 .   ? 13.607  -5.423  17.888  1.00 29.86 ? 273 HOH A O   1 
HETATM 1126 O  O   . HOH B 2 .   ? -7.088  12.470  -16.558 1.00 31.50 ? 274 HOH A O   1 
HETATM 1127 O  O   . HOH B 2 .   ? 0.683   -15.070 16.883  1.00 39.74 ? 275 HOH A O   1 
HETATM 1128 O  O   . HOH B 2 .   ? -9.050  3.037   -4.472  1.00 28.75 ? 276 HOH A O   1 
HETATM 1129 O  O   . HOH B 2 .   ? -11.487 -0.739  13.503  1.00 32.76 ? 277 HOH A O   1 
HETATM 1130 O  O   . HOH B 2 .   ? -3.402  -2.635  18.002  1.00 31.01 ? 278 HOH A O   1 
HETATM 1131 O  O   . HOH B 2 .   ? -11.846 10.499  -7.221  1.00 31.65 ? 279 HOH A O   1 
HETATM 1132 O  O   . HOH B 2 .   ? 4.527   2.153   13.948  1.00 33.52 ? 280 HOH A O   1 
HETATM 1133 O  O   . HOH B 2 .   ? -1.830  -12.793 3.937   1.00 48.04 ? 281 HOH A O   1 
HETATM 1134 O  O   . HOH B 2 .   ? 4.856   17.849  -12.873 1.00 34.19 ? 282 HOH A O   1 
HETATM 1135 O  O   . HOH B 2 .   ? -14.180 -5.815  -14.281 1.00 36.86 ? 283 HOH A O   1 
HETATM 1136 O  O   . HOH B 2 .   ? -5.916  3.891   17.248  1.00 37.04 ? 284 HOH A O   1 
HETATM 1137 O  O   . HOH B 2 .   ? -1.506  8.559   11.329  1.00 29.79 ? 285 HOH A O   1 
HETATM 1138 O  O   . HOH B 2 .   ? 15.998  -8.955  10.887  1.00 30.82 ? 286 HOH A O   1 
HETATM 1139 O  O   . HOH B 2 .   ? 6.980   -22.920 -7.895  1.00 31.02 ? 287 HOH A O   1 
HETATM 1140 O  O   . HOH B 2 .   ? 2.200   -2.870  18.875  1.00 31.51 ? 288 HOH A O   1 
HETATM 1141 O  O   . HOH B 2 .   ? -2.462  12.744  8.313   1.00 32.41 ? 289 HOH A O   1 
HETATM 1142 O  O   . HOH B 2 .   ? -8.230  -3.811  16.983  1.00 37.98 ? 290 HOH A O   1 
HETATM 1143 O  O   . HOH B 2 .   ? 14.743  -0.652  15.113  1.00 36.00 ? 291 HOH A O   1 
HETATM 1144 O  O   . HOH B 2 .   ? 15.160  -5.437  11.342  1.00 35.02 ? 292 HOH A O   1 
HETATM 1145 O  O   . HOH B 2 .   ? 10.668  14.319  -13.965 1.00 36.19 ? 293 HOH A O   1 
HETATM 1146 O  O   . HOH B 2 .   ? -3.709  -7.972  20.076  1.00 31.83 ? 294 HOH A O   1 
HETATM 1147 O  O   . HOH B 2 .   ? 7.963   7.078   5.760   1.00 37.23 ? 295 HOH A O   1 
HETATM 1148 O  O   . HOH B 2 .   ? 1.467   15.043  -15.790 1.00 34.17 ? 296 HOH A O   1 
HETATM 1149 O  O   . HOH B 2 .   ? -4.033  18.524  -0.902  1.00 36.44 ? 297 HOH A O   1 
HETATM 1150 O  O   . HOH B 2 .   ? -0.311  -4.918  -10.028 1.00 45.58 ? 298 HOH A O   1 
HETATM 1151 O  O   . HOH B 2 .   ? -0.380  -4.061  20.879  1.00 36.51 ? 299 HOH A O   1 
HETATM 1152 O  O   . HOH B 2 .   ? 1.565   8.012   12.374  1.00 35.45 ? 300 HOH A O   1 
HETATM 1153 O  O   . HOH B 2 .   ? -8.990  8.878   -7.087  1.00 36.98 ? 301 HOH A O   1 
HETATM 1154 O  O   . HOH B 2 .   ? -13.655 -0.275  3.811   1.00 38.37 ? 302 HOH A O   1 
HETATM 1155 O  O   . HOH B 2 .   ? -10.116 -0.306  18.347  1.00 39.69 ? 303 HOH A O   1 
HETATM 1156 O  O   . HOH B 2 .   ? -4.998  -1.751  -21.747 1.00 36.94 ? 304 HOH A O   1 
HETATM 1157 O  O   . HOH B 2 .   ? -0.193  16.686  -2.192  1.00 27.75 ? 305 HOH A O   1 
HETATM 1158 O  O   . HOH B 2 .   ? -3.852  -4.441  -23.195 1.00 36.03 ? 306 HOH A O   1 
HETATM 1159 O  O   . HOH B 2 .   ? -3.306  16.113  1.099   1.00 37.62 ? 307 HOH A O   1 
HETATM 1160 O  O   . HOH B 2 .   ? -12.563 -9.739  -0.646  1.00 54.20 ? 308 HOH A O   1 
HETATM 1161 O  O   . HOH B 2 .   ? -8.819  8.881   -20.680 1.00 50.25 ? 309 HOH A O   1 
HETATM 1162 O  O   . HOH B 2 .   ? -8.521  -5.935  -19.493 1.00 48.32 ? 310 HOH A O   1 
HETATM 1163 O  O   . HOH B 2 .   ? 0.589   4.027   14.201  1.00 33.72 ? 311 HOH A O   1 
HETATM 1164 O  O   . HOH B 2 .   ? -12.239 13.674  -7.353  1.00 37.47 ? 312 HOH A O   1 
HETATM 1165 O  O   . HOH B 2 .   ? -11.485 12.158  2.220   1.00 33.49 ? 313 HOH A O   1 
HETATM 1166 O  O   . HOH B 2 .   ? 0.829   -3.366  -23.969 1.00 34.21 ? 314 HOH A O   1 
HETATM 1167 O  O   . HOH B 2 .   ? -5.949  -8.074  -19.488 1.00 37.98 ? 315 HOH A O   1 
HETATM 1168 O  O   . HOH B 2 .   ? -8.128  -16.129 14.901  1.00 32.82 ? 316 HOH A O   1 
HETATM 1169 O  O   . HOH B 2 .   ? -6.488  15.923  5.893   1.00 30.28 ? 317 HOH A O   1 
HETATM 1170 O  O   . HOH B 2 .   ? 9.619   3.640   -11.083 1.00 43.53 ? 318 HOH A O   1 
HETATM 1171 O  O   . HOH B 2 .   ? 6.426   7.214   10.455  1.00 50.31 ? 319 HOH A O   1 
HETATM 1172 O  O   . HOH B 2 .   ? -11.513 3.436   -10.957 1.00 51.34 ? 320 HOH A O   1 
HETATM 1173 O  O   . HOH B 2 .   ? 7.023   2.915   -25.480 1.00 41.21 ? 321 HOH A O   1 
HETATM 1174 O  O   . HOH B 2 .   ? 12.342  -12.288 17.413  1.00 36.60 ? 322 HOH A O   1 
HETATM 1175 O  O   . HOH B 2 .   ? -4.124  15.546  8.196   1.00 46.44 ? 323 HOH A O   1 
HETATM 1176 O  O   . HOH B 2 .   ? -0.995  17.964  -7.004  1.00 31.31 ? 324 HOH A O   1 
HETATM 1177 O  O   . HOH B 2 .   ? -4.911  15.306  -16.242 1.00 34.34 ? 325 HOH A O   1 
HETATM 1178 O  O   . HOH B 2 .   ? -7.473  17.701  -12.670 1.00 55.40 ? 326 HOH A O   1 
HETATM 1179 O  O   . HOH B 2 .   ? -9.792  0.758   -11.262 1.00 58.27 ? 327 HOH A O   1 
HETATM 1180 O  O   . HOH B 2 .   ? -12.036 5.411   -4.446  1.00 31.86 ? 328 HOH A O   1 
HETATM 1181 O  O   . HOH B 2 .   ? 9.467   16.431  -4.387  1.00 52.89 ? 329 HOH A O   1 
HETATM 1182 O  O   . HOH B 2 .   ? -13.892 4.739   2.344   1.00 40.95 ? 330 HOH A O   1 
HETATM 1183 O  O   . HOH B 2 .   ? -12.754 -3.899  9.616   1.00 28.40 ? 331 HOH A O   1 
HETATM 1184 O  O   . HOH B 2 .   ? -11.937 -10.745 -3.942  1.00 49.58 ? 332 HOH A O   1 
HETATM 1185 O  O   . HOH B 2 .   ? -3.573  10.773  12.546  1.00 40.14 ? 333 HOH A O   1 
HETATM 1186 O  O   . HOH B 2 .   ? -11.853 12.766  -2.688  1.00 35.13 ? 334 HOH A O   1 
HETATM 1187 O  O   . HOH B 2 .   ? 6.648   -4.533  -23.942 1.00 33.07 ? 335 HOH A O   1 
HETATM 1188 O  O   . HOH B 2 .   ? -3.629  11.995  -20.344 1.00 41.74 ? 336 HOH A O   1 
HETATM 1189 O  O   . HOH B 2 .   ? 0.819   12.935  -18.538 1.00 38.69 ? 337 HOH A O   1 
HETATM 1190 O  O   . HOH B 2 .   ? -7.436  16.863  -6.593  1.00 44.67 ? 338 HOH A O   1 
HETATM 1191 O  O   . HOH B 2 .   ? 9.642   -5.868  16.826  1.00 45.63 ? 339 HOH A O   1 
HETATM 1192 O  O   . HOH B 2 .   ? 0.406   14.456  8.933   1.00 49.59 ? 340 HOH A O   1 
HETATM 1193 O  O   . HOH B 2 .   ? 6.682   18.773  -15.509 1.00 52.59 ? 341 HOH A O   1 
HETATM 1194 O  O   . HOH B 2 .   ? -10.291 16.392  -8.224  1.00 42.85 ? 342 HOH A O   1 
HETATM 1195 O  O   . HOH B 2 .   ? -8.911  13.823  8.832   1.00 38.85 ? 343 HOH A O   1 
HETATM 1196 O  O   . HOH B 2 .   ? -6.605  -10.325 -9.717  1.00 52.88 ? 344 HOH A O   1 
HETATM 1197 O  O   . HOH B 2 .   ? 4.998   6.171   13.196  1.00 42.23 ? 345 HOH A O   1 
HETATM 1198 O  O   . HOH B 2 .   ? 16.275  -2.656  10.049  1.00 41.20 ? 346 HOH A O   1 
HETATM 1199 O  O   . HOH B 2 .   ? -4.487  10.962  -17.627 1.00 55.32 ? 347 HOH A O   1 
HETATM 1200 O  O   . HOH B 2 .   ? 1.398   2.396   17.075  1.00 41.60 ? 348 HOH A O   1 
HETATM 1201 O  O   . HOH B 2 .   ? 19.107  -4.127  9.615   1.00 34.25 ? 349 HOH A O   1 
HETATM 1202 O  O   . HOH B 2 .   ? 12.282  3.893   -13.204 1.00 35.74 ? 350 HOH A O   1 
HETATM 1203 O  O   . HOH B 2 .   ? 12.051  -1.732  16.600  1.00 47.47 ? 351 HOH A O   1 
HETATM 1204 O  O   . HOH B 2 .   ? 8.039   0.904   -27.787 1.00 42.21 ? 352 HOH A O   1 
HETATM 1205 O  O   . HOH B 2 .   ? -2.026  -1.875  -23.623 1.00 54.32 ? 353 HOH A O   1 
HETATM 1206 O  O   . HOH B 2 .   ? 3.299   -20.152 -8.345  1.00 46.51 ? 354 HOH A O   1 
HETATM 1207 O  O   . HOH B 2 .   ? 0.487   20.892  -8.339  1.00 39.99 ? 355 HOH A O   1 
HETATM 1208 O  O   . HOH B 2 .   ? 4.076   6.656   -18.150 1.00 38.64 ? 356 HOH A O   1 
HETATM 1209 O  O   . HOH B 2 .   ? -10.231 -13.346 -4.966  1.00 44.73 ? 357 HOH A O   1 
HETATM 1210 O  O   . HOH B 2 .   ? 3.148   -9.276  -21.490 1.00 48.42 ? 358 HOH A O   1 
# 
